data_2K7L
#
_entry.id   2K7L
#
loop_
_entity.id
_entity.type
_entity.pdbx_description
1 polymer 'centFCP1-T584PO4 peptide'
2 polymer 'General transcription factor IIF subunit 1'
#
loop_
_entity_poly.entity_id
_entity_poly.type
_entity_poly.pdbx_seq_one_letter_code
_entity_poly.pdbx_strand_id
1 'polypeptide(L)' ED(TPO)DEDDHLIYLEEILVRV B
2 'polypeptide(L)' DVQVTEDAVRRYLTRKPMTTKDLLKKFQTKKTGLSSEQTVNVLAQILKRLNPERKMINDKMHFSLKE A
#
# COMPACT_ATOMS: atom_id res chain seq x y z
N GLU A 1 2.13 -15.07 19.44
CA GLU A 1 2.92 -13.95 19.98
C GLU A 1 2.31 -12.60 19.62
N ASP A 2 2.90 -11.52 20.12
CA ASP A 2 2.42 -10.18 19.83
C ASP A 2 2.47 -9.88 18.35
N ASP A 4 2.66 -7.99 15.80
CA ASP A 4 2.91 -6.58 15.51
C ASP A 4 2.99 -6.35 14.00
N GLU A 5 2.01 -6.87 13.28
CA GLU A 5 1.95 -6.72 11.83
C GLU A 5 1.27 -5.41 11.45
N ASP A 6 0.26 -5.04 12.22
CA ASP A 6 -0.50 -3.82 11.97
C ASP A 6 0.19 -2.60 12.59
N ASP A 7 1.03 -2.85 13.59
CA ASP A 7 1.73 -1.77 14.28
C ASP A 7 2.45 -0.86 13.29
N HIS A 8 3.28 -1.45 12.45
CA HIS A 8 4.03 -0.70 11.46
C HIS A 8 3.15 -0.36 10.25
N LEU A 9 2.08 -1.13 10.07
CA LEU A 9 1.18 -0.91 8.96
C LEU A 9 0.63 0.51 8.96
N ILE A 10 0.45 1.06 10.16
CA ILE A 10 -0.06 2.40 10.30
C ILE A 10 1.08 3.42 10.21
N TYR A 11 2.27 3.02 10.64
CA TYR A 11 3.45 3.88 10.62
C TYR A 11 3.86 4.24 9.19
N LEU A 12 3.86 3.24 8.32
CA LEU A 12 4.23 3.46 6.93
C LEU A 12 3.09 4.15 6.20
N GLU A 13 1.91 4.10 6.79
CA GLU A 13 0.75 4.73 6.18
C GLU A 13 0.93 6.24 6.09
N GLU A 14 1.67 6.80 7.04
CA GLU A 14 1.91 8.24 7.08
C GLU A 14 3.05 8.67 6.17
N ILE A 15 4.14 7.94 6.16
CA ILE A 15 5.29 8.27 5.32
C ILE A 15 4.86 8.48 3.88
N LEU A 16 3.77 7.84 3.50
CA LEU A 16 3.24 7.96 2.14
C LEU A 16 2.64 9.31 1.90
N VAL A 17 1.39 9.45 2.33
CA VAL A 17 0.65 10.66 2.13
C VAL A 17 -0.21 10.97 3.35
N ARG A 18 0.29 10.55 4.50
CA ARG A 18 -0.43 10.77 5.75
C ARG A 18 0.52 11.14 6.88
N VAL A 19 1.50 11.98 6.57
CA VAL A 19 2.48 12.41 7.55
C VAL A 19 1.81 13.10 8.73
N ASP B 1 4.77 -15.49 -8.91
CA ASP B 1 5.58 -14.79 -7.88
C ASP B 1 5.62 -13.30 -8.13
N VAL B 2 4.48 -12.64 -7.96
CA VAL B 2 4.38 -11.20 -8.16
C VAL B 2 5.30 -10.44 -7.20
N GLN B 3 5.88 -9.34 -7.68
CA GLN B 3 6.77 -8.53 -6.86
C GLN B 3 6.24 -7.11 -6.69
N VAL B 4 6.34 -6.60 -5.47
CA VAL B 4 5.87 -5.25 -5.17
C VAL B 4 6.76 -4.21 -5.82
N THR B 5 6.22 -3.52 -6.83
CA THR B 5 6.99 -2.52 -7.53
C THR B 5 6.23 -1.23 -7.69
N GLU B 6 6.96 -0.19 -8.05
CA GLU B 6 6.40 1.13 -8.26
C GLU B 6 5.36 1.08 -9.37
N ASP B 7 5.78 0.55 -10.51
CA ASP B 7 4.90 0.45 -11.68
C ASP B 7 3.66 -0.39 -11.41
N ALA B 8 3.78 -1.34 -10.49
CA ALA B 8 2.67 -2.23 -10.15
C ALA B 8 1.60 -1.50 -9.37
N VAL B 9 2.01 -0.59 -8.48
CA VAL B 9 1.05 0.15 -7.68
C VAL B 9 0.31 1.19 -8.52
N ARG B 10 0.97 1.73 -9.51
CA ARG B 10 0.36 2.73 -10.39
C ARG B 10 -0.88 2.16 -11.06
N ARG B 11 -0.80 0.89 -11.46
CA ARG B 11 -1.92 0.22 -12.10
C ARG B 11 -3.07 0.04 -11.13
N TYR B 12 -2.74 -0.08 -9.84
CA TYR B 12 -3.76 -0.24 -8.81
C TYR B 12 -4.55 1.05 -8.64
N LEU B 13 -3.84 2.17 -8.71
CA LEU B 13 -4.44 3.48 -8.57
C LEU B 13 -5.32 3.83 -9.76
N THR B 14 -4.70 3.95 -10.92
CA THR B 14 -5.42 4.28 -12.15
C THR B 14 -6.67 3.43 -12.30
N ARG B 15 -6.64 2.26 -11.70
CA ARG B 15 -7.78 1.34 -11.76
C ARG B 15 -8.76 1.62 -10.63
N LYS B 16 -8.24 1.76 -9.40
CA LYS B 16 -9.09 2.01 -8.24
C LYS B 16 -8.24 2.38 -7.02
N PRO B 17 -8.61 3.44 -6.28
CA PRO B 17 -7.88 3.87 -5.10
C PRO B 17 -7.69 2.76 -4.08
N MET B 18 -6.66 2.90 -3.25
CA MET B 18 -6.35 1.90 -2.23
C MET B 18 -5.69 2.51 -1.01
N THR B 19 -5.69 1.75 0.08
CA THR B 19 -5.05 2.18 1.31
C THR B 19 -3.77 1.35 1.47
N THR B 20 -2.82 1.83 2.26
CA THR B 20 -1.58 1.09 2.44
C THR B 20 -1.85 -0.35 2.87
N LYS B 21 -2.73 -0.49 3.84
CA LYS B 21 -3.09 -1.81 4.35
C LYS B 21 -3.69 -2.65 3.21
N ASP B 22 -4.67 -2.09 2.53
CA ASP B 22 -5.33 -2.78 1.43
C ASP B 22 -4.36 -3.05 0.28
N LEU B 23 -3.39 -2.16 0.08
CA LEU B 23 -2.42 -2.32 -0.99
C LEU B 23 -1.44 -3.45 -0.69
N LEU B 24 -1.04 -3.56 0.56
CA LEU B 24 -0.11 -4.60 0.98
C LEU B 24 -0.83 -5.92 1.25
N LYS B 25 -1.97 -5.84 1.95
CA LYS B 25 -2.74 -7.03 2.29
C LYS B 25 -3.03 -7.88 1.05
N LYS B 26 -3.21 -7.22 -0.09
CA LYS B 26 -3.50 -7.91 -1.34
C LYS B 26 -2.28 -8.69 -1.83
N PHE B 27 -1.10 -8.11 -1.69
CA PHE B 27 0.14 -8.74 -2.11
C PHE B 27 0.40 -9.97 -1.26
N GLN B 28 0.67 -9.71 0.01
CA GLN B 28 0.94 -10.76 0.98
C GLN B 28 2.02 -11.73 0.48
N THR B 29 2.41 -12.67 1.34
CA THR B 29 3.43 -13.65 0.99
C THR B 29 2.87 -14.73 0.05
N LYS B 30 1.59 -14.61 -0.30
CA LYS B 30 0.93 -15.57 -1.18
C LYS B 30 1.79 -15.93 -2.38
N LYS B 31 2.48 -14.94 -2.94
CA LYS B 31 3.32 -15.17 -4.11
C LYS B 31 4.63 -14.41 -4.02
N THR B 32 4.55 -13.13 -3.68
CA THR B 32 5.74 -12.30 -3.57
C THR B 32 6.78 -12.93 -2.63
N GLY B 33 6.34 -13.91 -1.83
CA GLY B 33 7.24 -14.55 -0.90
C GLY B 33 7.78 -13.56 0.11
N LEU B 34 7.07 -12.45 0.25
CA LEU B 34 7.46 -11.40 1.18
C LEU B 34 6.58 -11.41 2.42
N SER B 35 7.23 -11.53 3.58
CA SER B 35 6.53 -11.56 4.86
C SER B 35 5.43 -10.51 4.92
N SER B 36 4.46 -10.72 5.80
CA SER B 36 3.36 -9.78 5.98
C SER B 36 3.89 -8.43 6.43
N GLU B 37 5.05 -8.45 7.08
CA GLU B 37 5.69 -7.25 7.57
C GLU B 37 6.61 -6.66 6.50
N GLN B 38 7.40 -7.52 5.89
CA GLN B 38 8.33 -7.10 4.86
C GLN B 38 7.57 -6.55 3.67
N THR B 39 6.48 -7.22 3.29
CA THR B 39 5.66 -6.78 2.18
C THR B 39 5.31 -5.30 2.36
N VAL B 40 5.27 -4.87 3.61
CA VAL B 40 4.97 -3.48 3.93
C VAL B 40 6.25 -2.65 3.87
N ASN B 41 7.32 -3.23 4.39
CA ASN B 41 8.62 -2.57 4.41
C ASN B 41 9.05 -2.23 2.98
N VAL B 42 8.53 -2.99 2.02
CA VAL B 42 8.85 -2.76 0.61
C VAL B 42 7.71 -2.03 -0.10
N LEU B 43 6.54 -1.98 0.53
CA LEU B 43 5.39 -1.31 -0.04
C LEU B 43 5.37 0.16 0.35
N ALA B 44 5.81 0.45 1.58
CA ALA B 44 5.86 1.82 2.08
C ALA B 44 6.68 2.72 1.17
N GLN B 45 7.81 2.19 0.70
CA GLN B 45 8.71 2.93 -0.16
C GLN B 45 8.07 3.27 -1.51
N ILE B 46 7.30 2.34 -2.05
CA ILE B 46 6.66 2.54 -3.34
C ILE B 46 5.40 3.40 -3.26
N LEU B 47 4.69 3.35 -2.14
CA LEU B 47 3.46 4.10 -1.97
C LEU B 47 3.64 5.58 -2.34
N LYS B 48 4.62 6.23 -1.74
CA LYS B 48 4.88 7.65 -1.99
C LYS B 48 5.19 7.94 -3.45
N ARG B 49 5.78 6.98 -4.14
CA ARG B 49 6.12 7.16 -5.55
C ARG B 49 4.87 7.42 -6.37
N LEU B 50 3.73 6.99 -5.83
CA LEU B 50 2.45 7.16 -6.51
C LEU B 50 2.11 8.63 -6.73
N ASN B 51 2.27 9.42 -5.69
CA ASN B 51 1.97 10.84 -5.77
C ASN B 51 0.53 11.06 -6.23
N PRO B 52 -0.43 10.47 -5.51
CA PRO B 52 -1.85 10.57 -5.81
C PRO B 52 -2.53 11.61 -4.95
N GLU B 53 -3.84 11.50 -4.84
CA GLU B 53 -4.62 12.41 -4.04
C GLU B 53 -5.34 11.64 -2.94
N ARG B 54 -5.39 12.22 -1.76
CA ARG B 54 -6.04 11.56 -0.64
C ARG B 54 -7.55 11.69 -0.70
N LYS B 55 -8.23 10.58 -0.47
CA LYS B 55 -9.69 10.53 -0.49
C LYS B 55 -10.18 9.36 0.35
N MET B 56 -11.43 9.40 0.77
CA MET B 56 -11.98 8.33 1.58
C MET B 56 -12.91 7.42 0.78
N ILE B 57 -12.47 6.20 0.53
CA ILE B 57 -13.27 5.23 -0.21
C ILE B 57 -14.12 4.42 0.75
N ASN B 58 -15.43 4.63 0.71
CA ASN B 58 -16.36 3.92 1.59
C ASN B 58 -16.02 4.17 3.04
N ASP B 59 -15.75 5.43 3.37
CA ASP B 59 -15.42 5.82 4.74
C ASP B 59 -14.02 5.34 5.13
N LYS B 60 -13.24 4.91 4.15
CA LYS B 60 -11.89 4.43 4.39
C LYS B 60 -10.86 5.33 3.71
N MET B 61 -9.82 5.70 4.45
CA MET B 61 -8.78 6.56 3.89
C MET B 61 -8.05 5.85 2.75
N HIS B 62 -8.30 6.32 1.53
CA HIS B 62 -7.68 5.75 0.34
C HIS B 62 -6.92 6.81 -0.44
N PHE B 63 -5.64 6.57 -0.69
CA PHE B 63 -4.82 7.50 -1.45
C PHE B 63 -4.57 6.96 -2.86
N SER B 64 -4.94 7.72 -3.89
CA SER B 64 -4.77 7.27 -5.26
C SER B 64 -5.26 8.30 -6.26
N LEU B 65 -4.94 8.07 -7.54
CA LEU B 65 -5.35 8.94 -8.61
C LEU B 65 -6.38 8.25 -9.49
N LYS B 66 -7.00 9.00 -10.38
CA LYS B 66 -7.98 8.43 -11.28
C LYS B 66 -7.88 9.05 -12.67
N GLU B 67 -7.32 8.29 -13.60
CA GLU B 67 -7.15 8.75 -14.96
C GLU B 67 -8.50 9.00 -15.62
N GLU A 1 0.92 -15.40 18.36
CA GLU A 1 0.73 -14.37 19.42
C GLU A 1 1.24 -13.01 18.97
N ASP A 2 2.56 -12.90 18.83
CA ASP A 2 3.16 -11.64 18.41
C ASP A 2 2.75 -11.29 16.98
N ASP A 4 2.38 -8.35 15.24
CA ASP A 4 2.61 -6.92 15.06
C ASP A 4 2.67 -6.58 13.58
N GLU A 5 1.67 -7.04 12.82
CA GLU A 5 1.59 -6.79 11.40
C GLU A 5 0.90 -5.46 11.12
N ASP A 6 -0.13 -5.19 11.92
CA ASP A 6 -0.91 -3.96 11.77
C ASP A 6 -0.25 -2.79 12.50
N ASP A 7 0.58 -3.11 13.48
CA ASP A 7 1.27 -2.08 14.27
C ASP A 7 2.02 -1.11 13.37
N HIS A 8 2.88 -1.65 12.53
CA HIS A 8 3.67 -0.84 11.61
C HIS A 8 2.86 -0.43 10.39
N LEU A 9 1.79 -1.19 10.11
CA LEU A 9 0.93 -0.91 8.97
C LEU A 9 0.49 0.55 8.94
N ILE A 10 0.28 1.11 10.12
CA ILE A 10 -0.13 2.50 10.22
C ILE A 10 1.08 3.43 10.22
N TYR A 11 2.21 2.94 10.73
CA TYR A 11 3.43 3.73 10.78
C TYR A 11 3.90 4.14 9.40
N LEU A 12 3.87 3.20 8.47
CA LEU A 12 4.29 3.49 7.10
C LEU A 12 3.18 4.22 6.35
N GLU A 13 1.97 4.14 6.86
CA GLU A 13 0.84 4.80 6.23
C GLU A 13 1.02 6.31 6.23
N GLU A 14 1.71 6.82 7.23
CA GLU A 14 1.94 8.25 7.36
C GLU A 14 3.12 8.73 6.52
N ILE A 15 4.19 7.97 6.53
CA ILE A 15 5.40 8.31 5.77
C ILE A 15 5.06 8.59 4.30
N LEU A 16 3.99 7.98 3.84
CA LEU A 16 3.55 8.13 2.47
C LEU A 16 2.90 9.47 2.21
N VAL A 17 1.65 9.54 2.59
CA VAL A 17 0.86 10.73 2.37
C VAL A 17 -0.04 11.01 3.56
N ARG A 18 0.44 10.60 4.73
CA ARG A 18 -0.32 10.80 5.95
C ARG A 18 0.61 11.15 7.12
N VAL A 19 1.61 11.96 6.85
CA VAL A 19 2.57 12.37 7.86
C VAL A 19 1.87 13.11 9.00
N ASP B 1 3.42 -15.55 -7.42
CA ASP B 1 4.76 -15.04 -7.02
C ASP B 1 4.99 -13.62 -7.54
N VAL B 2 3.95 -12.79 -7.44
CA VAL B 2 4.05 -11.40 -7.91
C VAL B 2 5.12 -10.64 -7.14
N GLN B 3 5.56 -9.53 -7.71
CA GLN B 3 6.59 -8.70 -7.07
C GLN B 3 6.08 -7.29 -6.82
N VAL B 4 6.32 -6.77 -5.62
CA VAL B 4 5.89 -5.44 -5.26
C VAL B 4 6.80 -4.38 -5.84
N THR B 5 6.28 -3.62 -6.78
CA THR B 5 7.07 -2.58 -7.43
C THR B 5 6.36 -1.26 -7.49
N GLU B 6 7.08 -0.25 -7.94
CA GLU B 6 6.57 1.08 -8.09
C GLU B 6 5.55 1.13 -9.21
N ASP B 7 5.97 0.64 -10.37
CA ASP B 7 5.14 0.63 -11.57
C ASP B 7 3.87 -0.21 -11.37
N ALA B 8 3.95 -1.21 -10.50
CA ALA B 8 2.81 -2.09 -10.23
C ALA B 8 1.67 -1.32 -9.59
N VAL B 9 1.95 -0.71 -8.44
CA VAL B 9 0.93 0.05 -7.73
C VAL B 9 0.25 1.07 -8.63
N ARG B 10 0.95 1.50 -9.68
CA ARG B 10 0.40 2.47 -10.61
C ARG B 10 -0.82 1.90 -11.32
N ARG B 11 -0.72 0.63 -11.70
CA ARG B 11 -1.81 -0.06 -12.39
C ARG B 11 -3.01 -0.19 -11.47
N TYR B 12 -2.77 -0.15 -10.17
CA TYR B 12 -3.84 -0.26 -9.19
C TYR B 12 -4.62 1.04 -9.09
N LEU B 13 -3.90 2.17 -9.05
CA LEU B 13 -4.53 3.48 -8.98
C LEU B 13 -5.33 3.79 -10.21
N THR B 14 -4.65 3.81 -11.37
CA THR B 14 -5.33 4.09 -12.63
C THR B 14 -6.56 3.22 -12.78
N ARG B 15 -6.54 2.07 -12.12
CA ARG B 15 -7.66 1.15 -12.16
C ARG B 15 -8.67 1.46 -11.06
N LYS B 16 -8.16 1.76 -9.87
CA LYS B 16 -9.00 2.08 -8.72
C LYS B 16 -8.14 2.56 -7.54
N PRO B 17 -8.73 3.24 -6.56
CA PRO B 17 -7.97 3.75 -5.41
C PRO B 17 -7.58 2.64 -4.43
N MET B 18 -6.76 2.99 -3.43
CA MET B 18 -6.29 2.02 -2.45
C MET B 18 -5.65 2.67 -1.23
N THR B 19 -5.61 1.89 -0.15
CA THR B 19 -4.99 2.32 1.10
C THR B 19 -3.76 1.46 1.34
N THR B 20 -2.80 1.96 2.12
CA THR B 20 -1.58 1.19 2.37
C THR B 20 -1.89 -0.22 2.84
N LYS B 21 -2.85 -0.34 3.73
CA LYS B 21 -3.25 -1.64 4.24
C LYS B 21 -3.76 -2.50 3.09
N ASP B 22 -4.76 -2.01 2.39
CA ASP B 22 -5.36 -2.72 1.27
C ASP B 22 -4.32 -3.06 0.20
N LEU B 23 -3.18 -2.36 0.20
CA LEU B 23 -2.14 -2.62 -0.80
C LEU B 23 -1.26 -3.81 -0.43
N LEU B 24 -0.96 -3.95 0.85
CA LEU B 24 -0.09 -5.04 1.30
C LEU B 24 -0.87 -6.34 1.53
N LYS B 25 -2.06 -6.24 2.13
CA LYS B 25 -2.87 -7.42 2.40
C LYS B 25 -2.98 -8.32 1.17
N LYS B 26 -2.86 -7.73 -0.01
CA LYS B 26 -2.94 -8.49 -1.25
C LYS B 26 -1.56 -9.04 -1.64
N PHE B 27 -0.52 -8.23 -1.45
CA PHE B 27 0.84 -8.64 -1.78
C PHE B 27 1.40 -9.62 -0.75
N GLN B 28 0.60 -9.95 0.27
CA GLN B 28 1.04 -10.87 1.32
C GLN B 28 1.71 -12.11 0.75
N THR B 29 2.26 -12.94 1.63
CA THR B 29 2.94 -14.16 1.22
C THR B 29 2.03 -15.05 0.37
N LYS B 30 0.72 -14.79 0.42
CA LYS B 30 -0.26 -15.56 -0.34
C LYS B 30 0.25 -15.90 -1.74
N LYS B 31 1.07 -15.02 -2.32
CA LYS B 31 1.60 -15.25 -3.65
C LYS B 31 3.06 -14.82 -3.75
N THR B 32 3.32 -13.53 -3.58
CA THR B 32 4.68 -13.01 -3.65
C THR B 32 5.58 -13.68 -2.61
N GLY B 33 4.99 -14.47 -1.70
CA GLY B 33 5.78 -15.11 -0.68
C GLY B 33 6.46 -14.08 0.19
N LEU B 34 5.91 -12.87 0.18
CA LEU B 34 6.44 -11.76 0.94
C LEU B 34 5.74 -11.63 2.29
N SER B 35 6.53 -11.62 3.36
CA SER B 35 6.01 -11.50 4.71
C SER B 35 5.01 -10.35 4.82
N SER B 36 3.98 -10.55 5.64
CA SER B 36 2.97 -9.53 5.84
C SER B 36 3.58 -8.24 6.38
N GLU B 37 4.78 -8.36 6.95
CA GLU B 37 5.48 -7.22 7.51
C GLU B 37 6.46 -6.63 6.51
N GLN B 38 7.19 -7.50 5.83
CA GLN B 38 8.16 -7.08 4.84
C GLN B 38 7.44 -6.48 3.63
N THR B 39 6.34 -7.11 3.23
CA THR B 39 5.56 -6.62 2.10
C THR B 39 5.25 -5.14 2.29
N VAL B 40 5.18 -4.73 3.56
CA VAL B 40 4.91 -3.34 3.90
C VAL B 40 6.19 -2.53 3.82
N ASN B 41 7.27 -3.11 4.33
CA ASN B 41 8.57 -2.45 4.32
C ASN B 41 9.00 -2.13 2.89
N VAL B 42 8.51 -2.94 1.94
CA VAL B 42 8.82 -2.77 0.54
C VAL B 42 7.66 -2.10 -0.20
N LEU B 43 6.54 -1.93 0.49
CA LEU B 43 5.35 -1.33 -0.09
C LEU B 43 5.32 0.17 0.20
N ALA B 44 5.59 0.53 1.44
CA ALA B 44 5.58 1.93 1.86
C ALA B 44 6.44 2.79 0.92
N GLN B 45 7.57 2.23 0.50
CA GLN B 45 8.48 2.94 -0.37
C GLN B 45 7.83 3.31 -1.71
N ILE B 46 7.03 2.41 -2.26
CA ILE B 46 6.38 2.64 -3.54
C ILE B 46 5.20 3.61 -3.42
N LEU B 47 4.33 3.35 -2.48
CA LEU B 47 3.12 4.15 -2.25
C LEU B 47 3.30 5.63 -2.59
N LYS B 48 4.43 6.20 -2.17
CA LYS B 48 4.69 7.62 -2.40
C LYS B 48 4.96 7.96 -3.86
N ARG B 49 5.66 7.07 -4.54
CA ARG B 49 5.99 7.29 -5.95
C ARG B 49 4.72 7.46 -6.77
N LEU B 50 3.62 6.97 -6.23
CA LEU B 50 2.32 7.04 -6.90
C LEU B 50 1.94 8.48 -7.21
N ASN B 51 2.07 9.34 -6.23
CA ASN B 51 1.73 10.74 -6.38
C ASN B 51 0.24 10.88 -6.73
N PRO B 52 -0.65 10.38 -5.85
CA PRO B 52 -2.08 10.41 -6.03
C PRO B 52 -2.72 11.51 -5.21
N GLU B 53 -4.03 11.41 -5.02
CA GLU B 53 -4.77 12.37 -4.24
C GLU B 53 -5.46 11.65 -3.09
N ARG B 54 -5.43 12.27 -1.91
CA ARG B 54 -6.04 11.64 -0.74
C ARG B 54 -7.55 11.81 -0.72
N LYS B 55 -8.23 10.70 -0.48
CA LYS B 55 -9.68 10.66 -0.41
C LYS B 55 -10.11 9.45 0.42
N MET B 56 -11.34 9.46 0.93
CA MET B 56 -11.81 8.36 1.74
C MET B 56 -12.72 7.40 0.96
N ILE B 57 -12.19 6.21 0.67
CA ILE B 57 -12.97 5.19 -0.03
C ILE B 57 -13.72 4.33 0.98
N ASN B 58 -15.04 4.47 1.00
CA ASN B 58 -15.88 3.71 1.92
C ASN B 58 -15.58 4.08 3.37
N ASP B 59 -15.43 5.38 3.63
CA ASP B 59 -15.14 5.86 4.98
C ASP B 59 -13.76 5.41 5.45
N LYS B 60 -12.90 5.06 4.50
CA LYS B 60 -11.54 4.61 4.82
C LYS B 60 -10.51 5.58 4.24
N MET B 61 -9.57 6.01 5.06
CA MET B 61 -8.55 6.94 4.59
C MET B 61 -7.72 6.26 3.49
N HIS B 62 -7.95 6.70 2.26
CA HIS B 62 -7.27 6.16 1.10
C HIS B 62 -6.57 7.25 0.30
N PHE B 63 -5.56 6.85 -0.45
CA PHE B 63 -4.83 7.77 -1.30
C PHE B 63 -4.66 7.15 -2.69
N SER B 64 -5.14 7.84 -3.73
CA SER B 64 -5.04 7.35 -5.09
C SER B 64 -5.63 8.34 -6.09
N LEU B 65 -5.37 8.08 -7.37
CA LEU B 65 -5.89 8.90 -8.44
C LEU B 65 -6.71 8.07 -9.42
N LYS B 66 -7.43 8.74 -10.30
CA LYS B 66 -8.24 8.04 -11.27
C LYS B 66 -8.13 8.70 -12.64
N GLU B 67 -7.41 8.04 -13.55
CA GLU B 67 -7.22 8.55 -14.88
C GLU B 67 -8.55 8.72 -15.60
N GLU A 1 2.94 -15.06 20.65
CA GLU A 1 3.10 -14.76 19.20
C GLU A 1 2.93 -13.27 18.93
N ASP A 2 4.01 -12.51 19.11
CA ASP A 2 3.98 -11.07 18.88
C ASP A 2 3.62 -10.76 17.43
N ASP A 4 3.19 -8.29 15.36
CA ASP A 4 3.41 -6.88 15.09
C ASP A 4 3.38 -6.62 13.57
N GLU A 5 2.35 -7.13 12.92
CA GLU A 5 2.19 -6.95 11.49
C GLU A 5 1.48 -5.63 11.18
N ASP A 6 0.47 -5.33 11.98
CA ASP A 6 -0.31 -4.12 11.81
C ASP A 6 0.35 -2.92 12.47
N ASP A 7 1.20 -3.19 13.46
CA ASP A 7 1.91 -2.14 14.19
C ASP A 7 2.60 -1.16 13.25
N HIS A 8 3.44 -1.70 12.39
CA HIS A 8 4.18 -0.90 11.43
C HIS A 8 3.31 -0.52 10.25
N LEU A 9 2.25 -1.28 10.02
CA LEU A 9 1.33 -1.03 8.93
C LEU A 9 0.72 0.36 9.04
N ILE A 10 0.58 0.86 10.26
CA ILE A 10 -0.01 2.16 10.49
C ILE A 10 1.01 3.30 10.38
N TYR A 11 2.27 3.05 10.77
CA TYR A 11 3.29 4.11 10.71
C TYR A 11 3.69 4.44 9.28
N LEU A 12 3.78 3.43 8.43
CA LEU A 12 4.16 3.67 7.05
C LEU A 12 3.04 4.38 6.31
N GLU A 13 1.84 4.32 6.87
CA GLU A 13 0.70 4.95 6.26
C GLU A 13 0.91 6.47 6.17
N GLU A 14 1.66 7.01 7.13
CA GLU A 14 1.92 8.46 7.18
C GLU A 14 3.07 8.86 6.26
N ILE A 15 4.14 8.10 6.26
CA ILE A 15 5.30 8.41 5.41
C ILE A 15 4.87 8.60 3.96
N LEU A 16 3.77 7.97 3.61
CA LEU A 16 3.22 8.04 2.27
C LEU A 16 2.59 9.39 1.99
N VAL A 17 1.36 9.51 2.43
CA VAL A 17 0.58 10.71 2.21
C VAL A 17 -0.25 11.05 3.43
N ARG A 18 0.26 10.67 4.59
CA ARG A 18 -0.44 10.93 5.84
C ARG A 18 0.53 11.34 6.94
N VAL A 19 1.52 12.15 6.58
CA VAL A 19 2.52 12.62 7.53
C VAL A 19 1.86 13.37 8.69
N ASP B 1 6.69 -14.85 -10.61
CA ASP B 1 5.79 -14.40 -9.53
C ASP B 1 5.77 -12.87 -9.43
N VAL B 2 4.62 -12.32 -9.05
CA VAL B 2 4.47 -10.88 -8.92
C VAL B 2 5.43 -10.32 -7.87
N GLN B 3 5.69 -9.03 -7.94
CA GLN B 3 6.59 -8.38 -6.99
C GLN B 3 6.17 -6.92 -6.75
N VAL B 4 6.14 -6.54 -5.48
CA VAL B 4 5.75 -5.18 -5.11
C VAL B 4 6.68 -4.17 -5.75
N THR B 5 6.16 -3.43 -6.71
CA THR B 5 6.95 -2.43 -7.40
C THR B 5 6.26 -1.10 -7.49
N GLU B 6 7.03 -0.11 -7.89
CA GLU B 6 6.54 1.24 -8.05
C GLU B 6 5.48 1.30 -9.14
N ASP B 7 5.84 0.79 -10.30
CA ASP B 7 4.96 0.77 -11.47
C ASP B 7 3.72 -0.09 -11.25
N ALA B 8 3.83 -1.10 -10.40
CA ALA B 8 2.72 -1.99 -10.12
C ALA B 8 1.59 -1.27 -9.40
N VAL B 9 1.90 -0.69 -8.25
CA VAL B 9 0.91 0.02 -7.47
C VAL B 9 0.15 1.03 -8.34
N ARG B 10 0.84 1.57 -9.33
CA ARG B 10 0.23 2.53 -10.26
C ARG B 10 -1.02 1.93 -10.89
N ARG B 11 -0.89 0.71 -11.38
CA ARG B 11 -1.99 0.01 -12.02
C ARG B 11 -3.17 -0.17 -11.05
N TYR B 12 -2.86 -0.21 -9.76
CA TYR B 12 -3.89 -0.35 -8.75
C TYR B 12 -4.68 0.94 -8.60
N LEU B 13 -3.95 2.05 -8.54
CA LEU B 13 -4.54 3.36 -8.39
C LEU B 13 -5.35 3.77 -9.61
N THR B 14 -4.70 3.81 -10.76
CA THR B 14 -5.37 4.18 -12.00
C THR B 14 -6.63 3.36 -12.21
N ARG B 15 -6.67 2.19 -11.59
CA ARG B 15 -7.81 1.31 -11.71
C ARG B 15 -8.80 1.52 -10.57
N LYS B 16 -8.28 1.65 -9.34
CA LYS B 16 -9.13 1.85 -8.18
C LYS B 16 -8.28 2.23 -6.95
N PRO B 17 -8.71 3.27 -6.20
CA PRO B 17 -7.97 3.72 -5.02
C PRO B 17 -7.85 2.65 -3.96
N MET B 18 -6.69 2.61 -3.30
CA MET B 18 -6.41 1.63 -2.26
C MET B 18 -5.93 2.30 -0.99
N THR B 19 -5.68 1.47 0.02
CA THR B 19 -5.16 1.91 1.30
C THR B 19 -3.82 1.21 1.51
N THR B 20 -2.92 1.79 2.29
CA THR B 20 -1.62 1.16 2.51
C THR B 20 -1.78 -0.29 2.94
N LYS B 21 -2.71 -0.50 3.85
CA LYS B 21 -2.99 -1.85 4.34
C LYS B 21 -3.58 -2.67 3.20
N ASP B 22 -4.65 -2.16 2.61
CA ASP B 22 -5.30 -2.84 1.51
C ASP B 22 -4.35 -3.07 0.33
N LEU B 23 -3.26 -2.29 0.26
CA LEU B 23 -2.31 -2.43 -0.84
C LEU B 23 -1.36 -3.60 -0.60
N LEU B 24 -0.92 -3.74 0.64
CA LEU B 24 0.02 -4.80 1.01
C LEU B 24 -0.69 -6.12 1.29
N LYS B 25 -1.74 -6.09 2.10
CA LYS B 25 -2.46 -7.30 2.45
C LYS B 25 -2.81 -8.13 1.21
N LYS B 26 -2.94 -7.46 0.07
CA LYS B 26 -3.26 -8.13 -1.18
C LYS B 26 -2.03 -8.82 -1.77
N PHE B 27 -0.87 -8.19 -1.62
CA PHE B 27 0.37 -8.73 -2.13
C PHE B 27 0.76 -10.00 -1.39
N GLN B 28 0.81 -9.88 -0.07
CA GLN B 28 1.18 -11.00 0.79
C GLN B 28 0.26 -12.20 0.55
N THR B 29 0.86 -13.37 0.36
CA THR B 29 0.10 -14.60 0.13
C THR B 29 -0.49 -14.65 -1.28
N LYS B 30 -0.19 -13.65 -2.10
CA LYS B 30 -0.70 -13.59 -3.46
C LYS B 30 0.17 -14.43 -4.39
N LYS B 31 1.46 -14.12 -4.40
CA LYS B 31 2.40 -14.84 -5.26
C LYS B 31 3.82 -14.35 -5.05
N THR B 32 3.96 -13.06 -4.78
CA THR B 32 5.28 -12.45 -4.55
C THR B 32 6.01 -13.19 -3.42
N GLY B 33 5.26 -13.92 -2.60
CA GLY B 33 5.87 -14.64 -1.49
C GLY B 33 6.40 -13.69 -0.44
N LEU B 34 5.92 -12.46 -0.46
CA LEU B 34 6.35 -11.47 0.50
C LEU B 34 5.40 -11.39 1.69
N SER B 35 5.95 -11.51 2.88
CA SER B 35 5.17 -11.46 4.12
C SER B 35 4.28 -10.22 4.16
N SER B 36 3.19 -10.32 4.92
CA SER B 36 2.27 -9.20 5.07
C SER B 36 2.98 -8.02 5.72
N GLU B 37 4.05 -8.33 6.45
CA GLU B 37 4.85 -7.32 7.12
C GLU B 37 5.92 -6.77 6.20
N GLN B 38 6.69 -7.69 5.63
CA GLN B 38 7.76 -7.32 4.70
C GLN B 38 7.18 -6.59 3.49
N THR B 39 6.06 -7.09 2.98
CA THR B 39 5.42 -6.47 1.82
C THR B 39 5.28 -4.98 2.06
N VAL B 40 4.94 -4.63 3.30
CA VAL B 40 4.80 -3.23 3.70
C VAL B 40 6.14 -2.51 3.65
N ASN B 41 7.14 -3.12 4.26
CA ASN B 41 8.49 -2.57 4.29
C ASN B 41 8.95 -2.20 2.89
N VAL B 42 8.43 -2.91 1.89
CA VAL B 42 8.77 -2.65 0.51
C VAL B 42 7.67 -1.86 -0.20
N LEU B 43 6.51 -1.79 0.42
CA LEU B 43 5.38 -1.07 -0.15
C LEU B 43 5.40 0.39 0.28
N ALA B 44 5.72 0.63 1.55
CA ALA B 44 5.78 1.99 2.09
C ALA B 44 6.62 2.89 1.19
N GLN B 45 7.74 2.34 0.73
CA GLN B 45 8.66 3.07 -0.13
C GLN B 45 8.02 3.40 -1.48
N ILE B 46 7.26 2.44 -2.02
CA ILE B 46 6.60 2.61 -3.30
C ILE B 46 5.36 3.51 -3.19
N LEU B 47 4.61 3.35 -2.11
CA LEU B 47 3.40 4.13 -1.89
C LEU B 47 3.58 5.61 -2.25
N LYS B 48 4.52 6.28 -1.58
CA LYS B 48 4.77 7.69 -1.83
C LYS B 48 5.18 7.94 -3.26
N ARG B 49 5.80 6.95 -3.87
CA ARG B 49 6.25 7.05 -5.26
C ARG B 49 5.06 7.31 -6.18
N LEU B 50 3.88 6.86 -5.75
CA LEU B 50 2.67 7.03 -6.52
C LEU B 50 2.34 8.50 -6.75
N ASN B 51 2.41 9.28 -5.69
CA ASN B 51 2.11 10.70 -5.76
C ASN B 51 0.69 10.90 -6.31
N PRO B 52 -0.31 10.33 -5.62
CA PRO B 52 -1.70 10.41 -5.99
C PRO B 52 -2.44 11.45 -5.16
N GLU B 53 -3.76 11.31 -5.11
CA GLU B 53 -4.57 12.22 -4.34
C GLU B 53 -5.31 11.44 -3.26
N ARG B 54 -5.43 12.06 -2.09
CA ARG B 54 -6.10 11.39 -0.97
C ARG B 54 -7.61 11.49 -1.11
N LYS B 55 -8.27 10.37 -0.86
CA LYS B 55 -9.72 10.27 -0.94
C LYS B 55 -10.21 9.13 -0.05
N MET B 56 -11.26 9.39 0.72
CA MET B 56 -11.80 8.37 1.61
C MET B 56 -12.74 7.41 0.87
N ILE B 57 -12.30 6.17 0.70
CA ILE B 57 -13.10 5.16 0.05
C ILE B 57 -13.94 4.41 1.07
N ASN B 58 -15.25 4.61 1.03
CA ASN B 58 -16.15 3.96 1.96
C ASN B 58 -15.81 4.36 3.39
N ASP B 59 -15.46 5.63 3.57
CA ASP B 59 -15.10 6.17 4.89
C ASP B 59 -13.67 5.79 5.28
N LYS B 60 -12.92 5.26 4.33
CA LYS B 60 -11.53 4.86 4.58
C LYS B 60 -10.56 5.68 3.77
N MET B 61 -9.59 6.30 4.44
CA MET B 61 -8.59 7.12 3.77
C MET B 61 -7.84 6.30 2.71
N HIS B 62 -8.11 6.60 1.45
CA HIS B 62 -7.48 5.91 0.33
C HIS B 62 -6.71 6.91 -0.54
N PHE B 63 -5.53 6.50 -0.97
CA PHE B 63 -4.68 7.32 -1.82
C PHE B 63 -4.68 6.79 -3.25
N SER B 64 -5.03 7.63 -4.22
CA SER B 64 -5.07 7.19 -5.60
C SER B 64 -5.27 8.33 -6.59
N LEU B 65 -5.09 8.01 -7.86
CA LEU B 65 -5.27 8.97 -8.94
C LEU B 65 -6.19 8.36 -9.99
N LYS B 66 -6.64 9.16 -10.94
CA LYS B 66 -7.53 8.67 -11.96
C LYS B 66 -7.03 9.06 -13.35
N GLU B 67 -6.49 8.08 -14.08
CA GLU B 67 -5.98 8.31 -15.41
C GLU B 67 -7.09 8.75 -16.36
N GLU A 1 -0.52 -15.48 19.63
CA GLU A 1 0.89 -15.03 19.67
C GLU A 1 0.99 -13.52 19.47
N ASP A 2 2.00 -12.91 20.09
CA ASP A 2 2.21 -11.47 19.99
C ASP A 2 2.42 -11.05 18.53
N ASP A 4 2.36 -8.18 16.76
CA ASP A 4 2.39 -6.73 16.68
C ASP A 4 2.99 -6.27 15.36
N GLU A 5 2.49 -6.82 14.26
CA GLU A 5 2.95 -6.47 12.93
C GLU A 5 2.21 -5.25 12.42
N ASP A 6 0.89 -5.28 12.52
CA ASP A 6 0.05 -4.18 12.06
C ASP A 6 0.49 -2.85 12.67
N ASP A 7 1.18 -2.92 13.79
CA ASP A 7 1.66 -1.72 14.47
C ASP A 7 2.40 -0.80 13.51
N HIS A 8 3.27 -1.39 12.69
CA HIS A 8 4.05 -0.65 11.73
C HIS A 8 3.24 -0.33 10.48
N LEU A 9 2.19 -1.11 10.24
CA LEU A 9 1.34 -0.91 9.07
C LEU A 9 0.79 0.51 9.03
N ILE A 10 0.58 1.08 10.20
CA ILE A 10 0.07 2.44 10.29
C ILE A 10 1.21 3.46 10.22
N TYR A 11 2.39 3.06 10.70
CA TYR A 11 3.56 3.95 10.70
C TYR A 11 4.01 4.28 9.29
N LEU A 12 3.98 3.30 8.40
CA LEU A 12 4.39 3.52 7.03
C LEU A 12 3.27 4.22 6.26
N GLU A 13 2.06 4.15 6.79
CA GLU A 13 0.91 4.79 6.17
C GLU A 13 1.08 6.30 6.10
N GLU A 14 1.72 6.86 7.12
CA GLU A 14 1.91 8.31 7.19
C GLU A 14 3.02 8.81 6.27
N ILE A 15 4.13 8.10 6.25
CA ILE A 15 5.27 8.49 5.40
C ILE A 15 4.83 8.74 3.96
N LEU A 16 3.77 8.07 3.57
CA LEU A 16 3.23 8.18 2.22
C LEU A 16 2.50 9.48 1.99
N VAL A 17 1.27 9.50 2.45
CA VAL A 17 0.41 10.62 2.27
C VAL A 17 -0.44 10.85 3.50
N ARG A 18 0.10 10.49 4.65
CA ARG A 18 -0.61 10.65 5.90
C ARG A 18 0.34 11.07 7.03
N VAL A 19 1.24 12.00 6.72
CA VAL A 19 2.19 12.48 7.70
C VAL A 19 1.47 13.14 8.88
N ASP B 1 3.89 -15.85 -7.83
CA ASP B 1 4.70 -15.14 -8.86
C ASP B 1 4.29 -13.68 -8.99
N VAL B 2 4.87 -12.84 -8.13
CA VAL B 2 4.57 -11.41 -8.14
C VAL B 2 5.50 -10.65 -7.21
N GLN B 3 5.62 -9.34 -7.43
CA GLN B 3 6.47 -8.51 -6.60
C GLN B 3 5.94 -7.08 -6.53
N VAL B 4 5.95 -6.52 -5.32
CA VAL B 4 5.47 -5.17 -5.10
C VAL B 4 6.39 -4.15 -5.75
N THR B 5 5.88 -3.48 -6.78
CA THR B 5 6.67 -2.49 -7.49
C THR B 5 5.93 -1.20 -7.70
N GLU B 6 6.69 -0.18 -8.06
CA GLU B 6 6.15 1.12 -8.33
C GLU B 6 5.15 1.07 -9.47
N ASP B 7 5.60 0.53 -10.58
CA ASP B 7 4.77 0.41 -11.78
C ASP B 7 3.49 -0.38 -11.52
N ALA B 8 3.54 -1.30 -10.56
CA ALA B 8 2.40 -2.13 -10.23
C ALA B 8 1.34 -1.35 -9.47
N VAL B 9 1.77 -0.46 -8.58
CA VAL B 9 0.83 0.33 -7.80
C VAL B 9 0.12 1.36 -8.67
N ARG B 10 0.86 1.94 -9.60
CA ARG B 10 0.29 2.94 -10.52
C ARG B 10 -0.95 2.36 -11.18
N ARG B 11 -0.79 1.20 -11.81
CA ARG B 11 -1.90 0.52 -12.48
C ARG B 11 -3.05 0.27 -11.51
N TYR B 12 -2.73 0.15 -10.23
CA TYR B 12 -3.75 -0.07 -9.21
C TYR B 12 -4.54 1.21 -8.97
N LEU B 13 -3.81 2.31 -8.81
CA LEU B 13 -4.42 3.61 -8.57
C LEU B 13 -5.23 4.07 -9.77
N THR B 14 -4.57 4.17 -10.92
CA THR B 14 -5.24 4.59 -12.14
C THR B 14 -6.54 3.83 -12.33
N ARG B 15 -6.59 2.63 -11.80
CA ARG B 15 -7.76 1.80 -11.89
C ARG B 15 -8.71 2.08 -10.73
N LYS B 16 -8.19 1.98 -9.51
CA LYS B 16 -8.97 2.22 -8.29
C LYS B 16 -8.07 2.55 -7.11
N PRO B 17 -8.58 3.33 -6.13
CA PRO B 17 -7.80 3.72 -4.94
C PRO B 17 -7.60 2.56 -3.96
N MET B 18 -6.83 2.83 -2.90
CA MET B 18 -6.53 1.80 -1.90
C MET B 18 -5.88 2.41 -0.66
N THR B 19 -5.83 1.59 0.40
CA THR B 19 -5.20 1.99 1.65
C THR B 19 -3.86 1.23 1.75
N THR B 20 -2.90 1.77 2.50
CA THR B 20 -1.61 1.10 2.63
C THR B 20 -1.78 -0.33 3.13
N LYS B 21 -2.77 -0.53 3.97
CA LYS B 21 -3.04 -1.85 4.52
C LYS B 21 -3.58 -2.75 3.41
N ASP B 22 -4.60 -2.24 2.72
CA ASP B 22 -5.23 -2.98 1.64
C ASP B 22 -4.23 -3.30 0.53
N LEU B 23 -3.23 -2.44 0.34
CA LEU B 23 -2.23 -2.66 -0.70
C LEU B 23 -1.40 -3.90 -0.41
N LEU B 24 -0.92 -4.01 0.81
CA LEU B 24 -0.11 -5.16 1.21
C LEU B 24 -1.00 -6.36 1.53
N LYS B 25 -2.20 -6.09 2.04
CA LYS B 25 -3.14 -7.15 2.38
C LYS B 25 -3.47 -8.01 1.16
N LYS B 26 -3.37 -7.43 -0.03
CA LYS B 26 -3.67 -8.14 -1.27
C LYS B 26 -2.44 -8.90 -1.77
N PHE B 27 -1.27 -8.28 -1.73
CA PHE B 27 -0.05 -8.92 -2.19
C PHE B 27 0.32 -10.05 -1.26
N GLN B 28 0.70 -9.68 -0.05
CA GLN B 28 1.08 -10.65 0.97
C GLN B 28 2.13 -11.64 0.46
N THR B 29 2.63 -12.50 1.34
CA THR B 29 3.63 -13.49 0.98
C THR B 29 3.01 -14.63 0.16
N LYS B 30 1.68 -14.61 0.02
CA LYS B 30 0.97 -15.63 -0.73
C LYS B 30 1.65 -15.93 -2.07
N LYS B 31 2.33 -14.94 -2.63
CA LYS B 31 3.02 -15.13 -3.91
C LYS B 31 4.39 -14.50 -3.89
N THR B 32 4.46 -13.20 -3.63
CA THR B 32 5.74 -12.50 -3.57
C THR B 32 6.71 -13.18 -2.62
N GLY B 33 6.20 -14.08 -1.78
CA GLY B 33 7.04 -14.76 -0.83
C GLY B 33 7.61 -13.79 0.19
N LEU B 34 6.97 -12.64 0.29
CA LEU B 34 7.40 -11.60 1.21
C LEU B 34 6.45 -11.49 2.40
N SER B 35 7.00 -11.68 3.59
CA SER B 35 6.23 -11.61 4.83
C SER B 35 5.23 -10.45 4.81
N SER B 36 4.14 -10.60 5.56
CA SER B 36 3.13 -9.55 5.64
C SER B 36 3.74 -8.29 6.23
N GLU B 37 4.80 -8.46 7.00
CA GLU B 37 5.50 -7.35 7.62
C GLU B 37 6.50 -6.73 6.65
N GLN B 38 7.36 -7.58 6.11
CA GLN B 38 8.38 -7.15 5.16
C GLN B 38 7.71 -6.53 3.94
N THR B 39 6.65 -7.18 3.45
CA THR B 39 5.91 -6.68 2.30
C THR B 39 5.61 -5.20 2.48
N VAL B 40 5.43 -4.81 3.74
CA VAL B 40 5.15 -3.41 4.07
C VAL B 40 6.43 -2.60 3.98
N ASN B 41 7.50 -3.14 4.54
CA ASN B 41 8.80 -2.51 4.52
C ASN B 41 9.22 -2.22 3.08
N VAL B 42 8.72 -3.03 2.16
CA VAL B 42 9.02 -2.87 0.74
C VAL B 42 7.87 -2.20 0.00
N LEU B 43 6.72 -2.12 0.66
CA LEU B 43 5.55 -1.50 0.05
C LEU B 43 5.51 -0.01 0.33
N ALA B 44 5.85 0.38 1.56
CA ALA B 44 5.86 1.78 1.95
C ALA B 44 6.70 2.60 0.99
N GLN B 45 7.84 2.06 0.60
CA GLN B 45 8.74 2.76 -0.29
C GLN B 45 8.06 3.14 -1.61
N ILE B 46 7.26 2.22 -2.14
CA ILE B 46 6.59 2.44 -3.42
C ILE B 46 5.33 3.32 -3.32
N LEU B 47 4.63 3.25 -2.19
CA LEU B 47 3.40 4.02 -2.02
C LEU B 47 3.55 5.50 -2.36
N LYS B 48 4.57 6.15 -1.81
CA LYS B 48 4.79 7.58 -2.03
C LYS B 48 5.23 7.91 -3.46
N ARG B 49 5.82 6.94 -4.15
CA ARG B 49 6.25 7.18 -5.53
C ARG B 49 5.06 7.50 -6.41
N LEU B 50 3.87 7.13 -5.93
CA LEU B 50 2.63 7.35 -6.66
C LEU B 50 2.31 8.82 -6.81
N ASN B 51 2.39 9.54 -5.70
CA ASN B 51 2.08 10.96 -5.70
C ASN B 51 0.65 11.18 -6.21
N PRO B 52 -0.33 10.57 -5.52
CA PRO B 52 -1.73 10.66 -5.87
C PRO B 52 -2.46 11.67 -4.99
N GLU B 53 -3.76 11.52 -4.90
CA GLU B 53 -4.58 12.40 -4.09
C GLU B 53 -5.31 11.60 -3.03
N ARG B 54 -5.38 12.14 -1.83
CA ARG B 54 -6.05 11.45 -0.73
C ARG B 54 -7.56 11.60 -0.82
N LYS B 55 -8.27 10.50 -0.60
CA LYS B 55 -9.73 10.47 -0.64
C LYS B 55 -10.23 9.32 0.21
N MET B 56 -11.50 9.39 0.61
CA MET B 56 -12.08 8.34 1.44
C MET B 56 -13.01 7.44 0.65
N ILE B 57 -12.57 6.21 0.41
CA ILE B 57 -13.37 5.24 -0.32
C ILE B 57 -14.22 4.42 0.64
N ASN B 58 -15.53 4.63 0.60
CA ASN B 58 -16.45 3.91 1.46
C ASN B 58 -16.12 4.16 2.94
N ASP B 59 -15.85 5.42 3.28
CA ASP B 59 -15.52 5.80 4.64
C ASP B 59 -14.10 5.36 5.03
N LYS B 60 -13.35 4.87 4.04
CA LYS B 60 -11.97 4.44 4.28
C LYS B 60 -10.98 5.35 3.56
N MET B 61 -9.96 5.80 4.27
CA MET B 61 -8.97 6.68 3.68
C MET B 61 -8.14 5.93 2.64
N HIS B 62 -8.37 6.26 1.37
CA HIS B 62 -7.65 5.66 0.27
C HIS B 62 -6.94 6.72 -0.56
N PHE B 63 -5.71 6.44 -0.96
CA PHE B 63 -4.92 7.34 -1.77
C PHE B 63 -4.87 6.84 -3.21
N SER B 64 -5.10 7.73 -4.18
CA SER B 64 -5.10 7.32 -5.58
C SER B 64 -5.32 8.48 -6.54
N LEU B 65 -5.10 8.21 -7.82
CA LEU B 65 -5.29 9.18 -8.87
C LEU B 65 -6.15 8.58 -9.97
N LYS B 66 -6.60 9.40 -10.89
CA LYS B 66 -7.44 8.91 -11.98
C LYS B 66 -6.96 9.45 -13.33
N GLU B 67 -6.34 8.57 -14.11
CA GLU B 67 -5.84 8.94 -15.43
C GLU B 67 -6.95 8.85 -16.48
N GLU A 1 3.00 -8.77 21.04
CA GLU A 1 3.18 -10.25 20.90
C GLU A 1 2.07 -10.86 20.05
N ASP A 2 0.83 -10.59 20.42
CA ASP A 2 -0.32 -11.13 19.70
C ASP A 2 -0.39 -10.56 18.29
N ASP A 4 1.73 -8.52 16.41
CA ASP A 4 1.93 -7.09 16.39
C ASP A 4 2.57 -6.64 15.07
N GLU A 5 1.99 -7.09 13.97
CA GLU A 5 2.49 -6.74 12.65
C GLU A 5 1.88 -5.42 12.18
N ASP A 6 0.57 -5.29 12.35
CA ASP A 6 -0.14 -4.09 11.95
C ASP A 6 0.48 -2.83 12.54
N ASP A 7 1.22 -2.99 13.62
CA ASP A 7 1.88 -1.85 14.28
C ASP A 7 2.66 -1.01 13.29
N HIS A 8 3.42 -1.67 12.44
CA HIS A 8 4.22 -1.00 11.44
C HIS A 8 3.38 -0.60 10.23
N LEU A 9 2.25 -1.29 10.06
CA LEU A 9 1.35 -1.02 8.94
C LEU A 9 0.74 0.38 9.04
N ILE A 10 0.59 0.88 10.27
CA ILE A 10 0.01 2.19 10.48
C ILE A 10 1.02 3.33 10.36
N TYR A 11 2.29 3.09 10.76
CA TYR A 11 3.30 4.14 10.69
C TYR A 11 3.69 4.45 9.26
N LEU A 12 3.81 3.42 8.44
CA LEU A 12 4.19 3.61 7.05
C LEU A 12 3.06 4.28 6.29
N GLU A 13 1.86 4.23 6.85
CA GLU A 13 0.71 4.82 6.22
C GLU A 13 0.87 6.34 6.08
N GLU A 14 1.59 6.93 7.04
CA GLU A 14 1.81 8.38 7.04
C GLU A 14 2.96 8.81 6.13
N ILE A 15 4.06 8.07 6.16
CA ILE A 15 5.21 8.39 5.31
C ILE A 15 4.80 8.54 3.86
N LEU A 16 3.71 7.87 3.51
CA LEU A 16 3.19 7.92 2.15
C LEU A 16 2.60 9.29 1.84
N VAL A 17 1.36 9.44 2.26
CA VAL A 17 0.63 10.66 2.01
C VAL A 17 -0.27 10.98 3.19
N ARG A 18 0.16 10.59 4.37
CA ARG A 18 -0.61 10.81 5.59
C ARG A 18 0.30 11.23 6.74
N VAL A 19 1.23 12.14 6.45
CA VAL A 19 2.17 12.62 7.46
C VAL A 19 1.42 13.27 8.62
N ASP B 1 5.92 -12.05 -13.44
CA ASP B 1 7.05 -11.61 -12.58
C ASP B 1 6.58 -10.67 -11.48
N VAL B 2 6.21 -11.26 -10.34
CA VAL B 2 5.72 -10.48 -9.21
C VAL B 2 6.82 -9.54 -8.67
N GLN B 3 6.80 -9.31 -7.37
CA GLN B 3 7.72 -8.43 -6.68
C GLN B 3 7.12 -7.04 -6.62
N VAL B 4 6.82 -6.60 -5.42
CA VAL B 4 6.21 -5.30 -5.23
C VAL B 4 7.08 -4.21 -5.83
N THR B 5 6.53 -3.51 -6.81
CA THR B 5 7.27 -2.45 -7.48
C THR B 5 6.47 -1.18 -7.60
N GLU B 6 7.16 -0.15 -8.08
CA GLU B 6 6.56 1.15 -8.29
C GLU B 6 5.54 1.10 -9.40
N ASP B 7 5.98 0.59 -10.54
CA ASP B 7 5.13 0.47 -11.73
C ASP B 7 3.87 -0.33 -11.46
N ALA B 8 3.95 -1.27 -10.52
CA ALA B 8 2.82 -2.11 -10.17
C ALA B 8 1.73 -1.32 -9.47
N VAL B 9 2.09 -0.71 -8.34
CA VAL B 9 1.12 0.06 -7.58
C VAL B 9 0.40 1.09 -8.43
N ARG B 10 1.04 1.52 -9.51
CA ARG B 10 0.44 2.49 -10.42
C ARG B 10 -0.82 1.90 -11.06
N ARG B 11 -0.73 0.66 -11.50
CA ARG B 11 -1.84 -0.02 -12.12
C ARG B 11 -3.01 -0.15 -11.15
N TYR B 12 -2.69 -0.14 -9.85
CA TYR B 12 -3.72 -0.23 -8.82
C TYR B 12 -4.53 1.06 -8.76
N LEU B 13 -3.81 2.18 -8.76
CA LEU B 13 -4.43 3.50 -8.71
C LEU B 13 -5.24 3.78 -9.96
N THR B 14 -4.58 3.74 -11.11
CA THR B 14 -5.26 4.00 -12.38
C THR B 14 -6.52 3.16 -12.49
N ARG B 15 -6.55 2.04 -11.76
CA ARG B 15 -7.69 1.15 -11.77
C ARG B 15 -8.67 1.48 -10.64
N LYS B 16 -8.13 1.74 -9.44
CA LYS B 16 -8.96 2.05 -8.29
C LYS B 16 -8.09 2.48 -7.09
N PRO B 17 -8.67 3.24 -6.14
CA PRO B 17 -7.95 3.73 -4.96
C PRO B 17 -7.68 2.63 -3.92
N MET B 18 -6.55 2.76 -3.22
CA MET B 18 -6.17 1.78 -2.21
C MET B 18 -5.48 2.43 -1.02
N THR B 19 -5.65 1.84 0.15
CA THR B 19 -4.99 2.33 1.35
C THR B 19 -3.65 1.62 1.46
N THR B 20 -2.84 1.95 2.46
CA THR B 20 -1.55 1.30 2.60
C THR B 20 -1.70 -0.15 3.04
N LYS B 21 -2.70 -0.40 3.86
CA LYS B 21 -2.98 -1.75 4.33
C LYS B 21 -3.57 -2.57 3.20
N ASP B 22 -4.58 -2.00 2.55
CA ASP B 22 -5.26 -2.65 1.44
C ASP B 22 -4.29 -2.93 0.28
N LEU B 23 -3.33 -2.03 0.07
CA LEU B 23 -2.37 -2.22 -1.03
C LEU B 23 -1.52 -3.46 -0.80
N LEU B 24 -1.10 -3.65 0.43
CA LEU B 24 -0.28 -4.80 0.80
C LEU B 24 -1.13 -6.03 1.09
N LYS B 25 -2.32 -5.81 1.64
CA LYS B 25 -3.22 -6.90 1.99
C LYS B 25 -3.39 -7.88 0.83
N LYS B 26 -3.20 -7.39 -0.40
CA LYS B 26 -3.34 -8.24 -1.57
C LYS B 26 -2.03 -8.97 -1.89
N PHE B 27 -0.91 -8.25 -1.82
CA PHE B 27 0.39 -8.85 -2.10
C PHE B 27 0.71 -9.98 -1.14
N GLN B 28 0.35 -9.77 0.12
CA GLN B 28 0.60 -10.76 1.16
C GLN B 28 -0.06 -12.09 0.82
N THR B 29 0.76 -13.13 0.63
CA THR B 29 0.25 -14.47 0.31
C THR B 29 -0.20 -14.57 -1.15
N LYS B 30 -0.03 -13.48 -1.91
CA LYS B 30 -0.43 -13.48 -3.31
C LYS B 30 0.58 -14.24 -4.17
N LYS B 31 1.84 -13.86 -4.08
CA LYS B 31 2.91 -14.51 -4.84
C LYS B 31 4.26 -13.83 -4.60
N THR B 32 4.22 -12.55 -4.26
CA THR B 32 5.44 -11.79 -3.99
C THR B 32 6.37 -12.56 -3.06
N GLY B 33 5.79 -13.45 -2.26
CA GLY B 33 6.58 -14.22 -1.32
C GLY B 33 7.19 -13.36 -0.25
N LEU B 34 6.69 -12.14 -0.12
CA LEU B 34 7.18 -11.21 0.86
C LEU B 34 6.34 -11.25 2.13
N SER B 35 7.01 -11.43 3.26
CA SER B 35 6.34 -11.49 4.57
C SER B 35 5.26 -10.42 4.69
N SER B 36 4.29 -10.68 5.56
CA SER B 36 3.21 -9.72 5.79
C SER B 36 3.78 -8.41 6.32
N GLU B 37 4.96 -8.49 6.91
CA GLU B 37 5.63 -7.33 7.45
C GLU B 37 6.54 -6.69 6.41
N GLN B 38 7.29 -7.53 5.72
CA GLN B 38 8.19 -7.07 4.69
C GLN B 38 7.41 -6.46 3.53
N THR B 39 6.29 -7.09 3.18
CA THR B 39 5.43 -6.59 2.11
C THR B 39 5.12 -5.12 2.36
N VAL B 40 5.12 -4.74 3.64
CA VAL B 40 4.87 -3.36 4.03
C VAL B 40 6.15 -2.56 3.97
N ASN B 41 7.24 -3.19 4.44
CA ASN B 41 8.54 -2.58 4.43
C ASN B 41 8.97 -2.26 3.00
N VAL B 42 8.47 -3.06 2.06
CA VAL B 42 8.77 -2.88 0.65
C VAL B 42 7.64 -2.14 -0.06
N LEU B 43 6.53 -1.91 0.65
CA LEU B 43 5.40 -1.21 0.08
C LEU B 43 5.47 0.28 0.41
N ALA B 44 5.73 0.58 1.67
CA ALA B 44 5.81 1.96 2.14
C ALA B 44 6.72 2.80 1.24
N GLN B 45 7.76 2.17 0.72
CA GLN B 45 8.71 2.84 -0.13
C GLN B 45 8.08 3.22 -1.48
N ILE B 46 7.33 2.30 -2.06
CA ILE B 46 6.69 2.53 -3.35
C ILE B 46 5.41 3.38 -3.24
N LEU B 47 4.70 3.23 -2.14
CA LEU B 47 3.45 3.95 -1.93
C LEU B 47 3.56 5.43 -2.34
N LYS B 48 4.51 6.14 -1.74
CA LYS B 48 4.71 7.57 -2.01
C LYS B 48 5.03 7.87 -3.46
N ARG B 49 5.72 6.97 -4.12
CA ARG B 49 6.08 7.17 -5.53
C ARG B 49 4.83 7.40 -6.38
N LEU B 50 3.70 6.94 -5.87
CA LEU B 50 2.43 7.07 -6.57
C LEU B 50 2.07 8.52 -6.85
N ASN B 51 2.19 9.35 -5.83
CA ASN B 51 1.86 10.75 -5.94
C ASN B 51 0.41 10.93 -6.40
N PRO B 52 -0.54 10.38 -5.61
CA PRO B 52 -1.97 10.45 -5.89
C PRO B 52 -2.64 11.53 -5.06
N GLU B 53 -3.94 11.42 -4.91
CA GLU B 53 -4.71 12.36 -4.12
C GLU B 53 -5.41 11.63 -2.99
N ARG B 54 -5.44 12.24 -1.81
CA ARG B 54 -6.07 11.62 -0.65
C ARG B 54 -7.58 11.79 -0.70
N LYS B 55 -8.27 10.69 -0.44
CA LYS B 55 -9.73 10.66 -0.43
C LYS B 55 -10.21 9.50 0.42
N MET B 56 -11.46 9.55 0.87
CA MET B 56 -12.00 8.49 1.70
C MET B 56 -12.94 7.58 0.91
N ILE B 57 -12.50 6.35 0.67
CA ILE B 57 -13.30 5.38 -0.06
C ILE B 57 -14.16 4.57 0.91
N ASN B 58 -15.47 4.79 0.87
CA ASN B 58 -16.39 4.09 1.75
C ASN B 58 -16.06 4.37 3.20
N ASP B 59 -15.78 5.64 3.52
CA ASP B 59 -15.45 6.05 4.87
C ASP B 59 -14.05 5.58 5.28
N LYS B 60 -13.28 5.13 4.30
CA LYS B 60 -11.92 4.66 4.56
C LYS B 60 -10.90 5.54 3.86
N MET B 61 -9.87 5.96 4.58
CA MET B 61 -8.84 6.81 4.00
C MET B 61 -8.11 6.06 2.89
N HIS B 62 -8.36 6.48 1.65
CA HIS B 62 -7.74 5.87 0.49
C HIS B 62 -6.99 6.91 -0.33
N PHE B 63 -5.71 6.65 -0.59
CA PHE B 63 -4.90 7.57 -1.39
C PHE B 63 -4.69 6.98 -2.78
N SER B 64 -5.08 7.73 -3.81
CA SER B 64 -4.95 7.26 -5.18
C SER B 64 -5.47 8.29 -6.17
N LEU B 65 -5.20 8.05 -7.45
CA LEU B 65 -5.66 8.93 -8.50
C LEU B 65 -6.56 8.16 -9.45
N LYS B 66 -7.24 8.87 -10.33
CA LYS B 66 -8.13 8.23 -11.28
C LYS B 66 -7.97 8.83 -12.66
N GLU B 67 -7.32 8.07 -13.55
CA GLU B 67 -7.09 8.51 -14.91
C GLU B 67 -8.41 8.74 -15.64
N GLU A 1 3.35 -7.03 21.12
CA GLU A 1 4.21 -8.05 20.48
C GLU A 1 3.38 -9.11 19.75
N ASP A 2 2.18 -9.37 20.27
CA ASP A 2 1.28 -10.35 19.68
C ASP A 2 0.94 -9.97 18.24
N ASP A 4 2.77 -8.21 15.59
CA ASP A 4 2.95 -6.80 15.33
C ASP A 4 3.05 -6.53 13.83
N GLU A 5 2.10 -7.09 13.08
CA GLU A 5 2.06 -6.90 11.64
C GLU A 5 1.29 -5.62 11.30
N ASP A 6 0.28 -5.34 12.10
CA ASP A 6 -0.55 -4.17 11.89
C ASP A 6 0.06 -2.92 12.52
N ASP A 7 0.93 -3.13 13.51
CA ASP A 7 1.59 -2.02 14.20
C ASP A 7 2.32 -1.11 13.23
N HIS A 8 3.22 -1.70 12.45
CA HIS A 8 4.00 -0.96 11.47
C HIS A 8 3.17 -0.61 10.25
N LEU A 9 2.10 -1.37 10.03
CA LEU A 9 1.23 -1.15 8.90
C LEU A 9 0.58 0.24 8.94
N ILE A 10 0.40 0.77 10.15
CA ILE A 10 -0.23 2.07 10.29
C ILE A 10 0.76 3.24 10.18
N TYR A 11 2.00 3.05 10.65
CA TYR A 11 2.99 4.14 10.59
C TYR A 11 3.46 4.40 9.17
N LEU A 12 3.68 3.36 8.40
CA LEU A 12 4.14 3.53 7.04
C LEU A 12 3.06 4.22 6.20
N GLU A 13 1.84 4.19 6.70
CA GLU A 13 0.74 4.84 6.01
C GLU A 13 0.97 6.34 5.93
N GLU A 14 1.65 6.87 6.94
CA GLU A 14 1.91 8.31 6.99
C GLU A 14 3.05 8.73 6.06
N ILE A 15 4.15 8.01 6.10
CA ILE A 15 5.30 8.31 5.24
C ILE A 15 4.87 8.44 3.78
N LEU A 16 3.79 7.76 3.45
CA LEU A 16 3.24 7.77 2.10
C LEU A 16 2.80 9.14 1.67
N VAL A 17 1.59 9.48 2.05
CA VAL A 17 1.00 10.73 1.66
C VAL A 17 0.28 11.39 2.82
N ARG A 18 0.87 11.26 4.00
CA ARG A 18 0.27 11.85 5.20
C ARG A 18 1.30 12.66 5.97
N VAL A 19 1.24 13.98 5.83
CA VAL A 19 2.16 14.87 6.52
C VAL A 19 1.47 15.63 7.64
N ASP B 1 5.29 -16.11 -9.56
CA ASP B 1 6.25 -15.18 -8.91
C ASP B 1 5.90 -13.72 -9.20
N VAL B 2 6.26 -12.84 -8.27
CA VAL B 2 5.98 -11.42 -8.43
C VAL B 2 6.64 -10.61 -7.31
N GLN B 3 7.11 -9.41 -7.65
CA GLN B 3 7.76 -8.55 -6.68
C GLN B 3 7.07 -7.19 -6.61
N VAL B 4 6.84 -6.69 -5.40
CA VAL B 4 6.19 -5.41 -5.20
C VAL B 4 6.99 -4.30 -5.85
N THR B 5 6.39 -3.65 -6.83
CA THR B 5 7.06 -2.58 -7.55
C THR B 5 6.20 -1.35 -7.68
N GLU B 6 6.84 -0.27 -8.10
CA GLU B 6 6.17 0.99 -8.30
C GLU B 6 5.18 0.87 -9.44
N ASP B 7 5.67 0.42 -10.59
CA ASP B 7 4.85 0.26 -11.78
C ASP B 7 3.58 -0.54 -11.47
N ALA B 8 3.67 -1.42 -10.48
CA ALA B 8 2.53 -2.26 -10.10
C ALA B 8 1.50 -1.47 -9.29
N VAL B 9 1.97 -0.55 -8.46
CA VAL B 9 1.07 0.24 -7.64
C VAL B 9 0.38 1.32 -8.46
N ARG B 10 1.07 1.83 -9.46
CA ARG B 10 0.51 2.87 -10.33
C ARG B 10 -0.74 2.34 -11.04
N ARG B 11 -0.67 1.10 -11.49
CA ARG B 11 -1.79 0.46 -12.17
C ARG B 11 -2.96 0.28 -11.22
N TYR B 12 -2.65 0.13 -9.94
CA TYR B 12 -3.68 -0.03 -8.92
C TYR B 12 -4.52 1.23 -8.83
N LEU B 13 -3.84 2.37 -8.80
CA LEU B 13 -4.49 3.67 -8.73
C LEU B 13 -5.32 3.92 -9.99
N THR B 14 -4.66 3.91 -11.14
CA THR B 14 -5.34 4.14 -12.41
C THR B 14 -6.59 3.28 -12.49
N ARG B 15 -6.57 2.16 -11.77
CA ARG B 15 -7.69 1.26 -11.75
C ARG B 15 -8.68 1.63 -10.64
N LYS B 16 -8.16 1.84 -9.43
CA LYS B 16 -8.98 2.22 -8.30
C LYS B 16 -8.12 2.60 -7.08
N PRO B 17 -8.72 3.29 -6.09
CA PRO B 17 -7.99 3.73 -4.89
C PRO B 17 -7.83 2.63 -3.85
N MET B 18 -6.87 2.81 -2.94
CA MET B 18 -6.61 1.84 -1.89
C MET B 18 -5.88 2.47 -0.71
N THR B 19 -5.82 1.73 0.39
CA THR B 19 -5.13 2.18 1.58
C THR B 19 -3.77 1.48 1.60
N THR B 20 -2.91 1.78 2.56
CA THR B 20 -1.60 1.14 2.61
C THR B 20 -1.73 -0.32 3.02
N LYS B 21 -2.72 -0.62 3.85
CA LYS B 21 -2.95 -1.98 4.29
C LYS B 21 -3.61 -2.77 3.17
N ASP B 22 -4.67 -2.19 2.65
CA ASP B 22 -5.42 -2.81 1.56
C ASP B 22 -4.52 -3.07 0.35
N LEU B 23 -3.51 -2.21 0.15
CA LEU B 23 -2.60 -2.38 -0.97
C LEU B 23 -1.71 -3.60 -0.76
N LEU B 24 -1.27 -3.79 0.47
CA LEU B 24 -0.41 -4.92 0.82
C LEU B 24 -1.21 -6.18 1.10
N LYS B 25 -2.40 -6.02 1.66
CA LYS B 25 -3.26 -7.16 1.99
C LYS B 25 -3.35 -8.14 0.84
N LYS B 26 -3.17 -7.65 -0.38
CA LYS B 26 -3.23 -8.49 -1.57
C LYS B 26 -1.88 -9.13 -1.85
N PHE B 27 -0.80 -8.34 -1.73
CA PHE B 27 0.54 -8.84 -1.97
C PHE B 27 0.93 -9.91 -0.96
N GLN B 28 0.57 -9.67 0.29
CA GLN B 28 0.87 -10.59 1.38
C GLN B 28 0.36 -12.00 1.06
N THR B 29 1.29 -12.94 0.89
CA THR B 29 0.94 -14.33 0.58
C THR B 29 0.53 -14.49 -0.88
N LYS B 30 0.61 -13.40 -1.65
CA LYS B 30 0.25 -13.45 -3.06
C LYS B 30 1.19 -14.36 -3.85
N LYS B 31 2.48 -14.10 -3.73
CA LYS B 31 3.48 -14.91 -4.43
C LYS B 31 4.89 -14.37 -4.16
N THR B 32 4.99 -13.08 -3.95
CA THR B 32 6.29 -12.45 -3.68
C THR B 32 7.03 -13.18 -2.56
N GLY B 33 6.28 -13.91 -1.73
CA GLY B 33 6.89 -14.64 -0.63
C GLY B 33 7.50 -13.70 0.38
N LEU B 34 7.10 -12.43 0.32
CA LEU B 34 7.62 -11.43 1.24
C LEU B 34 6.80 -11.40 2.53
N SER B 35 7.50 -11.45 3.65
CA SER B 35 6.86 -11.43 4.98
C SER B 35 5.75 -10.39 5.04
N SER B 36 4.74 -10.67 5.86
CA SER B 36 3.63 -9.74 6.03
C SER B 36 4.13 -8.40 6.55
N GLU B 37 5.31 -8.41 7.15
CA GLU B 37 5.91 -7.20 7.70
C GLU B 37 6.82 -6.55 6.67
N GLN B 38 7.69 -7.35 6.08
CA GLN B 38 8.60 -6.87 5.07
C GLN B 38 7.84 -6.33 3.86
N THR B 39 6.80 -7.07 3.46
CA THR B 39 5.98 -6.65 2.33
C THR B 39 5.58 -5.18 2.49
N VAL B 40 5.47 -4.76 3.75
CA VAL B 40 5.12 -3.38 4.08
C VAL B 40 6.36 -2.51 4.04
N ASN B 41 7.45 -3.05 4.57
CA ASN B 41 8.73 -2.34 4.59
C ASN B 41 9.17 -2.02 3.16
N VAL B 42 8.81 -2.90 2.24
CA VAL B 42 9.14 -2.73 0.84
C VAL B 42 8.00 -2.05 0.08
N LEU B 43 6.85 -1.96 0.71
CA LEU B 43 5.70 -1.33 0.10
C LEU B 43 5.66 0.17 0.41
N ALA B 44 5.91 0.51 1.67
CA ALA B 44 5.90 1.90 2.10
C ALA B 44 6.78 2.77 1.20
N GLN B 45 7.85 2.20 0.70
CA GLN B 45 8.77 2.93 -0.16
C GLN B 45 8.14 3.26 -1.51
N ILE B 46 7.39 2.33 -2.06
CA ILE B 46 6.74 2.52 -3.35
C ILE B 46 5.49 3.39 -3.26
N LEU B 47 4.66 3.14 -2.24
CA LEU B 47 3.40 3.87 -2.05
C LEU B 47 3.52 5.36 -2.41
N LYS B 48 4.47 6.05 -1.78
CA LYS B 48 4.65 7.48 -2.02
C LYS B 48 4.98 7.78 -3.47
N ARG B 49 5.52 6.80 -4.18
CA ARG B 49 5.85 6.97 -5.59
C ARG B 49 4.58 7.20 -6.40
N LEU B 50 3.45 6.84 -5.83
CA LEU B 50 2.16 6.97 -6.48
C LEU B 50 1.86 8.42 -6.84
N ASN B 51 2.06 9.31 -5.89
CA ASN B 51 1.79 10.72 -6.08
C ASN B 51 0.33 10.93 -6.51
N PRO B 52 -0.62 10.42 -5.71
CA PRO B 52 -2.04 10.53 -5.97
C PRO B 52 -2.69 11.61 -5.12
N GLU B 53 -4.01 11.53 -4.98
CA GLU B 53 -4.74 12.47 -4.18
C GLU B 53 -5.43 11.75 -3.03
N ARG B 54 -5.45 12.37 -1.86
CA ARG B 54 -6.06 11.75 -0.70
C ARG B 54 -7.58 11.89 -0.73
N LYS B 55 -8.25 10.78 -0.45
CA LYS B 55 -9.71 10.72 -0.44
C LYS B 55 -10.17 9.56 0.44
N MET B 56 -11.42 9.61 0.89
CA MET B 56 -11.95 8.56 1.74
C MET B 56 -12.91 7.65 0.97
N ILE B 57 -12.48 6.42 0.72
CA ILE B 57 -13.30 5.45 0.01
C ILE B 57 -14.13 4.65 1.00
N ASN B 58 -15.44 4.88 0.98
CA ASN B 58 -16.36 4.17 1.87
C ASN B 58 -15.98 4.43 3.34
N ASP B 59 -15.71 5.69 3.65
CA ASP B 59 -15.33 6.07 5.01
C ASP B 59 -13.94 5.57 5.37
N LYS B 60 -13.19 5.14 4.34
CA LYS B 60 -11.83 4.65 4.55
C LYS B 60 -10.82 5.54 3.86
N MET B 61 -9.81 6.01 4.59
CA MET B 61 -8.79 6.86 4.01
C MET B 61 -8.04 6.13 2.89
N HIS B 62 -8.31 6.53 1.66
CA HIS B 62 -7.67 5.94 0.49
C HIS B 62 -6.92 6.97 -0.32
N PHE B 63 -5.66 6.70 -0.61
CA PHE B 63 -4.85 7.62 -1.42
C PHE B 63 -4.70 7.06 -2.83
N SER B 64 -5.10 7.83 -3.83
CA SER B 64 -5.03 7.37 -5.21
C SER B 64 -5.56 8.42 -6.18
N LEU B 65 -5.34 8.19 -7.46
CA LEU B 65 -5.82 9.07 -8.51
C LEU B 65 -6.72 8.31 -9.44
N LYS B 66 -7.41 9.02 -10.30
CA LYS B 66 -8.31 8.38 -11.25
C LYS B 66 -8.12 8.95 -12.65
N GLU B 67 -7.49 8.16 -13.51
CA GLU B 67 -7.24 8.56 -14.88
C GLU B 67 -8.55 8.80 -15.63
N GLU A 1 6.80 -7.00 21.42
CA GLU A 1 5.65 -6.50 20.62
C GLU A 1 4.79 -7.65 20.10
N ASP A 2 3.66 -7.88 20.76
CA ASP A 2 2.75 -8.95 20.36
C ASP A 2 2.20 -8.71 18.97
N ASP A 4 3.57 -7.29 15.86
CA ASP A 4 3.71 -5.91 15.43
C ASP A 4 3.61 -5.81 13.91
N GLU A 5 2.56 -6.42 13.35
CA GLU A 5 2.34 -6.40 11.93
C GLU A 5 1.56 -5.15 11.52
N ASP A 6 0.60 -4.76 12.36
CA ASP A 6 -0.23 -3.60 12.10
C ASP A 6 0.46 -2.31 12.54
N ASP A 7 1.41 -2.43 13.46
CA ASP A 7 2.14 -1.28 13.97
C ASP A 7 2.70 -0.42 12.84
N HIS A 8 3.47 -1.05 11.97
CA HIS A 8 4.07 -0.36 10.84
C HIS A 8 3.06 -0.18 9.70
N LEU A 9 2.03 -1.02 9.69
CA LEU A 9 1.00 -0.94 8.65
C LEU A 9 0.41 0.46 8.57
N ILE A 10 0.07 1.03 9.73
CA ILE A 10 -0.49 2.36 9.76
C ILE A 10 0.61 3.41 9.82
N TYR A 11 1.75 3.04 10.42
CA TYR A 11 2.89 3.95 10.54
C TYR A 11 3.50 4.27 9.18
N LEU A 12 3.69 3.26 8.36
CA LEU A 12 4.25 3.49 7.03
C LEU A 12 3.24 4.25 6.19
N GLU A 13 1.98 4.20 6.60
CA GLU A 13 0.94 4.91 5.88
C GLU A 13 1.18 6.41 5.94
N GLU A 14 1.80 6.86 7.03
CA GLU A 14 2.10 8.28 7.22
C GLU A 14 3.20 8.75 6.28
N ILE A 15 4.26 7.97 6.19
CA ILE A 15 5.38 8.31 5.31
C ILE A 15 4.91 8.46 3.87
N LEU A 16 3.83 7.76 3.56
CA LEU A 16 3.25 7.78 2.24
C LEU A 16 2.57 9.09 1.93
N VAL A 17 1.34 9.19 2.41
CA VAL A 17 0.53 10.35 2.18
C VAL A 17 -0.28 10.69 3.42
N ARG A 18 0.29 10.38 4.57
CA ARG A 18 -0.39 10.64 5.83
C ARG A 18 0.59 11.17 6.88
N VAL A 19 1.52 12.01 6.44
CA VAL A 19 2.51 12.59 7.34
C VAL A 19 1.85 13.39 8.45
N ASP B 1 8.83 -14.84 -8.27
CA ASP B 1 7.37 -14.60 -8.18
C ASP B 1 7.04 -13.12 -8.31
N VAL B 2 5.79 -12.76 -8.03
CA VAL B 2 5.35 -11.37 -8.12
C VAL B 2 6.09 -10.50 -7.12
N GLN B 3 6.77 -9.46 -7.62
CA GLN B 3 7.52 -8.55 -6.77
C GLN B 3 6.86 -7.18 -6.71
N VAL B 4 6.72 -6.65 -5.49
CA VAL B 4 6.12 -5.34 -5.30
C VAL B 4 6.96 -4.26 -5.97
N THR B 5 6.34 -3.53 -6.88
CA THR B 5 7.04 -2.48 -7.61
C THR B 5 6.28 -1.18 -7.63
N GLU B 6 6.98 -0.16 -8.11
CA GLU B 6 6.43 1.18 -8.23
C GLU B 6 5.35 1.21 -9.30
N ASP B 7 5.72 0.75 -10.49
CA ASP B 7 4.82 0.73 -11.63
C ASP B 7 3.59 -0.13 -11.40
N ALA B 8 3.73 -1.13 -10.55
CA ALA B 8 2.62 -2.03 -10.24
C ALA B 8 1.53 -1.33 -9.44
N VAL B 9 1.94 -0.45 -8.54
CA VAL B 9 0.97 0.27 -7.72
C VAL B 9 0.20 1.27 -8.56
N ARG B 10 0.89 1.89 -9.51
CA ARG B 10 0.26 2.87 -10.39
C ARG B 10 -0.98 2.27 -11.04
N ARG B 11 -0.82 1.07 -11.59
CA ARG B 11 -1.91 0.36 -12.24
C ARG B 11 -3.04 0.07 -11.24
N TYR B 12 -2.71 0.02 -9.96
CA TYR B 12 -3.71 -0.22 -8.92
C TYR B 12 -4.55 1.03 -8.71
N LEU B 13 -3.85 2.17 -8.68
CA LEU B 13 -4.48 3.46 -8.47
C LEU B 13 -5.33 3.86 -9.68
N THR B 14 -4.69 3.93 -10.85
CA THR B 14 -5.39 4.31 -12.07
C THR B 14 -6.68 3.50 -12.21
N ARG B 15 -6.68 2.31 -11.62
CA ARG B 15 -7.84 1.45 -11.66
C ARG B 15 -8.82 1.82 -10.54
N LYS B 16 -8.32 1.83 -9.31
CA LYS B 16 -9.15 2.16 -8.14
C LYS B 16 -8.26 2.48 -6.93
N PRO B 17 -8.69 3.41 -6.06
CA PRO B 17 -7.92 3.79 -4.87
C PRO B 17 -7.82 2.70 -3.83
N MET B 18 -6.86 2.83 -2.93
CA MET B 18 -6.63 1.84 -1.88
C MET B 18 -5.84 2.43 -0.72
N THR B 19 -5.83 1.71 0.39
CA THR B 19 -5.06 2.10 1.56
C THR B 19 -3.76 1.30 1.54
N THR B 20 -2.87 1.52 2.50
CA THR B 20 -1.62 0.79 2.51
C THR B 20 -1.87 -0.67 2.89
N LYS B 21 -2.74 -0.88 3.84
CA LYS B 21 -3.08 -2.23 4.28
C LYS B 21 -3.76 -2.98 3.14
N ASP B 22 -4.78 -2.36 2.59
CA ASP B 22 -5.54 -2.95 1.49
C ASP B 22 -4.66 -3.21 0.27
N LEU B 23 -3.56 -2.46 0.15
CA LEU B 23 -2.65 -2.62 -0.98
C LEU B 23 -1.62 -3.71 -0.72
N LEU B 24 -1.04 -3.68 0.47
CA LEU B 24 -0.02 -4.65 0.84
C LEU B 24 -0.62 -6.01 1.19
N LYS B 25 -1.71 -6.02 1.95
CA LYS B 25 -2.36 -7.27 2.33
C LYS B 25 -2.66 -8.13 1.11
N LYS B 26 -2.78 -7.50 -0.05
CA LYS B 26 -3.06 -8.23 -1.27
C LYS B 26 -1.83 -8.95 -1.81
N PHE B 27 -0.68 -8.26 -1.81
CA PHE B 27 0.55 -8.84 -2.30
C PHE B 27 0.91 -10.06 -1.48
N GLN B 28 0.85 -9.87 -0.17
CA GLN B 28 1.13 -10.93 0.80
C GLN B 28 2.38 -11.73 0.44
N THR B 29 2.76 -12.63 1.34
CA THR B 29 3.93 -13.48 1.13
C THR B 29 3.60 -14.66 0.20
N LYS B 30 2.37 -14.70 -0.30
CA LYS B 30 1.93 -15.78 -1.19
C LYS B 30 2.97 -16.10 -2.26
N LYS B 31 3.31 -15.09 -3.07
CA LYS B 31 4.28 -15.29 -4.14
C LYS B 31 5.51 -14.41 -3.96
N THR B 32 5.30 -13.15 -3.62
CA THR B 32 6.41 -12.22 -3.41
C THR B 32 7.44 -12.80 -2.45
N GLY B 33 7.04 -13.81 -1.68
CA GLY B 33 7.95 -14.41 -0.73
C GLY B 33 8.36 -13.41 0.34
N LEU B 34 7.56 -12.35 0.47
CA LEU B 34 7.83 -11.31 1.44
C LEU B 34 6.85 -11.39 2.60
N SER B 35 7.39 -11.51 3.81
CA SER B 35 6.58 -11.59 5.03
C SER B 35 5.45 -10.58 5.01
N SER B 36 4.42 -10.83 5.81
CA SER B 36 3.28 -9.92 5.90
C SER B 36 3.75 -8.57 6.40
N GLU B 37 4.83 -8.57 7.16
CA GLU B 37 5.40 -7.35 7.70
C GLU B 37 6.37 -6.72 6.70
N GLN B 38 7.23 -7.56 6.15
CA GLN B 38 8.21 -7.11 5.17
C GLN B 38 7.49 -6.59 3.93
N THR B 39 6.43 -7.29 3.52
CA THR B 39 5.65 -6.86 2.36
C THR B 39 5.28 -5.40 2.50
N VAL B 40 5.18 -4.94 3.76
CA VAL B 40 4.86 -3.56 4.05
C VAL B 40 6.10 -2.69 3.96
N ASN B 41 7.19 -3.20 4.53
CA ASN B 41 8.48 -2.52 4.53
C ASN B 41 8.91 -2.20 3.10
N VAL B 42 8.43 -3.00 2.15
CA VAL B 42 8.77 -2.81 0.74
C VAL B 42 7.67 -2.10 -0.02
N LEU B 43 6.48 -2.00 0.59
CA LEU B 43 5.37 -1.34 -0.07
C LEU B 43 5.33 0.14 0.30
N ALA B 44 5.71 0.45 1.54
CA ALA B 44 5.71 1.83 2.01
C ALA B 44 6.60 2.71 1.15
N GLN B 45 7.73 2.14 0.72
CA GLN B 45 8.69 2.86 -0.10
C GLN B 45 8.08 3.25 -1.44
N ILE B 46 7.33 2.33 -2.02
CA ILE B 46 6.71 2.53 -3.32
C ILE B 46 5.44 3.39 -3.23
N LEU B 47 4.60 3.12 -2.24
CA LEU B 47 3.34 3.83 -2.06
C LEU B 47 3.49 5.35 -2.30
N LYS B 48 4.47 5.97 -1.65
CA LYS B 48 4.68 7.42 -1.78
C LYS B 48 5.06 7.80 -3.20
N ARG B 49 5.79 6.92 -3.87
CA ARG B 49 6.23 7.16 -5.23
C ARG B 49 5.04 7.46 -6.15
N LEU B 50 3.87 7.00 -5.74
CA LEU B 50 2.64 7.19 -6.50
C LEU B 50 2.32 8.66 -6.70
N ASN B 51 2.40 9.42 -5.61
CA ASN B 51 2.10 10.84 -5.67
C ASN B 51 0.68 11.04 -6.17
N PRO B 52 -0.32 10.47 -5.46
CA PRO B 52 -1.72 10.55 -5.81
C PRO B 52 -2.44 11.61 -4.98
N GLU B 53 -3.74 11.47 -4.86
CA GLU B 53 -4.54 12.39 -4.09
C GLU B 53 -5.27 11.64 -2.98
N ARG B 54 -5.35 12.25 -1.80
CA ARG B 54 -5.99 11.61 -0.68
C ARG B 54 -7.51 11.74 -0.76
N LYS B 55 -8.19 10.64 -0.49
CA LYS B 55 -9.65 10.58 -0.52
C LYS B 55 -10.13 9.44 0.36
N MET B 56 -11.39 9.49 0.80
CA MET B 56 -11.93 8.45 1.65
C MET B 56 -12.87 7.52 0.89
N ILE B 57 -12.44 6.28 0.70
CA ILE B 57 -13.25 5.29 0.01
C ILE B 57 -14.12 4.52 1.01
N ASN B 58 -15.43 4.75 0.95
CA ASN B 58 -16.36 4.09 1.85
C ASN B 58 -16.02 4.40 3.30
N ASP B 59 -15.70 5.67 3.58
CA ASP B 59 -15.36 6.11 4.93
C ASP B 59 -13.96 5.65 5.32
N LYS B 60 -13.19 5.17 4.34
CA LYS B 60 -11.83 4.70 4.60
C LYS B 60 -10.81 5.56 3.86
N MET B 61 -9.79 6.01 4.57
CA MET B 61 -8.75 6.84 3.97
C MET B 61 -8.00 6.07 2.89
N HIS B 62 -8.23 6.45 1.63
CA HIS B 62 -7.58 5.82 0.50
C HIS B 62 -6.81 6.86 -0.32
N PHE B 63 -5.61 6.48 -0.77
CA PHE B 63 -4.78 7.36 -1.57
C PHE B 63 -4.67 6.82 -2.99
N SER B 64 -4.95 7.66 -3.98
CA SER B 64 -4.89 7.23 -5.38
C SER B 64 -5.24 8.35 -6.35
N LEU B 65 -4.99 8.09 -7.63
CA LEU B 65 -5.29 9.04 -8.68
C LEU B 65 -6.24 8.40 -9.69
N LYS B 66 -6.78 9.20 -10.59
CA LYS B 66 -7.70 8.68 -11.58
C LYS B 66 -7.33 9.14 -12.98
N GLU B 67 -6.78 8.24 -13.78
CA GLU B 67 -6.37 8.55 -15.13
C GLU B 67 -7.56 9.07 -15.95
N GLU A 1 4.03 -14.70 19.06
CA GLU A 1 2.71 -14.22 19.57
C GLU A 1 2.51 -12.74 19.28
N ASP A 2 3.58 -11.96 19.46
CA ASP A 2 3.53 -10.52 19.20
C ASP A 2 3.17 -10.24 17.75
N ASP A 4 2.81 -8.04 15.54
CA ASP A 4 3.08 -6.66 15.19
C ASP A 4 3.06 -6.47 13.68
N GLU A 5 2.00 -6.96 13.04
CA GLU A 5 1.83 -6.84 11.60
C GLU A 5 1.17 -5.51 11.24
N ASP A 6 0.18 -5.13 12.03
CA ASP A 6 -0.55 -3.90 11.81
C ASP A 6 0.17 -2.70 12.43
N ASP A 7 1.01 -2.97 13.43
CA ASP A 7 1.75 -1.91 14.11
C ASP A 7 2.49 -1.01 13.14
N HIS A 8 3.32 -1.63 12.31
CA HIS A 8 4.10 -0.90 11.33
C HIS A 8 3.24 -0.50 10.13
N LEU A 9 2.14 -1.21 9.93
CA LEU A 9 1.23 -0.95 8.83
C LEU A 9 0.63 0.45 8.94
N ILE A 10 0.49 0.95 10.15
CA ILE A 10 -0.09 2.26 10.37
C ILE A 10 0.94 3.40 10.26
N TYR A 11 2.18 3.16 10.68
CA TYR A 11 3.20 4.21 10.62
C TYR A 11 3.64 4.50 9.20
N LEU A 12 3.87 3.45 8.42
CA LEU A 12 4.29 3.64 7.05
C LEU A 12 3.22 4.35 6.25
N GLU A 13 2.00 4.33 6.76
CA GLU A 13 0.91 5.00 6.09
C GLU A 13 1.17 6.50 6.04
N GLU A 14 1.88 7.00 7.06
CA GLU A 14 2.21 8.42 7.16
C GLU A 14 3.31 8.82 6.19
N ILE A 15 4.39 8.06 6.17
CA ILE A 15 5.50 8.34 5.26
C ILE A 15 5.01 8.46 3.83
N LEU A 16 3.91 7.80 3.55
CA LEU A 16 3.32 7.81 2.22
C LEU A 16 2.67 9.15 1.91
N VAL A 17 1.46 9.30 2.39
CA VAL A 17 0.68 10.49 2.15
C VAL A 17 -0.11 10.87 3.39
N ARG A 18 0.44 10.56 4.54
CA ARG A 18 -0.22 10.87 5.79
C ARG A 18 0.78 11.38 6.84
N VAL A 19 1.75 12.16 6.38
CA VAL A 19 2.77 12.72 7.27
C VAL A 19 2.40 14.13 7.71
N ASP B 1 4.45 -15.52 -9.03
CA ASP B 1 5.75 -14.79 -8.93
C ASP B 1 5.53 -13.28 -8.88
N VAL B 2 4.51 -12.86 -8.12
CA VAL B 2 4.20 -11.45 -8.00
C VAL B 2 5.36 -10.67 -7.42
N GLN B 3 5.38 -9.36 -7.64
CA GLN B 3 6.44 -8.50 -7.13
C GLN B 3 5.91 -7.10 -6.86
N VAL B 4 6.24 -6.57 -5.68
CA VAL B 4 5.80 -5.23 -5.31
C VAL B 4 6.68 -4.17 -5.95
N THR B 5 6.12 -3.44 -6.90
CA THR B 5 6.86 -2.42 -7.59
C THR B 5 6.11 -1.11 -7.67
N GLU B 6 6.85 -0.09 -8.07
CA GLU B 6 6.30 1.25 -8.23
C GLU B 6 5.21 1.25 -9.28
N ASP B 7 5.54 0.74 -10.45
CA ASP B 7 4.62 0.68 -11.58
C ASP B 7 3.42 -0.23 -11.30
N ALA B 8 3.62 -1.22 -10.43
CA ALA B 8 2.55 -2.15 -10.08
C ALA B 8 1.45 -1.47 -9.28
N VAL B 9 1.84 -0.54 -8.43
CA VAL B 9 0.86 0.17 -7.62
C VAL B 9 0.08 1.16 -8.46
N ARG B 10 0.75 1.76 -9.43
CA ARG B 10 0.10 2.72 -10.33
C ARG B 10 -1.15 2.09 -10.94
N ARG B 11 -0.97 0.90 -11.51
CA ARG B 11 -2.06 0.17 -12.13
C ARG B 11 -3.21 -0.03 -11.14
N TYR B 12 -2.87 -0.13 -9.85
CA TYR B 12 -3.87 -0.32 -8.82
C TYR B 12 -4.67 0.96 -8.62
N LEU B 13 -3.97 2.09 -8.64
CA LEU B 13 -4.58 3.40 -8.45
C LEU B 13 -5.41 3.79 -9.67
N THR B 14 -4.78 3.85 -10.84
CA THR B 14 -5.47 4.21 -12.07
C THR B 14 -6.75 3.41 -12.22
N ARG B 15 -6.76 2.22 -11.65
CA ARG B 15 -7.92 1.35 -11.70
C ARG B 15 -8.91 1.68 -10.59
N LYS B 16 -8.41 1.72 -9.35
CA LYS B 16 -9.24 2.02 -8.20
C LYS B 16 -8.39 2.33 -6.97
N PRO B 17 -8.67 3.45 -6.27
CA PRO B 17 -7.92 3.85 -5.08
C PRO B 17 -7.88 2.76 -4.01
N MET B 18 -6.92 2.87 -3.10
CA MET B 18 -6.76 1.88 -2.03
C MET B 18 -6.09 2.48 -0.81
N THR B 19 -5.94 1.65 0.22
CA THR B 19 -5.27 2.04 1.45
C THR B 19 -3.97 1.24 1.53
N THR B 20 -3.00 1.70 2.31
CA THR B 20 -1.73 0.98 2.41
C THR B 20 -1.98 -0.48 2.78
N LYS B 21 -2.81 -0.67 3.79
CA LYS B 21 -3.15 -2.01 4.26
C LYS B 21 -3.75 -2.83 3.12
N ASP B 22 -4.77 -2.27 2.49
CA ASP B 22 -5.45 -2.94 1.38
C ASP B 22 -4.50 -3.15 0.20
N LEU B 23 -3.57 -2.22 -0.02
CA LEU B 23 -2.63 -2.33 -1.12
C LEU B 23 -1.63 -3.45 -0.89
N LEU B 24 -1.15 -3.55 0.34
CA LEU B 24 -0.18 -4.57 0.69
C LEU B 24 -0.83 -5.91 1.04
N LYS B 25 -1.98 -5.86 1.70
CA LYS B 25 -2.69 -7.08 2.08
C LYS B 25 -2.89 -8.02 0.89
N LYS B 26 -3.21 -7.44 -0.26
CA LYS B 26 -3.42 -8.21 -1.48
C LYS B 26 -2.15 -8.95 -1.89
N PHE B 27 -1.01 -8.28 -1.78
CA PHE B 27 0.27 -8.88 -2.13
C PHE B 27 0.60 -10.02 -1.18
N GLN B 28 0.81 -9.65 0.07
CA GLN B 28 1.14 -10.63 1.12
C GLN B 28 2.31 -11.51 0.70
N THR B 29 2.76 -12.35 1.63
CA THR B 29 3.88 -13.26 1.37
C THR B 29 3.44 -14.42 0.48
N LYS B 30 2.14 -14.61 0.35
CA LYS B 30 1.59 -15.69 -0.47
C LYS B 30 1.78 -15.41 -1.96
N LYS B 31 2.22 -14.19 -2.30
CA LYS B 31 2.41 -13.82 -3.70
C LYS B 31 3.86 -13.44 -3.97
N THR B 32 4.25 -12.26 -3.50
CA THR B 32 5.62 -11.78 -3.70
C THR B 32 6.59 -12.45 -2.73
N GLY B 33 6.15 -13.51 -2.05
CA GLY B 33 7.00 -14.19 -1.10
C GLY B 33 7.53 -13.24 -0.05
N LEU B 34 6.83 -12.13 0.13
CA LEU B 34 7.24 -11.12 1.09
C LEU B 34 6.37 -11.16 2.34
N SER B 35 7.00 -11.33 3.49
CA SER B 35 6.30 -11.38 4.77
C SER B 35 5.27 -10.27 4.89
N SER B 36 4.29 -10.47 5.77
CA SER B 36 3.26 -9.46 5.99
C SER B 36 3.90 -8.18 6.52
N GLU B 37 5.05 -8.32 7.15
CA GLU B 37 5.79 -7.20 7.69
C GLU B 37 6.73 -6.61 6.64
N GLN B 38 7.52 -7.49 6.05
CA GLN B 38 8.47 -7.10 5.02
C GLN B 38 7.74 -6.47 3.84
N THR B 39 6.63 -7.08 3.45
CA THR B 39 5.82 -6.57 2.34
C THR B 39 5.56 -5.09 2.55
N VAL B 40 5.35 -4.70 3.80
CA VAL B 40 5.11 -3.31 4.15
C VAL B 40 6.38 -2.51 4.00
N ASN B 41 7.47 -3.06 4.54
CA ASN B 41 8.77 -2.42 4.48
C ASN B 41 9.17 -2.14 3.03
N VAL B 42 8.61 -2.91 2.11
CA VAL B 42 8.89 -2.75 0.69
C VAL B 42 7.75 -2.02 -0.03
N LEU B 43 6.60 -1.91 0.62
CA LEU B 43 5.46 -1.23 0.03
C LEU B 43 5.46 0.24 0.41
N ALA B 44 5.88 0.53 1.63
CA ALA B 44 5.95 1.90 2.13
C ALA B 44 6.80 2.78 1.21
N GLN B 45 7.86 2.21 0.69
CA GLN B 45 8.78 2.92 -0.19
C GLN B 45 8.12 3.25 -1.53
N ILE B 46 7.38 2.31 -2.07
CA ILE B 46 6.71 2.48 -3.35
C ILE B 46 5.45 3.35 -3.23
N LEU B 47 4.70 3.14 -2.15
CA LEU B 47 3.45 3.89 -1.92
C LEU B 47 3.60 5.37 -2.27
N LYS B 48 4.52 6.06 -1.58
CA LYS B 48 4.73 7.49 -1.80
C LYS B 48 5.12 7.79 -3.25
N ARG B 49 5.81 6.86 -3.88
CA ARG B 49 6.23 7.03 -5.27
C ARG B 49 5.04 7.33 -6.16
N LEU B 50 3.86 6.90 -5.73
CA LEU B 50 2.64 7.09 -6.48
C LEU B 50 2.33 8.56 -6.69
N ASN B 51 2.42 9.34 -5.61
CA ASN B 51 2.14 10.75 -5.67
C ASN B 51 0.70 10.98 -6.16
N PRO B 52 -0.27 10.44 -5.42
CA PRO B 52 -1.68 10.54 -5.74
C PRO B 52 -2.38 11.60 -4.89
N GLU B 53 -3.69 11.48 -4.79
CA GLU B 53 -4.46 12.41 -4.01
C GLU B 53 -5.22 11.65 -2.92
N ARG B 54 -5.28 12.22 -1.73
CA ARG B 54 -5.95 11.57 -0.62
C ARG B 54 -7.46 11.74 -0.70
N LYS B 55 -8.16 10.63 -0.51
CA LYS B 55 -9.63 10.61 -0.54
C LYS B 55 -10.14 9.43 0.27
N MET B 56 -11.40 9.49 0.69
CA MET B 56 -11.97 8.40 1.48
C MET B 56 -12.93 7.55 0.66
N ILE B 57 -12.51 6.30 0.41
CA ILE B 57 -13.34 5.37 -0.36
C ILE B 57 -14.24 4.57 0.58
N ASN B 58 -15.54 4.83 0.52
CA ASN B 58 -16.50 4.14 1.37
C ASN B 58 -16.17 4.37 2.85
N ASP B 59 -15.84 5.60 3.19
CA ASP B 59 -15.50 5.96 4.57
C ASP B 59 -14.12 5.45 4.96
N LYS B 60 -13.34 5.01 3.97
CA LYS B 60 -11.99 4.50 4.22
C LYS B 60 -10.94 5.39 3.55
N MET B 61 -9.94 5.79 4.32
CA MET B 61 -8.88 6.63 3.79
C MET B 61 -8.13 5.91 2.67
N HIS B 62 -8.35 6.37 1.43
CA HIS B 62 -7.70 5.79 0.27
C HIS B 62 -6.91 6.84 -0.50
N PHE B 63 -5.64 6.55 -0.75
CA PHE B 63 -4.78 7.46 -1.50
C PHE B 63 -4.54 6.90 -2.90
N SER B 64 -4.87 7.69 -3.92
CA SER B 64 -4.71 7.23 -5.30
C SER B 64 -5.11 8.30 -6.31
N LEU B 65 -4.80 8.04 -7.58
CA LEU B 65 -5.13 8.95 -8.66
C LEU B 65 -6.10 8.26 -9.60
N LYS B 66 -6.68 9.02 -10.53
CA LYS B 66 -7.61 8.45 -11.47
C LYS B 66 -7.36 8.96 -12.88
N GLU B 67 -6.80 8.10 -13.72
CA GLU B 67 -6.50 8.46 -15.10
C GLU B 67 -7.76 8.92 -15.84
N GLU A 1 0.13 -13.96 21.96
CA GLU A 1 -0.58 -13.41 20.77
C GLU A 1 -0.08 -12.02 20.40
N ASP A 2 1.19 -11.76 20.70
CA ASP A 2 1.80 -10.47 20.42
C ASP A 2 1.86 -10.22 18.91
N ASP A 4 2.09 -7.54 16.81
CA ASP A 4 2.38 -6.14 16.58
C ASP A 4 2.80 -5.92 15.12
N GLU A 5 2.01 -6.45 14.21
CA GLU A 5 2.25 -6.31 12.78
C GLU A 5 1.64 -5.02 12.27
N ASP A 6 0.38 -4.80 12.63
CA ASP A 6 -0.34 -3.61 12.21
C ASP A 6 0.42 -2.34 12.56
N ASP A 7 1.31 -2.43 13.54
CA ASP A 7 2.11 -1.28 13.96
C ASP A 7 2.83 -0.64 12.78
N HIS A 8 3.43 -1.48 11.95
CA HIS A 8 4.15 -1.01 10.78
C HIS A 8 3.19 -0.70 9.64
N LEU A 9 2.02 -1.31 9.68
CA LEU A 9 1.01 -1.10 8.64
C LEU A 9 0.46 0.32 8.70
N ILE A 10 0.27 0.83 9.92
CA ILE A 10 -0.24 2.17 10.11
C ILE A 10 0.89 3.20 10.07
N TYR A 11 2.09 2.79 10.49
CA TYR A 11 3.24 3.67 10.50
C TYR A 11 3.68 4.07 9.10
N LEU A 12 3.72 3.10 8.21
CA LEU A 12 4.12 3.37 6.84
C LEU A 12 3.06 4.17 6.11
N GLU A 13 1.85 4.17 6.66
CA GLU A 13 0.75 4.91 6.07
C GLU A 13 1.06 6.40 6.08
N GLU A 14 1.79 6.84 7.08
CA GLU A 14 2.15 8.25 7.23
C GLU A 14 3.27 8.66 6.27
N ILE A 15 4.33 7.87 6.25
CA ILE A 15 5.46 8.16 5.36
C ILE A 15 5.00 8.27 3.92
N LEU A 16 3.90 7.60 3.62
CA LEU A 16 3.33 7.62 2.29
C LEU A 16 2.76 8.97 1.93
N VAL A 17 1.53 9.18 2.36
CA VAL A 17 0.83 10.40 2.07
C VAL A 17 0.02 10.86 3.28
N ARG A 18 0.52 10.54 4.46
CA ARG A 18 -0.15 10.90 5.69
C ARG A 18 0.85 11.41 6.73
N VAL A 19 1.66 12.38 6.35
CA VAL A 19 2.66 12.94 7.25
C VAL A 19 1.99 13.56 8.47
N ASP B 1 5.31 -15.81 -8.80
CA ASP B 1 6.12 -15.12 -7.76
C ASP B 1 6.54 -13.74 -8.21
N VAL B 2 5.57 -12.83 -8.30
CA VAL B 2 5.85 -11.46 -8.72
C VAL B 2 6.67 -10.72 -7.67
N GLN B 3 6.83 -9.41 -7.88
CA GLN B 3 7.59 -8.57 -6.96
C GLN B 3 6.93 -7.21 -6.81
N VAL B 4 6.79 -6.76 -5.56
CA VAL B 4 6.18 -5.46 -5.29
C VAL B 4 6.97 -4.33 -5.92
N THR B 5 6.34 -3.66 -6.88
CA THR B 5 7.00 -2.57 -7.57
C THR B 5 6.14 -1.32 -7.65
N GLU B 6 6.76 -0.26 -8.13
CA GLU B 6 6.10 1.01 -8.30
C GLU B 6 5.07 0.92 -9.41
N ASP B 7 5.53 0.49 -10.58
CA ASP B 7 4.67 0.34 -11.75
C ASP B 7 3.42 -0.47 -11.42
N ALA B 8 3.54 -1.35 -10.43
CA ALA B 8 2.43 -2.20 -10.01
C ALA B 8 1.40 -1.42 -9.21
N VAL B 9 1.86 -0.51 -8.36
CA VAL B 9 0.97 0.28 -7.53
C VAL B 9 0.25 1.35 -8.34
N ARG B 10 0.99 1.98 -9.24
CA ARG B 10 0.42 3.03 -10.09
C ARG B 10 -0.81 2.50 -10.82
N ARG B 11 -0.74 1.24 -11.28
CA ARG B 11 -1.84 0.61 -11.99
C ARG B 11 -2.99 0.32 -11.03
N TYR B 12 -2.67 0.13 -9.76
CA TYR B 12 -3.69 -0.13 -8.75
C TYR B 12 -4.57 1.10 -8.55
N LEU B 13 -3.93 2.27 -8.63
CA LEU B 13 -4.63 3.53 -8.48
C LEU B 13 -5.46 3.87 -9.70
N THR B 14 -4.78 3.95 -10.86
CA THR B 14 -5.45 4.26 -12.11
C THR B 14 -6.69 3.40 -12.27
N ARG B 15 -6.65 2.22 -11.68
CA ARG B 15 -7.76 1.30 -11.74
C ARG B 15 -8.79 1.61 -10.64
N LYS B 16 -8.30 1.78 -9.41
CA LYS B 16 -9.16 2.08 -8.28
C LYS B 16 -8.34 2.38 -7.02
N PRO B 17 -8.62 3.51 -6.33
CA PRO B 17 -7.90 3.91 -5.12
C PRO B 17 -7.88 2.80 -4.07
N MET B 18 -6.90 2.86 -3.16
CA MET B 18 -6.76 1.86 -2.11
C MET B 18 -6.10 2.44 -0.87
N THR B 19 -6.09 1.64 0.19
CA THR B 19 -5.46 2.01 1.43
C THR B 19 -4.13 1.26 1.53
N THR B 20 -3.20 1.72 2.36
CA THR B 20 -1.92 1.04 2.48
C THR B 20 -2.12 -0.43 2.80
N LYS B 21 -3.04 -0.69 3.73
CA LYS B 21 -3.35 -2.06 4.11
C LYS B 21 -3.88 -2.82 2.90
N ASP B 22 -4.97 -2.33 2.34
CA ASP B 22 -5.58 -2.95 1.18
C ASP B 22 -4.59 -3.08 0.02
N LEU B 23 -3.52 -2.27 0.04
CA LEU B 23 -2.53 -2.31 -1.03
C LEU B 23 -1.45 -3.35 -0.73
N LEU B 24 -1.01 -3.39 0.52
CA LEU B 24 0.03 -4.34 0.92
C LEU B 24 -0.54 -5.71 1.26
N LYS B 25 -1.60 -5.73 2.09
CA LYS B 25 -2.22 -6.98 2.51
C LYS B 25 -2.50 -7.91 1.33
N LYS B 26 -2.74 -7.33 0.16
CA LYS B 26 -3.02 -8.14 -1.02
C LYS B 26 -1.78 -8.90 -1.46
N PHE B 27 -0.61 -8.25 -1.42
CA PHE B 27 0.63 -8.88 -1.82
C PHE B 27 1.01 -10.00 -0.85
N GLN B 28 0.59 -9.83 0.41
CA GLN B 28 0.88 -10.82 1.44
C GLN B 28 0.35 -12.20 1.04
N THR B 29 1.26 -13.13 0.82
CA THR B 29 0.90 -14.49 0.43
C THR B 29 0.44 -14.55 -1.03
N LYS B 30 0.50 -13.42 -1.72
CA LYS B 30 0.09 -13.35 -3.12
C LYS B 30 0.98 -14.24 -3.99
N LYS B 31 2.29 -14.02 -3.91
CA LYS B 31 3.23 -14.81 -4.69
C LYS B 31 4.67 -14.35 -4.43
N THR B 32 4.84 -13.06 -4.19
CA THR B 32 6.17 -12.50 -3.92
C THR B 32 6.85 -13.24 -2.77
N GLY B 33 6.05 -13.94 -1.96
CA GLY B 33 6.61 -14.66 -0.83
C GLY B 33 7.19 -13.72 0.20
N LEU B 34 6.81 -12.46 0.12
CA LEU B 34 7.31 -11.44 1.03
C LEU B 34 6.48 -11.42 2.32
N SER B 35 7.17 -11.47 3.45
CA SER B 35 6.52 -11.45 4.76
C SER B 35 5.42 -10.40 4.83
N SER B 36 4.41 -10.66 5.66
CA SER B 36 3.31 -9.72 5.83
C SER B 36 3.82 -8.37 6.34
N GLU B 37 4.97 -8.40 7.00
CA GLU B 37 5.59 -7.21 7.54
C GLU B 37 6.55 -6.60 6.53
N GLN B 38 7.37 -7.44 5.94
CA GLN B 38 8.33 -7.01 4.94
C GLN B 38 7.61 -6.45 3.72
N THR B 39 6.53 -7.11 3.32
CA THR B 39 5.74 -6.64 2.18
C THR B 39 5.41 -5.16 2.36
N VAL B 40 5.29 -4.75 3.62
CA VAL B 40 5.00 -3.36 3.95
C VAL B 40 6.29 -2.55 3.95
N ASN B 41 7.35 -3.15 4.48
CA ASN B 41 8.65 -2.51 4.53
C ASN B 41 9.14 -2.19 3.12
N VAL B 42 8.73 -3.04 2.17
CA VAL B 42 9.10 -2.85 0.77
C VAL B 42 8.00 -2.14 -0.01
N LEU B 43 6.82 -2.03 0.61
CA LEU B 43 5.71 -1.36 -0.03
C LEU B 43 5.70 0.12 0.34
N ALA B 44 5.99 0.39 1.61
CA ALA B 44 6.04 1.76 2.11
C ALA B 44 6.91 2.65 1.22
N GLN B 45 7.98 2.07 0.70
CA GLN B 45 8.90 2.79 -0.16
C GLN B 45 8.24 3.16 -1.48
N ILE B 46 7.50 2.22 -2.04
CA ILE B 46 6.83 2.42 -3.31
C ILE B 46 5.56 3.26 -3.18
N LEU B 47 4.76 2.96 -2.16
CA LEU B 47 3.49 3.67 -1.93
C LEU B 47 3.57 5.16 -2.28
N LYS B 48 4.49 5.88 -1.65
CA LYS B 48 4.65 7.31 -1.87
C LYS B 48 5.02 7.65 -3.31
N ARG B 49 5.60 6.69 -4.02
CA ARG B 49 5.99 6.91 -5.41
C ARG B 49 4.77 7.26 -6.27
N LEU B 50 3.60 6.93 -5.76
CA LEU B 50 2.36 7.19 -6.47
C LEU B 50 2.10 8.67 -6.64
N ASN B 51 2.24 9.40 -5.54
CA ASN B 51 2.00 10.83 -5.56
C ASN B 51 0.58 11.11 -6.04
N PRO B 52 -0.42 10.56 -5.33
CA PRO B 52 -1.82 10.70 -5.66
C PRO B 52 -2.50 11.74 -4.78
N GLU B 53 -3.81 11.66 -4.70
CA GLU B 53 -4.58 12.57 -3.89
C GLU B 53 -5.35 11.79 -2.84
N ARG B 54 -5.43 12.33 -1.63
CA ARG B 54 -6.13 11.64 -0.55
C ARG B 54 -7.63 11.82 -0.66
N LYS B 55 -8.34 10.72 -0.47
CA LYS B 55 -9.80 10.70 -0.53
C LYS B 55 -10.33 9.51 0.26
N MET B 56 -11.60 9.57 0.64
CA MET B 56 -12.19 8.49 1.42
C MET B 56 -13.09 7.59 0.57
N ILE B 57 -12.62 6.37 0.31
CA ILE B 57 -13.39 5.41 -0.47
C ILE B 57 -14.27 4.58 0.45
N ASN B 58 -15.59 4.79 0.34
CA ASN B 58 -16.53 4.06 1.17
C ASN B 58 -16.26 4.28 2.66
N ASP B 59 -16.01 5.53 3.03
CA ASP B 59 -15.72 5.88 4.42
C ASP B 59 -14.33 5.41 4.85
N LYS B 60 -13.52 5.00 3.88
CA LYS B 60 -12.17 4.53 4.16
C LYS B 60 -11.13 5.44 3.51
N MET B 61 -10.16 5.89 4.30
CA MET B 61 -9.13 6.77 3.77
C MET B 61 -8.32 6.06 2.69
N HIS B 62 -8.51 6.49 1.45
CA HIS B 62 -7.81 5.92 0.32
C HIS B 62 -7.05 6.99 -0.44
N PHE B 63 -5.77 6.74 -0.70
CA PHE B 63 -4.94 7.67 -1.45
C PHE B 63 -4.64 7.10 -2.83
N SER B 64 -4.99 7.85 -3.88
CA SER B 64 -4.76 7.36 -5.24
C SER B 64 -5.18 8.40 -6.29
N LEU B 65 -4.81 8.12 -7.53
CA LEU B 65 -5.15 8.99 -8.65
C LEU B 65 -6.10 8.27 -9.58
N LYS B 66 -6.67 9.00 -10.52
CA LYS B 66 -7.60 8.40 -11.47
C LYS B 66 -7.35 8.91 -12.88
N GLU B 67 -6.78 8.04 -13.72
CA GLU B 67 -6.49 8.39 -15.10
C GLU B 67 -7.75 8.83 -15.83
N GLU A 1 -1.57 -16.03 19.04
CA GLU A 1 -0.16 -15.55 18.92
C GLU A 1 -0.10 -14.04 18.78
N ASP A 2 0.84 -13.41 19.48
CA ASP A 2 1.00 -11.97 19.43
C ASP A 2 1.30 -11.50 18.01
N ASP A 4 1.71 -8.50 16.35
CA ASP A 4 1.93 -7.06 16.36
C ASP A 4 2.54 -6.61 15.03
N GLU A 5 1.94 -7.06 13.93
CA GLU A 5 2.40 -6.69 12.61
C GLU A 5 1.77 -5.38 12.17
N ASP A 6 0.46 -5.28 12.36
CA ASP A 6 -0.29 -4.08 11.99
C ASP A 6 0.33 -2.82 12.60
N ASP A 7 1.07 -3.00 13.69
CA ASP A 7 1.72 -1.88 14.36
C ASP A 7 2.52 -1.04 13.38
N HIS A 8 3.31 -1.71 12.56
CA HIS A 8 4.12 -1.05 11.57
C HIS A 8 3.30 -0.68 10.34
N LEU A 9 2.22 -1.41 10.12
CA LEU A 9 1.34 -1.16 8.98
C LEU A 9 0.79 0.25 9.02
N ILE A 10 0.63 0.80 10.22
CA ILE A 10 0.12 2.14 10.38
C ILE A 10 1.23 3.18 10.28
N TYR A 11 2.44 2.80 10.67
CA TYR A 11 3.60 3.69 10.65
C TYR A 11 3.97 4.09 9.22
N LEU A 12 3.87 3.13 8.31
CA LEU A 12 4.21 3.40 6.92
C LEU A 12 3.07 4.14 6.24
N GLU A 13 1.90 4.09 6.85
CA GLU A 13 0.74 4.76 6.30
C GLU A 13 0.96 6.26 6.23
N GLU A 14 1.74 6.78 7.17
CA GLU A 14 2.02 8.21 7.23
C GLU A 14 3.14 8.63 6.28
N ILE A 15 4.23 7.88 6.29
CA ILE A 15 5.38 8.20 5.41
C ILE A 15 4.92 8.36 3.96
N LEU A 16 3.83 7.69 3.63
CA LEU A 16 3.28 7.77 2.28
C LEU A 16 2.72 9.13 1.98
N VAL A 17 1.50 9.34 2.42
CA VAL A 17 0.79 10.57 2.19
C VAL A 17 -0.01 10.96 3.40
N ARG A 18 0.49 10.57 4.57
CA ARG A 18 -0.18 10.85 5.82
C ARG A 18 0.82 11.19 6.92
N VAL A 19 1.83 11.99 6.58
CA VAL A 19 2.85 12.39 7.53
C VAL A 19 2.24 13.11 8.73
N ASP B 1 0.10 -10.03 -7.67
CA ASP B 1 0.56 -11.37 -7.22
C ASP B 1 2.03 -11.58 -7.56
N VAL B 2 2.84 -10.53 -7.37
CA VAL B 2 4.27 -10.59 -7.65
C VAL B 2 5.02 -9.53 -6.85
N GLN B 3 6.29 -9.34 -7.19
CA GLN B 3 7.12 -8.35 -6.51
C GLN B 3 6.46 -6.98 -6.53
N VAL B 4 6.23 -6.42 -5.35
CA VAL B 4 5.60 -5.13 -5.23
C VAL B 4 6.48 -4.05 -5.85
N THR B 5 5.98 -3.43 -6.90
CA THR B 5 6.72 -2.41 -7.60
C THR B 5 5.90 -1.15 -7.84
N GLU B 6 6.62 -0.07 -8.08
CA GLU B 6 6.02 1.21 -8.36
C GLU B 6 5.06 1.10 -9.53
N ASP B 7 5.58 0.59 -10.64
CA ASP B 7 4.79 0.43 -11.86
C ASP B 7 3.52 -0.38 -11.61
N ALA B 8 3.57 -1.26 -10.63
CA ALA B 8 2.43 -2.09 -10.29
C ALA B 8 1.40 -1.35 -9.45
N VAL B 9 1.86 -0.45 -8.60
CA VAL B 9 0.98 0.31 -7.75
C VAL B 9 0.23 1.40 -8.52
N ARG B 10 0.91 2.00 -9.48
CA ARG B 10 0.30 3.04 -10.30
C ARG B 10 -0.94 2.51 -10.99
N ARG B 11 -0.87 1.25 -11.43
CA ARG B 11 -2.00 0.61 -12.10
C ARG B 11 -3.12 0.33 -11.10
N TYR B 12 -2.75 0.11 -9.84
CA TYR B 12 -3.72 -0.14 -8.78
C TYR B 12 -4.61 1.08 -8.58
N LEU B 13 -3.98 2.25 -8.67
CA LEU B 13 -4.68 3.51 -8.49
C LEU B 13 -5.54 3.85 -9.71
N THR B 14 -4.91 3.92 -10.88
CA THR B 14 -5.62 4.23 -12.11
C THR B 14 -6.86 3.34 -12.23
N ARG B 15 -6.80 2.17 -11.62
CA ARG B 15 -7.90 1.24 -11.65
C ARG B 15 -8.87 1.52 -10.50
N LYS B 16 -8.33 1.64 -9.28
CA LYS B 16 -9.15 1.91 -8.11
C LYS B 16 -8.28 2.27 -6.90
N PRO B 17 -8.55 3.41 -6.25
CA PRO B 17 -7.78 3.88 -5.09
C PRO B 17 -7.68 2.81 -4.00
N MET B 18 -6.67 2.94 -3.13
CA MET B 18 -6.45 1.99 -2.05
C MET B 18 -5.78 2.64 -0.84
N THR B 19 -5.77 1.90 0.25
CA THR B 19 -5.11 2.32 1.47
C THR B 19 -3.78 1.59 1.55
N THR B 20 -2.95 1.88 2.54
CA THR B 20 -1.67 1.19 2.63
C THR B 20 -1.86 -0.26 3.04
N LYS B 21 -2.77 -0.48 3.98
CA LYS B 21 -3.08 -1.82 4.43
C LYS B 21 -3.69 -2.62 3.29
N ASP B 22 -4.69 -2.03 2.65
CA ASP B 22 -5.38 -2.65 1.53
C ASP B 22 -4.41 -2.98 0.40
N LEU B 23 -3.48 -2.07 0.13
CA LEU B 23 -2.50 -2.27 -0.94
C LEU B 23 -1.64 -3.50 -0.67
N LEU B 24 -1.23 -3.65 0.58
CA LEU B 24 -0.39 -4.79 0.98
C LEU B 24 -1.22 -6.04 1.29
N LYS B 25 -2.47 -5.85 1.68
CA LYS B 25 -3.33 -6.98 2.03
C LYS B 25 -3.43 -8.00 0.91
N LYS B 26 -3.42 -7.54 -0.33
CA LYS B 26 -3.51 -8.47 -1.46
C LYS B 26 -2.14 -9.06 -1.80
N PHE B 27 -1.11 -8.22 -1.79
CA PHE B 27 0.24 -8.68 -2.07
C PHE B 27 0.70 -9.61 -0.96
N GLN B 28 0.15 -9.39 0.22
CA GLN B 28 0.49 -10.20 1.38
C GLN B 28 0.09 -11.66 1.19
N THR B 29 1.08 -12.54 1.11
CA THR B 29 0.83 -13.98 0.93
C THR B 29 0.36 -14.30 -0.49
N LYS B 30 0.30 -13.30 -1.36
CA LYS B 30 -0.13 -13.51 -2.73
C LYS B 30 0.89 -14.30 -3.53
N LYS B 31 2.15 -13.88 -3.45
CA LYS B 31 3.23 -14.55 -4.18
C LYS B 31 4.57 -13.90 -3.90
N THR B 32 4.56 -12.61 -3.57
CA THR B 32 5.78 -11.87 -3.27
C THR B 32 6.68 -12.67 -2.33
N GLY B 33 6.08 -13.54 -1.54
CA GLY B 33 6.84 -14.34 -0.60
C GLY B 33 7.53 -13.47 0.43
N LEU B 34 7.07 -12.23 0.53
CA LEU B 34 7.63 -11.29 1.46
C LEU B 34 6.83 -11.26 2.76
N SER B 35 7.54 -11.38 3.87
CA SER B 35 6.92 -11.37 5.20
C SER B 35 5.80 -10.34 5.28
N SER B 36 4.87 -10.57 6.19
CA SER B 36 3.75 -9.65 6.39
C SER B 36 4.26 -8.29 6.85
N GLU B 37 5.47 -8.27 7.38
CA GLU B 37 6.08 -7.04 7.86
C GLU B 37 6.99 -6.44 6.79
N GLN B 38 7.72 -7.30 6.10
CA GLN B 38 8.62 -6.88 5.05
C GLN B 38 7.84 -6.34 3.86
N THR B 39 6.79 -7.06 3.48
CA THR B 39 5.95 -6.63 2.36
C THR B 39 5.57 -5.17 2.52
N VAL B 40 5.50 -4.73 3.77
CA VAL B 40 5.17 -3.35 4.09
C VAL B 40 6.43 -2.50 4.02
N ASN B 41 7.52 -3.07 4.52
CA ASN B 41 8.82 -2.42 4.51
C ASN B 41 9.25 -2.12 3.08
N VAL B 42 8.80 -2.97 2.16
CA VAL B 42 9.12 -2.83 0.75
C VAL B 42 7.98 -2.13 0.00
N LEU B 43 6.82 -2.02 0.65
CA LEU B 43 5.67 -1.38 0.04
C LEU B 43 5.67 0.11 0.38
N ALA B 44 5.94 0.42 1.65
CA ALA B 44 5.99 1.78 2.13
C ALA B 44 6.84 2.67 1.23
N GLN B 45 7.89 2.09 0.67
CA GLN B 45 8.79 2.81 -0.21
C GLN B 45 8.13 3.19 -1.53
N ILE B 46 7.39 2.24 -2.10
CA ILE B 46 6.72 2.46 -3.38
C ILE B 46 5.43 3.28 -3.25
N LEU B 47 4.73 3.13 -2.13
CA LEU B 47 3.46 3.84 -1.93
C LEU B 47 3.56 5.33 -2.31
N LYS B 48 4.50 6.03 -1.67
CA LYS B 48 4.68 7.47 -1.92
C LYS B 48 5.03 7.79 -3.37
N ARG B 49 5.67 6.86 -4.05
CA ARG B 49 6.06 7.07 -5.45
C ARG B 49 4.82 7.35 -6.30
N LEU B 50 3.66 6.93 -5.81
CA LEU B 50 2.41 7.11 -6.52
C LEU B 50 2.13 8.59 -6.78
N ASN B 51 2.28 9.38 -5.75
CA ASN B 51 2.04 10.82 -5.84
C ASN B 51 0.61 11.05 -6.34
N PRO B 52 -0.38 10.52 -5.61
CA PRO B 52 -1.78 10.63 -5.93
C PRO B 52 -2.47 11.68 -5.08
N GLU B 53 -3.79 11.61 -5.08
CA GLU B 53 -4.59 12.52 -4.29
C GLU B 53 -5.34 11.74 -3.22
N ARG B 54 -5.52 12.33 -2.06
CA ARG B 54 -6.20 11.64 -0.98
C ARG B 54 -7.72 11.76 -1.10
N LYS B 55 -8.37 10.61 -0.93
CA LYS B 55 -9.83 10.52 -1.00
C LYS B 55 -10.31 9.39 -0.11
N MET B 56 -11.58 9.42 0.29
CA MET B 56 -12.12 8.38 1.14
C MET B 56 -13.01 7.41 0.37
N ILE B 57 -12.53 6.17 0.23
CA ILE B 57 -13.30 5.14 -0.48
C ILE B 57 -14.18 4.38 0.50
N ASN B 58 -15.49 4.57 0.37
CA ASN B 58 -16.44 3.90 1.25
C ASN B 58 -16.18 4.26 2.71
N ASP B 59 -15.89 5.53 2.96
CA ASP B 59 -15.61 6.02 4.31
C ASP B 59 -14.23 5.57 4.78
N LYS B 60 -13.39 5.12 3.84
CA LYS B 60 -12.05 4.67 4.17
C LYS B 60 -11.00 5.57 3.50
N MET B 61 -10.02 6.01 4.27
CA MET B 61 -8.96 6.87 3.75
C MET B 61 -8.17 6.14 2.67
N HIS B 62 -8.37 6.56 1.42
CA HIS B 62 -7.68 5.97 0.29
C HIS B 62 -6.89 7.01 -0.50
N PHE B 63 -5.62 6.73 -0.74
CA PHE B 63 -4.77 7.64 -1.51
C PHE B 63 -4.52 7.05 -2.90
N SER B 64 -4.86 7.80 -3.94
CA SER B 64 -4.68 7.30 -5.30
C SER B 64 -5.15 8.31 -6.34
N LEU B 65 -4.81 8.04 -7.61
CA LEU B 65 -5.20 8.88 -8.71
C LEU B 65 -6.17 8.12 -9.60
N LYS B 66 -6.80 8.81 -10.54
CA LYS B 66 -7.73 8.17 -11.45
C LYS B 66 -7.63 8.74 -12.85
N GLU B 67 -7.03 7.97 -13.75
CA GLU B 67 -6.88 8.39 -15.13
C GLU B 67 -8.17 8.19 -15.91
N GLU A 1 1.74 -14.43 20.98
CA GLU A 1 2.51 -14.23 19.72
C GLU A 1 2.55 -12.75 19.32
N ASP A 2 3.74 -12.16 19.39
CA ASP A 2 3.91 -10.76 19.04
C ASP A 2 3.51 -10.50 17.59
N ASP A 4 3.04 -8.02 15.50
CA ASP A 4 3.25 -6.62 15.18
C ASP A 4 3.23 -6.40 13.66
N GLU A 5 2.18 -6.94 13.02
CA GLU A 5 2.02 -6.80 11.58
C GLU A 5 1.30 -5.51 11.24
N ASP A 6 0.29 -5.18 12.04
CA ASP A 6 -0.50 -3.98 11.83
C ASP A 6 0.15 -2.75 12.45
N ASP A 7 1.01 -2.98 13.43
CA ASP A 7 1.70 -1.89 14.13
C ASP A 7 2.41 -0.96 13.16
N HIS A 8 3.27 -1.55 12.33
CA HIS A 8 4.02 -0.80 11.35
C HIS A 8 3.16 -0.42 10.15
N LEU A 9 2.08 -1.17 9.96
CA LEU A 9 1.17 -0.95 8.85
C LEU A 9 0.55 0.44 8.92
N ILE A 10 0.40 0.97 10.12
CA ILE A 10 -0.21 2.27 10.30
C ILE A 10 0.79 3.44 10.16
N TYR A 11 2.03 3.23 10.58
CA TYR A 11 3.03 4.31 10.50
C TYR A 11 3.47 4.57 9.08
N LEU A 12 3.66 3.52 8.30
CA LEU A 12 4.09 3.68 6.91
C LEU A 12 2.99 4.35 6.11
N GLU A 13 1.78 4.32 6.63
CA GLU A 13 0.66 4.94 5.94
C GLU A 13 0.87 6.45 5.82
N GLU A 14 1.56 7.02 6.81
CA GLU A 14 1.83 8.45 6.84
C GLU A 14 2.96 8.86 5.89
N ILE A 15 4.05 8.13 5.95
CA ILE A 15 5.20 8.42 5.08
C ILE A 15 4.78 8.50 3.62
N LEU A 16 3.71 7.78 3.31
CA LEU A 16 3.17 7.76 1.97
C LEU A 16 2.55 9.10 1.58
N VAL A 17 1.31 9.27 1.99
CA VAL A 17 0.58 10.47 1.68
C VAL A 17 -0.32 10.86 2.85
N ARG A 18 0.14 10.53 4.05
CA ARG A 18 -0.62 10.84 5.25
C ARG A 18 0.30 11.38 6.35
N VAL A 19 1.27 12.20 5.97
CA VAL A 19 2.20 12.78 6.91
C VAL A 19 1.70 14.12 7.43
N ASP B 1 6.45 -14.94 -9.98
CA ASP B 1 5.73 -14.54 -8.74
C ASP B 1 5.54 -13.02 -8.69
N VAL B 2 4.41 -12.60 -8.11
CA VAL B 2 4.10 -11.18 -7.99
C VAL B 2 5.16 -10.46 -7.16
N GLN B 3 5.24 -9.15 -7.31
CA GLN B 3 6.21 -8.35 -6.57
C GLN B 3 5.75 -6.90 -6.45
N VAL B 4 5.81 -6.36 -5.24
CA VAL B 4 5.40 -4.98 -5.01
C VAL B 4 6.36 -4.01 -5.67
N THR B 5 5.89 -3.38 -6.73
CA THR B 5 6.73 -2.45 -7.45
C THR B 5 6.04 -1.12 -7.72
N GLU B 6 6.85 -0.11 -7.94
CA GLU B 6 6.37 1.22 -8.22
C GLU B 6 5.35 1.20 -9.36
N ASP B 7 5.75 0.60 -10.47
CA ASP B 7 4.89 0.51 -11.64
C ASP B 7 3.63 -0.31 -11.40
N ALA B 8 3.73 -1.30 -10.52
CA ALA B 8 2.59 -2.16 -10.21
C ALA B 8 1.54 -1.41 -9.39
N VAL B 9 1.99 -0.54 -8.50
CA VAL B 9 1.06 0.21 -7.68
C VAL B 9 0.34 1.28 -8.49
N ARG B 10 0.97 1.72 -9.58
CA ARG B 10 0.37 2.72 -10.44
C ARG B 10 -0.91 2.16 -11.06
N ARG B 11 -0.79 0.98 -11.65
CA ARG B 11 -1.92 0.31 -12.29
C ARG B 11 -3.07 0.16 -11.29
N TYR B 12 -2.73 0.09 -10.01
CA TYR B 12 -3.73 -0.02 -8.96
C TYR B 12 -4.53 1.27 -8.85
N LEU B 13 -3.81 2.38 -8.85
CA LEU B 13 -4.44 3.71 -8.76
C LEU B 13 -5.23 4.04 -10.01
N THR B 14 -4.56 4.01 -11.16
CA THR B 14 -5.21 4.30 -12.43
C THR B 14 -6.51 3.51 -12.56
N ARG B 15 -6.59 2.38 -11.85
CA ARG B 15 -7.76 1.54 -11.89
C ARG B 15 -8.73 1.89 -10.76
N LYS B 16 -8.20 2.34 -9.63
CA LYS B 16 -9.02 2.71 -8.48
C LYS B 16 -8.13 2.95 -7.25
N PRO B 17 -8.67 3.63 -6.21
CA PRO B 17 -7.90 3.94 -5.00
C PRO B 17 -7.64 2.72 -4.13
N MET B 18 -6.69 2.86 -3.22
CA MET B 18 -6.31 1.77 -2.33
C MET B 18 -5.75 2.30 -1.00
N THR B 19 -5.90 1.50 0.05
CA THR B 19 -5.37 1.86 1.37
C THR B 19 -4.01 1.20 1.54
N THR B 20 -3.20 1.66 2.49
CA THR B 20 -1.89 1.08 2.70
C THR B 20 -2.00 -0.36 3.16
N LYS B 21 -3.03 -0.62 3.94
CA LYS B 21 -3.27 -1.97 4.43
C LYS B 21 -3.80 -2.83 3.29
N ASP B 22 -4.82 -2.32 2.63
CA ASP B 22 -5.42 -3.01 1.50
C ASP B 22 -4.41 -3.25 0.39
N LEU B 23 -3.31 -2.48 0.40
CA LEU B 23 -2.29 -2.61 -0.64
C LEU B 23 -1.43 -3.85 -0.44
N LEU B 24 -1.06 -4.13 0.80
CA LEU B 24 -0.21 -5.28 1.11
C LEU B 24 -1.01 -6.58 1.24
N LYS B 25 -2.12 -6.53 1.98
CA LYS B 25 -2.95 -7.72 2.18
C LYS B 25 -3.22 -8.45 0.88
N LYS B 26 -3.23 -7.71 -0.23
CA LYS B 26 -3.45 -8.30 -1.53
C LYS B 26 -2.19 -8.99 -2.04
N PHE B 27 -1.04 -8.34 -1.83
CA PHE B 27 0.24 -8.89 -2.25
C PHE B 27 0.59 -10.10 -1.40
N GLN B 28 0.86 -9.82 -0.12
CA GLN B 28 1.21 -10.84 0.87
C GLN B 28 2.28 -11.79 0.34
N THR B 29 2.75 -12.68 1.22
CA THR B 29 3.78 -13.65 0.87
C THR B 29 3.20 -14.79 0.02
N LYS B 30 1.89 -14.74 -0.24
CA LYS B 30 1.24 -15.78 -1.04
C LYS B 30 2.03 -16.11 -2.30
N LYS B 31 2.75 -15.12 -2.81
CA LYS B 31 3.56 -15.32 -4.01
C LYS B 31 4.81 -14.44 -4.01
N THR B 32 4.64 -13.18 -3.62
CA THR B 32 5.76 -12.26 -3.57
C THR B 32 6.90 -12.83 -2.72
N GLY B 33 6.59 -13.83 -1.90
CA GLY B 33 7.60 -14.42 -1.03
C GLY B 33 8.10 -13.41 -0.03
N LEU B 34 7.33 -12.34 0.16
CA LEU B 34 7.70 -11.29 1.09
C LEU B 34 6.82 -11.32 2.34
N SER B 35 7.47 -11.45 3.49
CA SER B 35 6.77 -11.49 4.78
C SER B 35 5.65 -10.44 4.84
N SER B 36 4.68 -10.69 5.70
CA SER B 36 3.58 -9.76 5.88
C SER B 36 4.09 -8.42 6.39
N GLU B 37 5.25 -8.46 7.03
CA GLU B 37 5.88 -7.26 7.56
C GLU B 37 6.78 -6.61 6.52
N GLN B 38 7.61 -7.43 5.90
CA GLN B 38 8.53 -6.96 4.87
C GLN B 38 7.73 -6.36 3.71
N THR B 39 6.65 -7.04 3.32
CA THR B 39 5.80 -6.57 2.24
C THR B 39 5.44 -5.11 2.48
N VAL B 40 5.38 -4.73 3.75
CA VAL B 40 5.08 -3.35 4.13
C VAL B 40 6.33 -2.50 4.06
N ASN B 41 7.43 -3.08 4.53
CA ASN B 41 8.72 -2.41 4.52
C ASN B 41 9.12 -2.08 3.08
N VAL B 42 8.67 -2.91 2.15
CA VAL B 42 8.95 -2.72 0.74
C VAL B 42 7.79 -2.05 0.03
N LEU B 43 6.68 -1.88 0.75
CA LEU B 43 5.49 -1.25 0.19
C LEU B 43 5.47 0.23 0.52
N ALA B 44 5.97 0.57 1.70
CA ALA B 44 6.01 1.96 2.14
C ALA B 44 6.87 2.81 1.22
N GLN B 45 7.95 2.23 0.71
CA GLN B 45 8.85 2.92 -0.18
C GLN B 45 8.19 3.25 -1.52
N ILE B 46 7.50 2.27 -2.09
CA ILE B 46 6.83 2.45 -3.37
C ILE B 46 5.58 3.32 -3.25
N LEU B 47 4.83 3.11 -2.18
CA LEU B 47 3.59 3.85 -1.92
C LEU B 47 3.71 5.33 -2.33
N LYS B 48 4.59 6.06 -1.67
CA LYS B 48 4.76 7.49 -1.92
C LYS B 48 5.15 7.77 -3.37
N ARG B 49 5.82 6.83 -4.00
CA ARG B 49 6.24 6.99 -5.39
C ARG B 49 5.03 7.23 -6.29
N LEU B 50 3.86 6.83 -5.82
CA LEU B 50 2.61 6.97 -6.57
C LEU B 50 2.28 8.43 -6.86
N ASN B 51 2.36 9.27 -5.84
CA ASN B 51 2.05 10.68 -5.98
C ASN B 51 0.59 10.85 -6.40
N PRO B 52 -0.35 10.31 -5.60
CA PRO B 52 -1.78 10.38 -5.87
C PRO B 52 -2.46 11.44 -5.03
N GLU B 53 -3.77 11.33 -4.88
CA GLU B 53 -4.53 12.26 -4.09
C GLU B 53 -5.28 11.52 -2.99
N ARG B 54 -5.29 12.09 -1.80
CA ARG B 54 -5.95 11.44 -0.67
C ARG B 54 -7.46 11.65 -0.70
N LYS B 55 -8.18 10.56 -0.48
CA LYS B 55 -9.64 10.57 -0.48
C LYS B 55 -10.16 9.40 0.35
N MET B 56 -11.29 9.59 1.01
CA MET B 56 -11.86 8.52 1.83
C MET B 56 -12.81 7.64 1.01
N ILE B 57 -12.38 6.39 0.79
CA ILE B 57 -13.19 5.45 0.03
C ILE B 57 -14.10 4.66 0.97
N ASN B 58 -15.40 4.91 0.88
CA ASN B 58 -16.37 4.22 1.74
C ASN B 58 -16.09 4.49 3.22
N ASP B 59 -15.75 5.74 3.54
CA ASP B 59 -15.46 6.13 4.90
C ASP B 59 -14.08 5.62 5.34
N LYS B 60 -13.28 5.18 4.38
CA LYS B 60 -11.95 4.67 4.67
C LYS B 60 -10.88 5.55 4.03
N MET B 61 -9.88 5.94 4.82
CA MET B 61 -8.81 6.78 4.31
C MET B 61 -8.07 6.08 3.17
N HIS B 62 -8.28 6.58 1.97
CA HIS B 62 -7.64 6.04 0.78
C HIS B 62 -6.83 7.11 0.06
N PHE B 63 -5.84 6.68 -0.70
CA PHE B 63 -4.98 7.58 -1.45
C PHE B 63 -4.81 7.07 -2.87
N SER B 64 -5.15 7.89 -3.86
CA SER B 64 -5.02 7.47 -5.25
C SER B 64 -5.48 8.56 -6.22
N LEU B 65 -5.19 8.33 -7.50
CA LEU B 65 -5.57 9.23 -8.55
C LEU B 65 -6.50 8.54 -9.52
N LYS B 66 -7.12 9.30 -10.40
CA LYS B 66 -8.02 8.72 -11.37
C LYS B 66 -7.77 9.29 -12.75
N GLU B 67 -7.16 8.48 -13.61
CA GLU B 67 -6.85 8.88 -14.97
C GLU B 67 -8.13 9.18 -15.75
N GLU A 1 7.67 -9.06 19.93
CA GLU A 1 6.68 -8.34 19.10
C GLU A 1 5.49 -9.22 18.75
N ASP A 2 4.51 -9.26 19.64
CA ASP A 2 3.32 -10.07 19.43
C ASP A 2 2.58 -9.63 18.17
N ASP A 4 3.52 -7.89 15.28
CA ASP A 4 3.67 -6.47 15.02
C ASP A 4 3.56 -6.18 13.53
N GLU A 5 2.51 -6.72 12.90
CA GLU A 5 2.27 -6.52 11.49
C GLU A 5 1.49 -5.23 11.25
N ASP A 6 0.54 -4.95 12.14
CA ASP A 6 -0.31 -3.78 12.02
C ASP A 6 0.36 -2.55 12.61
N ASP A 7 1.32 -2.76 13.52
CA ASP A 7 2.02 -1.67 14.16
C ASP A 7 2.61 -0.70 13.14
N HIS A 8 3.40 -1.24 12.23
CA HIS A 8 4.03 -0.44 11.19
C HIS A 8 3.05 -0.14 10.06
N LEU A 9 2.01 -0.96 9.95
CA LEU A 9 1.01 -0.79 8.90
C LEU A 9 0.46 0.63 8.89
N ILE A 10 0.25 1.19 10.07
CA ILE A 10 -0.26 2.54 10.20
C ILE A 10 0.87 3.57 10.14
N TYR A 11 2.07 3.17 10.60
CA TYR A 11 3.23 4.05 10.60
C TYR A 11 3.69 4.37 9.19
N LEU A 12 3.67 3.37 8.33
CA LEU A 12 4.08 3.56 6.95
C LEU A 12 2.97 4.25 6.16
N GLU A 13 1.76 4.21 6.70
CA GLU A 13 0.63 4.83 6.05
C GLU A 13 0.82 6.34 5.95
N GLU A 14 1.53 6.92 6.91
CA GLU A 14 1.77 8.36 6.93
C GLU A 14 2.91 8.77 6.00
N ILE A 15 4.02 8.05 6.07
CA ILE A 15 5.17 8.36 5.22
C ILE A 15 4.75 8.47 3.76
N LEU A 16 3.67 7.79 3.42
CA LEU A 16 3.14 7.79 2.06
C LEU A 16 2.65 9.15 1.64
N VAL A 17 1.43 9.45 2.03
CA VAL A 17 0.80 10.69 1.66
C VAL A 17 0.08 11.31 2.83
N ARG A 18 0.61 11.06 4.02
CA ARG A 18 0.01 11.61 5.23
C ARG A 18 1.07 12.15 6.17
N VAL A 19 1.14 13.47 6.28
CA VAL A 19 2.12 14.12 7.15
C VAL A 19 1.85 15.62 7.26
N ASP B 1 1.84 -15.61 -8.03
CA ASP B 1 2.87 -14.75 -7.39
C ASP B 1 3.15 -13.51 -8.23
N VAL B 2 3.72 -12.49 -7.59
CA VAL B 2 4.05 -11.25 -8.28
C VAL B 2 5.17 -10.51 -7.56
N GLN B 3 5.37 -9.24 -7.91
CA GLN B 3 6.42 -8.44 -7.29
C GLN B 3 5.91 -7.04 -6.98
N VAL B 4 6.18 -6.58 -5.77
CA VAL B 4 5.75 -5.24 -5.35
C VAL B 4 6.64 -4.18 -5.94
N THR B 5 6.13 -3.49 -6.95
CA THR B 5 6.89 -2.45 -7.60
C THR B 5 6.10 -1.18 -7.78
N GLU B 6 6.81 -0.12 -8.06
CA GLU B 6 6.22 1.18 -8.28
C GLU B 6 5.20 1.11 -9.41
N ASP B 7 5.65 0.61 -10.55
CA ASP B 7 4.80 0.49 -11.73
C ASP B 7 3.55 -0.34 -11.44
N ALA B 8 3.65 -1.28 -10.51
CA ALA B 8 2.52 -2.13 -10.16
C ALA B 8 1.47 -1.38 -9.34
N VAL B 9 1.93 -0.47 -8.49
CA VAL B 9 1.01 0.28 -7.65
C VAL B 9 0.30 1.37 -8.45
N ARG B 10 0.95 1.86 -9.50
CA ARG B 10 0.35 2.89 -10.34
C ARG B 10 -0.91 2.34 -11.01
N ARG B 11 -0.77 1.17 -11.63
CA ARG B 11 -1.90 0.51 -12.29
C ARG B 11 -3.04 0.32 -11.30
N TYR B 12 -2.72 0.22 -10.02
CA TYR B 12 -3.73 0.06 -8.99
C TYR B 12 -4.54 1.36 -8.89
N LEU B 13 -3.83 2.48 -8.89
CA LEU B 13 -4.45 3.80 -8.81
C LEU B 13 -5.18 4.14 -10.10
N THR B 14 -4.48 4.05 -11.22
CA THR B 14 -5.07 4.35 -12.52
C THR B 14 -6.40 3.64 -12.68
N ARG B 15 -6.57 2.53 -11.95
CA ARG B 15 -7.79 1.77 -12.01
C ARG B 15 -8.75 2.14 -10.86
N LYS B 16 -8.21 2.20 -9.63
CA LYS B 16 -9.01 2.54 -8.46
C LYS B 16 -8.10 2.87 -7.26
N PRO B 17 -8.66 3.46 -6.19
CA PRO B 17 -7.88 3.83 -5.01
C PRO B 17 -7.55 2.64 -4.11
N MET B 18 -6.56 2.84 -3.23
CA MET B 18 -6.11 1.80 -2.31
C MET B 18 -5.45 2.41 -1.09
N THR B 19 -5.53 1.69 0.03
CA THR B 19 -4.89 2.13 1.26
C THR B 19 -3.57 1.38 1.41
N THR B 20 -2.79 1.72 2.43
CA THR B 20 -1.51 1.05 2.64
C THR B 20 -1.71 -0.37 3.13
N LYS B 21 -2.77 -0.59 3.87
CA LYS B 21 -3.08 -1.93 4.36
C LYS B 21 -3.67 -2.73 3.23
N ASP B 22 -4.71 -2.18 2.62
CA ASP B 22 -5.36 -2.84 1.49
C ASP B 22 -4.36 -3.09 0.36
N LEU B 23 -3.24 -2.36 0.37
CA LEU B 23 -2.23 -2.51 -0.67
C LEU B 23 -1.38 -3.77 -0.44
N LEU B 24 -1.02 -4.02 0.81
CA LEU B 24 -0.19 -5.17 1.15
C LEU B 24 -1.01 -6.45 1.31
N LYS B 25 -2.11 -6.36 2.06
CA LYS B 25 -2.96 -7.53 2.30
C LYS B 25 -3.26 -8.28 1.00
N LYS B 26 -3.24 -7.56 -0.12
CA LYS B 26 -3.49 -8.18 -1.40
C LYS B 26 -2.24 -8.89 -1.92
N PHE B 27 -1.09 -8.25 -1.74
CA PHE B 27 0.18 -8.83 -2.16
C PHE B 27 0.53 -10.03 -1.28
N GLN B 28 0.80 -9.73 -0.03
CA GLN B 28 1.16 -10.74 0.96
C GLN B 28 2.31 -11.62 0.48
N THR B 29 2.78 -12.50 1.36
CA THR B 29 3.88 -13.41 1.05
C THR B 29 3.41 -14.53 0.14
N LYS B 30 2.11 -14.80 0.14
CA LYS B 30 1.54 -15.86 -0.68
C LYS B 30 1.81 -15.63 -2.16
N LYS B 31 2.18 -14.40 -2.53
CA LYS B 31 2.44 -14.07 -3.92
C LYS B 31 3.92 -13.73 -4.15
N THR B 32 4.31 -12.53 -3.73
CA THR B 32 5.68 -12.08 -3.90
C THR B 32 6.64 -12.78 -2.93
N GLY B 33 6.14 -13.80 -2.22
CA GLY B 33 6.97 -14.49 -1.25
C GLY B 33 7.51 -13.56 -0.20
N LEU B 34 6.86 -12.42 -0.05
CA LEU B 34 7.28 -11.42 0.92
C LEU B 34 6.36 -11.40 2.13
N SER B 35 6.94 -11.61 3.31
CA SER B 35 6.18 -11.62 4.56
C SER B 35 5.17 -10.48 4.62
N SER B 36 4.11 -10.67 5.40
CA SER B 36 3.09 -9.65 5.56
C SER B 36 3.70 -8.38 6.15
N GLU B 37 4.78 -8.56 6.90
CA GLU B 37 5.47 -7.45 7.52
C GLU B 37 6.45 -6.82 6.55
N GLN B 38 7.31 -7.65 5.98
CA GLN B 38 8.30 -7.20 5.01
C GLN B 38 7.61 -6.56 3.82
N THR B 39 6.50 -7.17 3.39
CA THR B 39 5.74 -6.66 2.26
C THR B 39 5.43 -5.19 2.49
N VAL B 40 5.29 -4.82 3.76
CA VAL B 40 5.00 -3.43 4.13
C VAL B 40 6.27 -2.60 4.07
N ASN B 41 7.35 -3.17 4.58
CA ASN B 41 8.64 -2.51 4.59
C ASN B 41 9.07 -2.18 3.16
N VAL B 42 8.69 -3.06 2.23
CA VAL B 42 9.01 -2.87 0.82
C VAL B 42 7.86 -2.18 0.09
N LEU B 43 6.72 -2.05 0.78
CA LEU B 43 5.56 -1.41 0.21
C LEU B 43 5.56 0.09 0.51
N ALA B 44 5.88 0.42 1.76
CA ALA B 44 5.93 1.81 2.20
C ALA B 44 6.79 2.67 1.28
N GLN B 45 7.84 2.07 0.74
CA GLN B 45 8.75 2.78 -0.14
C GLN B 45 8.10 3.15 -1.47
N ILE B 46 7.34 2.22 -2.04
CA ILE B 46 6.68 2.44 -3.31
C ILE B 46 5.41 3.29 -3.20
N LEU B 47 4.74 3.21 -2.07
CA LEU B 47 3.49 3.95 -1.87
C LEU B 47 3.63 5.42 -2.27
N LYS B 48 4.56 6.12 -1.66
CA LYS B 48 4.76 7.55 -1.92
C LYS B 48 5.10 7.84 -3.39
N ARG B 49 5.71 6.88 -4.06
CA ARG B 49 6.05 7.07 -5.47
C ARG B 49 4.78 7.31 -6.30
N LEU B 50 3.65 6.90 -5.74
CA LEU B 50 2.36 7.04 -6.41
C LEU B 50 2.04 8.50 -6.70
N ASN B 51 2.22 9.34 -5.70
CA ASN B 51 1.94 10.76 -5.84
C ASN B 51 0.49 10.97 -6.30
N PRO B 52 -0.47 10.39 -5.56
CA PRO B 52 -1.89 10.49 -5.87
C PRO B 52 -2.58 11.51 -4.99
N GLU B 53 -3.89 11.39 -4.88
CA GLU B 53 -4.68 12.28 -4.07
C GLU B 53 -5.39 11.49 -2.99
N ARG B 54 -5.45 12.06 -1.78
CA ARG B 54 -6.10 11.38 -0.68
C ARG B 54 -7.62 11.51 -0.74
N LYS B 55 -8.29 10.39 -0.54
CA LYS B 55 -9.75 10.34 -0.57
C LYS B 55 -10.24 9.14 0.22
N MET B 56 -11.22 9.36 1.09
CA MET B 56 -11.75 8.28 1.91
C MET B 56 -12.73 7.42 1.13
N ILE B 57 -12.31 6.20 0.80
CA ILE B 57 -13.16 5.26 0.07
C ILE B 57 -13.97 4.42 1.05
N ASN B 58 -15.28 4.65 1.08
CA ASN B 58 -16.16 3.91 1.97
C ASN B 58 -15.76 4.11 3.42
N ASP B 59 -15.46 5.36 3.78
CA ASP B 59 -15.05 5.69 5.14
C ASP B 59 -13.64 5.19 5.45
N LYS B 60 -12.92 4.80 4.40
CA LYS B 60 -11.55 4.30 4.56
C LYS B 60 -10.56 5.22 3.87
N MET B 61 -9.53 5.65 4.59
CA MET B 61 -8.52 6.53 4.01
C MET B 61 -7.84 5.85 2.83
N HIS B 62 -8.14 6.34 1.63
CA HIS B 62 -7.57 5.80 0.40
C HIS B 62 -6.84 6.88 -0.39
N PHE B 63 -5.63 6.58 -0.84
CA PHE B 63 -4.84 7.51 -1.63
C PHE B 63 -4.78 7.03 -3.07
N SER B 64 -5.20 7.88 -4.01
CA SER B 64 -5.20 7.49 -5.41
C SER B 64 -5.52 8.64 -6.35
N LEU B 65 -5.32 8.39 -7.63
CA LEU B 65 -5.61 9.35 -8.68
C LEU B 65 -6.45 8.70 -9.74
N LYS B 66 -6.99 9.50 -10.66
CA LYS B 66 -7.80 8.96 -11.72
C LYS B 66 -7.37 9.53 -13.07
N GLU B 67 -6.70 8.68 -13.85
CA GLU B 67 -6.22 9.07 -15.16
C GLU B 67 -7.38 9.21 -16.15
N GLU A 1 3.93 -8.43 20.05
CA GLU A 1 4.65 -9.65 19.58
C GLU A 1 3.71 -10.57 18.81
N ASP A 2 2.52 -10.80 19.37
CA ASP A 2 1.53 -11.66 18.73
C ASP A 2 1.14 -11.11 17.36
N ASP A 4 2.78 -8.90 14.95
CA ASP A 4 2.88 -7.45 14.90
C ASP A 4 3.01 -6.97 13.45
N GLU A 5 2.12 -7.47 12.60
CA GLU A 5 2.12 -7.10 11.18
C GLU A 5 1.32 -5.82 10.95
N ASP A 6 0.25 -5.67 11.74
CA ASP A 6 -0.61 -4.51 11.62
C ASP A 6 -0.07 -3.33 12.43
N ASP A 7 0.75 -3.62 13.43
CA ASP A 7 1.33 -2.59 14.27
C ASP A 7 2.03 -1.51 13.45
N HIS A 8 2.96 -1.94 12.62
CA HIS A 8 3.70 -1.03 11.77
C HIS A 8 2.90 -0.64 10.53
N LEU A 9 1.92 -1.47 10.18
CA LEU A 9 1.07 -1.20 9.02
C LEU A 9 0.55 0.23 9.02
N ILE A 10 0.39 0.80 10.21
CA ILE A 10 -0.10 2.16 10.34
C ILE A 10 1.05 3.17 10.23
N TYR A 11 2.24 2.77 10.65
CA TYR A 11 3.41 3.63 10.62
C TYR A 11 3.76 4.07 9.21
N LEU A 12 3.89 3.12 8.30
CA LEU A 12 4.24 3.46 6.93
C LEU A 12 3.11 4.22 6.27
N GLU A 13 1.92 4.16 6.86
CA GLU A 13 0.78 4.86 6.31
C GLU A 13 1.01 6.37 6.30
N GLU A 14 1.78 6.85 7.26
CA GLU A 14 2.06 8.29 7.38
C GLU A 14 3.20 8.73 6.46
N ILE A 15 4.26 7.95 6.41
CA ILE A 15 5.41 8.28 5.56
C ILE A 15 4.97 8.51 4.12
N LEU A 16 3.87 7.88 3.75
CA LEU A 16 3.33 7.99 2.41
C LEU A 16 2.74 9.36 2.16
N VAL A 17 1.50 9.51 2.59
CA VAL A 17 0.77 10.73 2.40
C VAL A 17 -0.05 11.07 3.63
N ARG A 18 0.46 10.66 4.78
CA ARG A 18 -0.22 10.90 6.04
C ARG A 18 0.78 11.23 7.15
N VAL A 19 1.79 12.03 6.81
CA VAL A 19 2.81 12.42 7.77
C VAL A 19 2.48 13.78 8.40
N ASP B 1 -1.53 -11.43 -5.14
CA ASP B 1 -0.23 -11.83 -4.56
C ASP B 1 0.87 -11.84 -5.63
N VAL B 2 1.69 -10.80 -5.63
CA VAL B 2 2.78 -10.69 -6.59
C VAL B 2 3.75 -9.59 -6.20
N GLN B 3 4.97 -9.64 -6.74
CA GLN B 3 6.00 -8.66 -6.45
C GLN B 3 5.44 -7.24 -6.40
N VAL B 4 5.79 -6.52 -5.34
CA VAL B 4 5.32 -5.14 -5.18
C VAL B 4 6.30 -4.16 -5.80
N THR B 5 5.84 -3.45 -6.81
CA THR B 5 6.69 -2.49 -7.49
C THR B 5 6.03 -1.14 -7.66
N GLU B 6 6.86 -0.16 -7.95
CA GLU B 6 6.42 1.20 -8.16
C GLU B 6 5.40 1.27 -9.28
N ASP B 7 5.79 0.71 -10.43
CA ASP B 7 4.94 0.71 -11.62
C ASP B 7 3.66 -0.10 -11.43
N ALA B 8 3.71 -1.09 -10.56
CA ALA B 8 2.55 -1.94 -10.31
C ALA B 8 1.45 -1.19 -9.58
N VAL B 9 1.78 -0.67 -8.40
CA VAL B 9 0.79 0.06 -7.62
C VAL B 9 0.06 1.08 -8.47
N ARG B 10 0.76 1.62 -9.47
CA ARG B 10 0.16 2.59 -10.38
C ARG B 10 -1.09 1.99 -11.00
N ARG B 11 -0.97 0.76 -11.48
CA ARG B 11 -2.09 0.05 -12.09
C ARG B 11 -3.20 -0.17 -11.07
N TYR B 12 -2.82 -0.26 -9.80
CA TYR B 12 -3.79 -0.45 -8.72
C TYR B 12 -4.63 0.80 -8.57
N LEU B 13 -3.95 1.95 -8.62
CA LEU B 13 -4.57 3.25 -8.46
C LEU B 13 -5.45 3.61 -9.66
N THR B 14 -4.84 3.67 -10.84
CA THR B 14 -5.55 4.01 -12.06
C THR B 14 -6.81 3.17 -12.20
N ARG B 15 -6.82 2.00 -11.57
CA ARG B 15 -7.95 1.10 -11.63
C ARG B 15 -8.91 1.33 -10.46
N LYS B 16 -8.36 1.44 -9.26
CA LYS B 16 -9.17 1.65 -8.06
C LYS B 16 -8.30 2.11 -6.88
N PRO B 17 -8.68 3.21 -6.21
CA PRO B 17 -7.92 3.72 -5.06
C PRO B 17 -7.74 2.68 -3.96
N MET B 18 -6.60 2.75 -3.28
CA MET B 18 -6.27 1.81 -2.21
C MET B 18 -5.75 2.55 -0.99
N THR B 19 -5.46 1.77 0.05
CA THR B 19 -4.89 2.29 1.28
C THR B 19 -3.60 1.52 1.55
N THR B 20 -2.72 2.04 2.38
CA THR B 20 -1.46 1.35 2.66
C THR B 20 -1.70 -0.03 3.22
N LYS B 21 -2.80 -0.19 3.94
CA LYS B 21 -3.15 -1.47 4.51
C LYS B 21 -3.72 -2.37 3.42
N ASP B 22 -4.69 -1.83 2.69
CA ASP B 22 -5.33 -2.57 1.61
C ASP B 22 -4.36 -2.88 0.47
N LEU B 23 -3.37 -2.01 0.25
CA LEU B 23 -2.41 -2.23 -0.82
C LEU B 23 -1.66 -3.53 -0.62
N LEU B 24 -1.27 -3.79 0.61
CA LEU B 24 -0.54 -5.00 0.96
C LEU B 24 -1.46 -6.19 1.24
N LYS B 25 -2.71 -5.91 1.64
CA LYS B 25 -3.65 -6.98 1.96
C LYS B 25 -3.65 -8.07 0.89
N LYS B 26 -3.48 -7.68 -0.36
CA LYS B 26 -3.45 -8.64 -1.45
C LYS B 26 -2.02 -9.08 -1.77
N PHE B 27 -1.10 -8.11 -1.81
CA PHE B 27 0.29 -8.41 -2.09
C PHE B 27 0.83 -9.37 -1.04
N GLN B 28 0.28 -9.27 0.16
CA GLN B 28 0.70 -10.11 1.27
C GLN B 28 0.21 -11.55 1.07
N THR B 29 1.15 -12.46 0.88
CA THR B 29 0.82 -13.87 0.68
C THR B 29 2.05 -14.76 0.86
N LYS B 30 2.91 -14.77 -0.15
CA LYS B 30 4.12 -15.58 -0.11
C LYS B 30 4.91 -15.47 -1.41
N LYS B 31 4.19 -15.34 -2.53
CA LYS B 31 4.82 -15.24 -3.84
C LYS B 31 5.90 -14.17 -3.86
N THR B 32 5.58 -13.00 -3.33
CA THR B 32 6.55 -11.91 -3.27
C THR B 32 7.77 -12.30 -2.46
N GLY B 33 7.68 -13.42 -1.74
CA GLY B 33 8.80 -13.85 -0.91
C GLY B 33 9.16 -12.79 0.10
N LEU B 34 8.19 -11.93 0.37
CA LEU B 34 8.37 -10.84 1.31
C LEU B 34 7.48 -11.00 2.53
N SER B 35 8.12 -11.10 3.70
CA SER B 35 7.41 -11.25 4.97
C SER B 35 6.22 -10.29 5.06
N SER B 36 5.30 -10.59 5.97
CA SER B 36 4.14 -9.74 6.16
C SER B 36 4.58 -8.35 6.61
N GLU B 37 5.76 -8.28 7.21
CA GLU B 37 6.32 -7.03 7.67
C GLU B 37 7.18 -6.40 6.58
N GLN B 38 7.98 -7.22 5.94
CA GLN B 38 8.85 -6.76 4.88
C GLN B 38 8.01 -6.25 3.70
N THR B 39 6.94 -6.97 3.40
CA THR B 39 6.04 -6.58 2.32
C THR B 39 5.62 -5.12 2.51
N VAL B 40 5.61 -4.69 3.77
CA VAL B 40 5.25 -3.32 4.09
C VAL B 40 6.47 -2.42 3.97
N ASN B 41 7.60 -2.94 4.41
CA ASN B 41 8.86 -2.22 4.34
C ASN B 41 9.21 -1.92 2.88
N VAL B 42 8.80 -2.82 1.99
CA VAL B 42 9.03 -2.67 0.57
C VAL B 42 7.84 -2.00 -0.11
N LEU B 43 6.73 -1.90 0.62
CA LEU B 43 5.53 -1.27 0.08
C LEU B 43 5.54 0.22 0.37
N ALA B 44 5.93 0.57 1.59
CA ALA B 44 6.00 1.96 2.02
C ALA B 44 6.80 2.81 1.04
N GLN B 45 7.81 2.22 0.43
CA GLN B 45 8.67 2.93 -0.51
C GLN B 45 7.93 3.30 -1.80
N ILE B 46 7.14 2.37 -2.32
CA ILE B 46 6.41 2.61 -3.56
C ILE B 46 5.23 3.57 -3.37
N LEU B 47 4.45 3.36 -2.31
CA LEU B 47 3.28 4.19 -2.02
C LEU B 47 3.49 5.65 -2.37
N LYS B 48 4.43 6.31 -1.68
CA LYS B 48 4.71 7.72 -1.93
C LYS B 48 5.15 7.97 -3.36
N ARG B 49 5.73 6.94 -3.97
CA ARG B 49 6.18 7.03 -5.34
C ARG B 49 5.01 7.27 -6.28
N LEU B 50 3.83 6.84 -5.85
CA LEU B 50 2.61 6.98 -6.65
C LEU B 50 2.29 8.44 -6.92
N ASN B 51 2.36 9.25 -5.89
CA ASN B 51 2.05 10.66 -6.01
C ASN B 51 0.62 10.84 -6.52
N PRO B 52 -0.36 10.32 -5.77
CA PRO B 52 -1.77 10.40 -6.11
C PRO B 52 -2.47 11.49 -5.32
N GLU B 53 -3.78 11.37 -5.22
CA GLU B 53 -4.57 12.33 -4.47
C GLU B 53 -5.27 11.63 -3.33
N ARG B 54 -5.35 12.30 -2.18
CA ARG B 54 -5.99 11.72 -1.02
C ARG B 54 -7.50 11.82 -1.11
N LYS B 55 -8.16 10.71 -0.80
CA LYS B 55 -9.61 10.62 -0.84
C LYS B 55 -10.09 9.51 0.09
N MET B 56 -11.33 9.59 0.52
CA MET B 56 -11.89 8.57 1.41
C MET B 56 -12.83 7.64 0.68
N ILE B 57 -12.40 6.39 0.50
CA ILE B 57 -13.22 5.38 -0.17
C ILE B 57 -14.07 4.64 0.86
N ASN B 58 -15.38 4.86 0.82
CA ASN B 58 -16.29 4.21 1.76
C ASN B 58 -15.93 4.56 3.20
N ASP B 59 -15.64 5.84 3.45
CA ASP B 59 -15.28 6.31 4.78
C ASP B 59 -13.89 5.84 5.17
N LYS B 60 -13.13 5.34 4.21
CA LYS B 60 -11.78 4.86 4.45
C LYS B 60 -10.75 5.70 3.71
N MET B 61 -9.67 6.07 4.40
CA MET B 61 -8.63 6.88 3.78
C MET B 61 -7.93 6.10 2.66
N HIS B 62 -8.19 6.51 1.43
CA HIS B 62 -7.59 5.87 0.27
C HIS B 62 -6.82 6.89 -0.58
N PHE B 63 -5.59 6.56 -0.94
CA PHE B 63 -4.76 7.43 -1.76
C PHE B 63 -4.69 6.87 -3.17
N SER B 64 -5.04 7.69 -4.17
CA SER B 64 -5.01 7.22 -5.55
C SER B 64 -5.34 8.33 -6.55
N LEU B 65 -5.11 8.00 -7.83
CA LEU B 65 -5.38 8.92 -8.92
C LEU B 65 -6.35 8.26 -9.89
N LYS B 66 -6.88 9.02 -10.82
CA LYS B 66 -7.81 8.47 -11.79
C LYS B 66 -7.44 8.87 -13.21
N GLU B 67 -6.91 7.92 -13.97
CA GLU B 67 -6.52 8.15 -15.34
C GLU B 67 -7.71 8.59 -16.18
N GLU A 1 4.46 -15.86 18.65
CA GLU A 1 3.07 -15.48 19.03
C GLU A 1 2.86 -13.98 18.92
N ASP A 2 3.73 -13.21 19.58
CA ASP A 2 3.64 -11.75 19.56
C ASP A 2 3.78 -11.22 18.14
N ASP A 4 3.42 -8.38 16.41
CA ASP A 4 3.26 -6.94 16.41
C ASP A 4 3.73 -6.37 15.08
N GLU A 5 3.23 -6.95 13.99
CA GLU A 5 3.57 -6.48 12.65
C GLU A 5 2.63 -5.37 12.23
N ASP A 6 1.34 -5.60 12.44
CA ASP A 6 0.32 -4.62 12.08
C ASP A 6 0.60 -3.24 12.69
N ASP A 7 1.39 -3.23 13.76
CA ASP A 7 1.74 -1.99 14.44
C ASP A 7 2.42 -1.02 13.48
N HIS A 8 3.29 -1.54 12.64
CA HIS A 8 4.02 -0.72 11.68
C HIS A 8 3.17 -0.42 10.45
N LEU A 9 2.15 -1.24 10.20
CA LEU A 9 1.27 -1.03 9.05
C LEU A 9 0.71 0.39 9.04
N ILE A 10 0.53 0.95 10.22
CA ILE A 10 0.01 2.31 10.34
C ILE A 10 1.13 3.34 10.24
N TYR A 11 2.33 2.94 10.67
CA TYR A 11 3.49 3.84 10.63
C TYR A 11 3.87 4.22 9.20
N LEU A 12 3.78 3.26 8.30
CA LEU A 12 4.13 3.51 6.91
C LEU A 12 2.98 4.25 6.21
N GLU A 13 1.81 4.21 6.82
CA GLU A 13 0.66 4.87 6.27
C GLU A 13 0.88 6.38 6.20
N GLU A 14 1.66 6.90 7.14
CA GLU A 14 1.94 8.33 7.20
C GLU A 14 3.04 8.75 6.24
N ILE A 15 4.15 8.02 6.26
CA ILE A 15 5.29 8.32 5.38
C ILE A 15 4.84 8.41 3.93
N LEU A 16 3.76 7.72 3.61
CA LEU A 16 3.21 7.69 2.27
C LEU A 16 2.78 9.05 1.77
N VAL A 17 1.57 9.41 2.14
CA VAL A 17 0.99 10.65 1.70
C VAL A 17 0.38 11.40 2.87
N ARG A 18 1.08 11.38 4.00
CA ARG A 18 0.59 12.05 5.19
C ARG A 18 1.68 12.94 5.78
N VAL A 19 1.57 14.24 5.51
CA VAL A 19 2.54 15.21 6.02
C VAL A 19 2.14 16.63 5.66
N ASP B 1 3.70 -15.51 -10.23
CA ASP B 1 4.59 -14.70 -9.35
C ASP B 1 4.16 -13.24 -9.34
N VAL B 2 4.75 -12.46 -8.45
CA VAL B 2 4.43 -11.05 -8.33
C VAL B 2 5.42 -10.33 -7.41
N GLN B 3 5.49 -9.01 -7.53
CA GLN B 3 6.41 -8.22 -6.72
C GLN B 3 5.92 -6.78 -6.60
N VAL B 4 5.92 -6.26 -5.38
CA VAL B 4 5.48 -4.89 -5.13
C VAL B 4 6.44 -3.90 -5.76
N THR B 5 5.97 -3.21 -6.78
CA THR B 5 6.81 -2.25 -7.47
C THR B 5 6.12 -0.91 -7.66
N GLU B 6 6.93 0.08 -7.96
CA GLU B 6 6.44 1.42 -8.20
C GLU B 6 5.43 1.44 -9.33
N ASP B 7 5.84 0.88 -10.45
CA ASP B 7 4.99 0.82 -11.64
C ASP B 7 3.76 -0.06 -11.43
N ALA B 8 3.88 -1.04 -10.54
CA ALA B 8 2.77 -1.95 -10.25
C ALA B 8 1.64 -1.22 -9.55
N VAL B 9 1.94 -0.63 -8.41
CA VAL B 9 0.93 0.08 -7.63
C VAL B 9 0.15 1.07 -8.50
N ARG B 10 0.81 1.59 -9.54
CA ARG B 10 0.18 2.53 -10.46
C ARG B 10 -1.07 1.90 -11.09
N ARG B 11 -0.93 0.66 -11.54
CA ARG B 11 -2.02 -0.08 -12.17
C ARG B 11 -3.19 -0.24 -11.21
N TYR B 12 -2.88 -0.20 -9.91
CA TYR B 12 -3.92 -0.35 -8.89
C TYR B 12 -4.69 0.96 -8.72
N LEU B 13 -3.98 2.07 -8.76
CA LEU B 13 -4.59 3.39 -8.61
C LEU B 13 -5.43 3.73 -9.83
N THR B 14 -4.80 3.82 -10.99
CA THR B 14 -5.50 4.13 -12.23
C THR B 14 -6.76 3.29 -12.37
N ARG B 15 -6.72 2.10 -11.76
CA ARG B 15 -7.85 1.20 -11.81
C ARG B 15 -8.83 1.50 -10.68
N LYS B 16 -8.33 1.60 -9.46
CA LYS B 16 -9.16 1.88 -8.29
C LYS B 16 -8.30 2.25 -7.09
N PRO B 17 -8.58 3.39 -6.42
CA PRO B 17 -7.81 3.83 -5.25
C PRO B 17 -7.62 2.71 -4.23
N MET B 18 -6.77 2.96 -3.25
CA MET B 18 -6.46 1.96 -2.22
C MET B 18 -5.95 2.61 -0.95
N THR B 19 -5.63 1.75 0.02
CA THR B 19 -5.08 2.17 1.30
C THR B 19 -3.71 1.51 1.45
N THR B 20 -2.94 1.91 2.45
CA THR B 20 -1.62 1.29 2.64
C THR B 20 -1.76 -0.13 3.13
N LYS B 21 -2.80 -0.38 3.91
CA LYS B 21 -3.06 -1.72 4.42
C LYS B 21 -3.67 -2.56 3.32
N ASP B 22 -4.65 -1.99 2.63
CA ASP B 22 -5.32 -2.68 1.55
C ASP B 22 -4.37 -2.96 0.37
N LEU B 23 -3.26 -2.21 0.32
CA LEU B 23 -2.29 -2.39 -0.77
C LEU B 23 -1.40 -3.61 -0.54
N LEU B 24 -1.03 -3.85 0.71
CA LEU B 24 -0.16 -4.97 1.05
C LEU B 24 -0.93 -6.29 1.17
N LYS B 25 -2.03 -6.28 1.94
CA LYS B 25 -2.84 -7.47 2.14
C LYS B 25 -3.13 -8.20 0.83
N LYS B 26 -3.17 -7.45 -0.26
CA LYS B 26 -3.44 -8.05 -1.56
C LYS B 26 -2.20 -8.78 -2.09
N PHE B 27 -1.03 -8.17 -1.94
CA PHE B 27 0.21 -8.78 -2.38
C PHE B 27 0.53 -10.01 -1.55
N GLN B 28 0.77 -9.77 -0.27
CA GLN B 28 1.08 -10.83 0.67
C GLN B 28 2.23 -11.70 0.17
N THR B 29 2.67 -12.63 1.02
CA THR B 29 3.77 -13.54 0.68
C THR B 29 3.29 -14.68 -0.21
N LYS B 30 2.02 -14.66 -0.59
CA LYS B 30 1.45 -15.71 -1.43
C LYS B 30 2.36 -16.03 -2.61
N LYS B 31 2.96 -15.00 -3.20
CA LYS B 31 3.85 -15.19 -4.34
C LYS B 31 5.06 -14.26 -4.26
N THR B 32 4.81 -13.00 -3.90
CA THR B 32 5.89 -12.03 -3.79
C THR B 32 7.00 -12.53 -2.87
N GLY B 33 6.70 -13.53 -2.05
CA GLY B 33 7.68 -14.06 -1.13
C GLY B 33 8.06 -13.05 -0.08
N LEU B 34 7.20 -12.05 0.09
CA LEU B 34 7.42 -11.00 1.05
C LEU B 34 6.47 -11.12 2.24
N SER B 35 7.04 -11.26 3.43
CA SER B 35 6.26 -11.40 4.66
C SER B 35 5.20 -10.32 4.76
N SER B 36 4.19 -10.56 5.60
CA SER B 36 3.14 -9.58 5.81
C SER B 36 3.73 -8.28 6.33
N GLU B 37 4.89 -8.39 6.95
CA GLU B 37 5.59 -7.24 7.50
C GLU B 37 6.52 -6.65 6.45
N GLN B 38 7.34 -7.50 5.86
CA GLN B 38 8.28 -7.08 4.83
C GLN B 38 7.53 -6.47 3.66
N THR B 39 6.41 -7.09 3.29
CA THR B 39 5.58 -6.58 2.21
C THR B 39 5.30 -5.10 2.43
N VAL B 40 5.24 -4.71 3.70
CA VAL B 40 5.00 -3.31 4.06
C VAL B 40 6.29 -2.52 4.00
N ASN B 41 7.37 -3.14 4.46
CA ASN B 41 8.69 -2.52 4.45
C ASN B 41 9.09 -2.19 3.02
N VAL B 42 8.62 -3.01 2.09
CA VAL B 42 8.91 -2.83 0.67
C VAL B 42 7.75 -2.12 -0.04
N LEU B 43 6.65 -1.93 0.68
CA LEU B 43 5.49 -1.27 0.12
C LEU B 43 5.50 0.21 0.44
N ALA B 44 5.90 0.53 1.67
CA ALA B 44 5.96 1.93 2.11
C ALA B 44 6.82 2.77 1.19
N GLN B 45 7.90 2.19 0.68
CA GLN B 45 8.80 2.88 -0.21
C GLN B 45 8.14 3.26 -1.53
N ILE B 46 7.35 2.34 -2.08
CA ILE B 46 6.67 2.56 -3.35
C ILE B 46 5.44 3.44 -3.19
N LEU B 47 4.60 3.12 -2.21
CA LEU B 47 3.36 3.85 -1.96
C LEU B 47 3.46 5.35 -2.32
N LYS B 48 4.32 6.07 -1.62
CA LYS B 48 4.49 7.50 -1.84
C LYS B 48 4.93 7.82 -3.26
N ARG B 49 5.66 6.91 -3.87
CA ARG B 49 6.15 7.11 -5.23
C ARG B 49 4.99 7.39 -6.18
N LEU B 50 3.79 6.96 -5.80
CA LEU B 50 2.60 7.15 -6.60
C LEU B 50 2.28 8.62 -6.78
N ASN B 51 2.30 9.35 -5.69
CA ASN B 51 2.00 10.77 -5.71
C ASN B 51 0.58 11.00 -6.21
N PRO B 52 -0.42 10.44 -5.50
CA PRO B 52 -1.81 10.55 -5.84
C PRO B 52 -2.50 11.61 -5.00
N GLU B 53 -3.82 11.50 -4.92
CA GLU B 53 -4.61 12.43 -4.14
C GLU B 53 -5.38 11.68 -3.06
N ARG B 54 -5.46 12.26 -1.88
CA ARG B 54 -6.15 11.61 -0.77
C ARG B 54 -7.66 11.79 -0.87
N LYS B 55 -8.36 10.69 -0.64
CA LYS B 55 -9.82 10.67 -0.70
C LYS B 55 -10.33 9.50 0.14
N MET B 56 -11.60 9.57 0.55
CA MET B 56 -12.18 8.50 1.36
C MET B 56 -12.96 7.51 0.51
N ILE B 57 -12.42 6.31 0.38
CA ILE B 57 -13.07 5.25 -0.39
C ILE B 57 -13.96 4.42 0.53
N ASN B 58 -15.27 4.53 0.33
CA ASN B 58 -16.23 3.80 1.15
C ASN B 58 -16.10 4.18 2.61
N ASP B 59 -15.85 5.46 2.87
CA ASP B 59 -15.70 5.98 4.23
C ASP B 59 -14.32 5.66 4.79
N LYS B 60 -13.42 5.17 3.94
CA LYS B 60 -12.07 4.84 4.38
C LYS B 60 -11.04 5.72 3.68
N MET B 61 -10.09 6.24 4.46
CA MET B 61 -9.05 7.10 3.90
C MET B 61 -8.20 6.35 2.90
N HIS B 62 -8.36 6.68 1.63
CA HIS B 62 -7.62 6.07 0.55
C HIS B 62 -6.87 7.13 -0.25
N PHE B 63 -5.72 6.75 -0.79
CA PHE B 63 -4.90 7.66 -1.58
C PHE B 63 -4.60 7.05 -2.95
N SER B 64 -4.97 7.75 -4.01
CA SER B 64 -4.74 7.25 -5.36
C SER B 64 -5.16 8.25 -6.43
N LEU B 65 -4.78 7.96 -7.67
CA LEU B 65 -5.11 8.80 -8.81
C LEU B 65 -6.04 8.04 -9.74
N LYS B 66 -6.62 8.74 -10.71
CA LYS B 66 -7.52 8.10 -11.64
C LYS B 66 -7.35 8.67 -13.05
N GLU B 67 -6.73 7.88 -13.92
CA GLU B 67 -6.51 8.29 -15.29
C GLU B 67 -7.77 8.10 -16.12
N GLU A 1 3.85 -8.04 21.87
CA GLU A 1 2.41 -7.71 22.08
C GLU A 1 1.52 -8.62 21.25
N ASP A 2 0.22 -8.55 21.50
CA ASP A 2 -0.76 -9.36 20.77
C ASP A 2 -0.75 -9.00 19.28
N ASP A 4 1.60 -7.28 17.12
CA ASP A 4 1.83 -5.87 16.88
C ASP A 4 2.38 -5.64 15.48
N GLU A 5 1.73 -6.25 14.50
CA GLU A 5 2.14 -6.11 13.11
C GLU A 5 1.50 -4.87 12.49
N ASP A 6 0.20 -4.70 12.75
CA ASP A 6 -0.55 -3.57 12.22
C ASP A 6 0.12 -2.25 12.59
N ASP A 7 0.92 -2.26 13.64
CA ASP A 7 1.63 -1.05 14.07
C ASP A 7 2.38 -0.40 12.93
N HIS A 8 3.11 -1.21 12.18
CA HIS A 8 3.88 -0.72 11.06
C HIS A 8 3.00 -0.51 9.83
N LEU A 9 1.86 -1.20 9.80
CA LEU A 9 0.94 -1.09 8.68
C LEU A 9 0.41 0.34 8.55
N ILE A 10 0.04 0.93 9.67
CA ILE A 10 -0.48 2.28 9.68
C ILE A 10 0.66 3.31 9.73
N TYR A 11 1.78 2.92 10.35
CA TYR A 11 2.93 3.80 10.49
C TYR A 11 3.53 4.15 9.14
N LEU A 12 3.69 3.18 8.28
CA LEU A 12 4.24 3.43 6.96
C LEU A 12 3.22 4.22 6.13
N GLU A 13 1.97 4.18 6.55
CA GLU A 13 0.92 4.90 5.85
C GLU A 13 1.19 6.41 5.91
N GLU A 14 1.82 6.83 7.01
CA GLU A 14 2.14 8.24 7.21
C GLU A 14 3.26 8.70 6.28
N ILE A 15 4.30 7.89 6.18
CA ILE A 15 5.44 8.22 5.33
C ILE A 15 5.00 8.42 3.88
N LEU A 16 3.90 7.77 3.53
CA LEU A 16 3.35 7.84 2.20
C LEU A 16 2.70 9.18 1.92
N VAL A 17 1.48 9.29 2.38
CA VAL A 17 0.69 10.47 2.16
C VAL A 17 -0.13 10.81 3.40
N ARG A 18 0.41 10.45 4.55
CA ARG A 18 -0.27 10.70 5.81
C ARG A 18 0.70 11.17 6.89
N VAL A 19 1.67 12.01 6.48
CA VAL A 19 2.66 12.53 7.41
C VAL A 19 2.00 13.35 8.52
N ASP B 1 6.40 -16.14 -7.06
CA ASP B 1 6.29 -15.03 -6.07
C ASP B 1 6.26 -13.67 -6.78
N VAL B 2 5.11 -12.99 -6.70
CA VAL B 2 4.95 -11.69 -7.32
C VAL B 2 5.92 -10.68 -6.72
N GLN B 3 6.42 -9.77 -7.56
CA GLN B 3 7.36 -8.74 -7.12
C GLN B 3 6.63 -7.41 -6.91
N VAL B 4 6.92 -6.78 -5.78
CA VAL B 4 6.29 -5.50 -5.46
C VAL B 4 7.05 -4.35 -6.11
N THR B 5 6.40 -3.67 -7.03
CA THR B 5 7.03 -2.56 -7.73
C THR B 5 6.16 -1.33 -7.77
N GLU B 6 6.77 -0.25 -8.21
CA GLU B 6 6.08 1.02 -8.34
C GLU B 6 5.06 0.97 -9.46
N ASP B 7 5.54 0.58 -10.64
CA ASP B 7 4.70 0.48 -11.82
C ASP B 7 3.44 -0.34 -11.55
N ALA B 8 3.53 -1.25 -10.59
CA ALA B 8 2.42 -2.11 -10.23
C ALA B 8 1.38 -1.37 -9.40
N VAL B 9 1.84 -0.48 -8.53
CA VAL B 9 0.94 0.27 -7.67
C VAL B 9 0.22 1.37 -8.44
N ARG B 10 0.96 2.03 -9.32
CA ARG B 10 0.39 3.11 -10.14
C ARG B 10 -0.85 2.61 -10.88
N ARG B 11 -0.79 1.37 -11.36
CA ARG B 11 -1.90 0.76 -12.07
C ARG B 11 -3.05 0.45 -11.12
N TYR B 12 -2.71 0.20 -9.85
CA TYR B 12 -3.72 -0.08 -8.84
C TYR B 12 -4.59 1.15 -8.61
N LEU B 13 -3.95 2.30 -8.66
CA LEU B 13 -4.64 3.57 -8.47
C LEU B 13 -5.47 3.93 -9.69
N THR B 14 -4.81 3.98 -10.85
CA THR B 14 -5.49 4.31 -12.09
C THR B 14 -6.73 3.44 -12.28
N ARG B 15 -6.72 2.27 -11.65
CA ARG B 15 -7.84 1.36 -11.75
C ARG B 15 -8.83 1.56 -10.60
N LYS B 16 -8.30 1.82 -9.40
CA LYS B 16 -9.15 2.04 -8.22
C LYS B 16 -8.29 2.37 -6.99
N PRO B 17 -8.66 3.42 -6.24
CA PRO B 17 -7.92 3.85 -5.04
C PRO B 17 -7.79 2.77 -3.98
N MET B 18 -6.73 2.84 -3.19
CA MET B 18 -6.47 1.87 -2.13
C MET B 18 -5.72 2.49 -0.97
N THR B 19 -5.77 1.83 0.17
CA THR B 19 -5.04 2.25 1.35
C THR B 19 -3.74 1.45 1.38
N THR B 20 -2.89 1.64 2.39
CA THR B 20 -1.65 0.88 2.44
C THR B 20 -1.92 -0.58 2.77
N LYS B 21 -2.78 -0.80 3.75
CA LYS B 21 -3.15 -2.16 4.14
C LYS B 21 -3.81 -2.87 2.99
N ASP B 22 -4.82 -2.23 2.42
CA ASP B 22 -5.56 -2.79 1.30
C ASP B 22 -4.64 -3.09 0.11
N LEU B 23 -3.54 -2.36 0.03
CA LEU B 23 -2.58 -2.54 -1.06
C LEU B 23 -1.62 -3.68 -0.78
N LEU B 24 -1.17 -3.75 0.46
CA LEU B 24 -0.21 -4.78 0.89
C LEU B 24 -0.90 -6.10 1.27
N LYS B 25 -2.16 -6.02 1.68
CA LYS B 25 -2.89 -7.23 2.09
C LYS B 25 -2.75 -8.35 1.06
N LYS B 26 -2.66 -7.97 -0.21
CA LYS B 26 -2.53 -8.96 -1.28
C LYS B 26 -1.06 -9.31 -1.52
N PHE B 27 -0.19 -8.31 -1.53
CA PHE B 27 1.23 -8.53 -1.75
C PHE B 27 1.84 -9.42 -0.65
N GLN B 28 1.09 -9.64 0.42
CA GLN B 28 1.55 -10.46 1.54
C GLN B 28 2.20 -11.75 1.06
N THR B 29 2.76 -12.51 1.99
CA THR B 29 3.42 -13.78 1.68
C THR B 29 2.50 -14.71 0.90
N LYS B 30 1.19 -14.42 0.92
CA LYS B 30 0.21 -15.24 0.21
C LYS B 30 0.73 -15.74 -1.13
N LYS B 31 1.57 -14.95 -1.80
CA LYS B 31 2.13 -15.34 -3.08
C LYS B 31 3.56 -14.84 -3.25
N THR B 32 3.76 -13.54 -3.10
CA THR B 32 5.09 -12.96 -3.24
C THR B 32 6.09 -13.61 -2.28
N GLY B 33 5.58 -14.38 -1.32
CA GLY B 33 6.46 -15.02 -0.36
C GLY B 33 7.11 -14.02 0.56
N LEU B 34 6.54 -12.83 0.61
CA LEU B 34 7.06 -11.76 1.45
C LEU B 34 6.20 -11.57 2.69
N SER B 35 6.83 -11.68 3.85
CA SER B 35 6.13 -11.52 5.14
C SER B 35 5.12 -10.39 5.11
N SER B 36 4.07 -10.51 5.91
CA SER B 36 3.05 -9.49 5.98
C SER B 36 3.64 -8.16 6.46
N GLU B 37 4.77 -8.26 7.16
CA GLU B 37 5.45 -7.09 7.68
C GLU B 37 6.47 -6.59 6.68
N GLN B 38 7.28 -7.50 6.17
CA GLN B 38 8.31 -7.16 5.19
C GLN B 38 7.66 -6.58 3.94
N THR B 39 6.59 -7.21 3.47
CA THR B 39 5.87 -6.74 2.29
C THR B 39 5.58 -5.25 2.41
N VAL B 40 5.31 -4.82 3.64
CA VAL B 40 5.02 -3.42 3.91
C VAL B 40 6.31 -2.61 3.90
N ASN B 41 7.34 -3.16 4.53
CA ASN B 41 8.64 -2.51 4.58
C ASN B 41 9.14 -2.24 3.15
N VAL B 42 8.68 -3.04 2.21
CA VAL B 42 9.05 -2.89 0.81
C VAL B 42 7.95 -2.20 0.01
N LEU B 43 6.76 -2.13 0.58
CA LEU B 43 5.63 -1.50 -0.09
C LEU B 43 5.57 -0.01 0.25
N ALA B 44 5.80 0.31 1.51
CA ALA B 44 5.78 1.70 1.97
C ALA B 44 6.66 2.59 1.11
N GLN B 45 7.79 2.04 0.67
CA GLN B 45 8.73 2.79 -0.15
C GLN B 45 8.12 3.15 -1.51
N ILE B 46 7.34 2.24 -2.06
CA ILE B 46 6.72 2.46 -3.36
C ILE B 46 5.48 3.36 -3.27
N LEU B 47 4.64 3.14 -2.27
CA LEU B 47 3.41 3.91 -2.10
C LEU B 47 3.61 5.41 -2.38
N LYS B 48 4.62 6.02 -1.77
CA LYS B 48 4.88 7.44 -1.96
C LYS B 48 5.17 7.77 -3.42
N ARG B 49 5.68 6.78 -4.15
CA ARG B 49 5.99 6.96 -5.56
C ARG B 49 4.72 7.25 -6.35
N LEU B 50 3.59 6.91 -5.77
CA LEU B 50 2.30 7.11 -6.42
C LEU B 50 2.02 8.58 -6.68
N ASN B 51 2.24 9.39 -5.67
CA ASN B 51 2.00 10.82 -5.77
C ASN B 51 0.56 11.05 -6.23
N PRO B 52 -0.40 10.52 -5.46
CA PRO B 52 -1.82 10.63 -5.76
C PRO B 52 -2.49 11.69 -4.88
N GLU B 53 -3.80 11.58 -4.76
CA GLU B 53 -4.56 12.50 -3.95
C GLU B 53 -5.29 11.73 -2.86
N ARG B 54 -5.34 12.30 -1.66
CA ARG B 54 -5.99 11.64 -0.55
C ARG B 54 -7.49 11.80 -0.61
N LYS B 55 -8.18 10.70 -0.38
CA LYS B 55 -9.65 10.66 -0.40
C LYS B 55 -10.14 9.50 0.43
N MET B 56 -11.40 9.55 0.85
CA MET B 56 -11.97 8.49 1.67
C MET B 56 -12.89 7.60 0.84
N ILE B 57 -12.45 6.36 0.62
CA ILE B 57 -13.24 5.39 -0.14
C ILE B 57 -14.12 4.58 0.82
N ASN B 58 -15.42 4.81 0.75
CA ASN B 58 -16.36 4.10 1.60
C ASN B 58 -16.06 4.38 3.07
N ASP B 59 -15.73 5.63 3.38
CA ASP B 59 -15.42 6.05 4.74
C ASP B 59 -14.03 5.57 5.16
N LYS B 60 -13.24 5.11 4.19
CA LYS B 60 -11.88 4.63 4.48
C LYS B 60 -10.84 5.51 3.79
N MET B 61 -9.82 5.93 4.54
CA MET B 61 -8.77 6.76 3.98
C MET B 61 -8.05 6.03 2.86
N HIS B 62 -8.27 6.48 1.63
CA HIS B 62 -7.66 5.89 0.46
C HIS B 62 -6.86 6.93 -0.33
N PHE B 63 -5.63 6.60 -0.69
CA PHE B 63 -4.78 7.49 -1.46
C PHE B 63 -4.60 6.94 -2.86
N SER B 64 -4.93 7.73 -3.87
CA SER B 64 -4.82 7.26 -5.25
C SER B 64 -5.24 8.32 -6.26
N LEU B 65 -4.95 8.06 -7.53
CA LEU B 65 -5.30 8.96 -8.62
C LEU B 65 -6.22 8.24 -9.59
N LYS B 66 -6.81 8.97 -10.51
CA LYS B 66 -7.69 8.37 -11.48
C LYS B 66 -7.48 8.96 -12.87
N GLU B 67 -6.85 8.18 -13.74
CA GLU B 67 -6.57 8.61 -15.10
C GLU B 67 -7.81 8.47 -15.97
N GLU A 1 2.88 -15.43 18.13
CA GLU A 1 2.37 -14.48 19.15
C GLU A 1 2.68 -13.04 18.77
N ASP A 2 3.95 -12.67 18.78
CA ASP A 2 4.37 -11.33 18.42
C ASP A 2 3.99 -11.00 16.97
N ASP A 4 3.44 -8.08 15.26
CA ASP A 4 3.55 -6.65 15.09
C ASP A 4 3.54 -6.27 13.60
N GLU A 5 2.57 -6.80 12.86
CA GLU A 5 2.45 -6.52 11.45
C GLU A 5 1.64 -5.24 11.23
N ASP A 6 0.64 -5.04 12.08
CA ASP A 6 -0.22 -3.88 12.00
C ASP A 6 0.39 -2.67 12.72
N ASP A 7 1.29 -2.95 13.66
CA ASP A 7 1.95 -1.89 14.42
C ASP A 7 2.59 -0.87 13.52
N HIS A 8 3.45 -1.33 12.63
CA HIS A 8 4.14 -0.47 11.69
C HIS A 8 3.25 -0.11 10.51
N LEU A 9 2.23 -0.94 10.27
CA LEU A 9 1.30 -0.72 9.16
C LEU A 9 0.81 0.72 9.13
N ILE A 10 0.65 1.32 10.31
CA ILE A 10 0.20 2.69 10.40
C ILE A 10 1.39 3.66 10.29
N TYR A 11 2.56 3.20 10.72
CA TYR A 11 3.78 4.02 10.66
C TYR A 11 4.15 4.33 9.22
N LEU A 12 4.01 3.35 8.35
CA LEU A 12 4.34 3.54 6.95
C LEU A 12 3.20 4.26 6.24
N GLU A 13 2.02 4.24 6.84
CA GLU A 13 0.87 4.90 6.25
C GLU A 13 1.11 6.41 6.14
N GLU A 14 1.89 6.95 7.06
CA GLU A 14 2.19 8.38 7.07
C GLU A 14 3.29 8.74 6.09
N ILE A 15 4.39 7.99 6.12
CA ILE A 15 5.50 8.26 5.21
C ILE A 15 5.03 8.33 3.76
N LEU A 16 3.93 7.65 3.50
CA LEU A 16 3.34 7.61 2.17
C LEU A 16 2.74 8.94 1.77
N VAL A 17 1.53 9.16 2.24
CA VAL A 17 0.80 10.35 1.93
C VAL A 17 0.03 10.83 3.15
N ARG A 18 0.59 10.53 4.31
CA ARG A 18 -0.04 10.92 5.57
C ARG A 18 1.01 11.33 6.61
N VAL A 19 2.05 12.02 6.14
CA VAL A 19 3.12 12.47 7.04
C VAL A 19 2.58 13.37 8.13
N ASP B 1 5.45 -15.51 -9.16
CA ASP B 1 5.93 -14.75 -7.99
C ASP B 1 5.89 -13.24 -8.24
N VAL B 2 4.71 -12.64 -8.04
CA VAL B 2 4.54 -11.21 -8.25
C VAL B 2 5.42 -10.41 -7.31
N GLN B 3 6.25 -9.53 -7.88
CA GLN B 3 7.13 -8.69 -7.08
C GLN B 3 6.56 -7.29 -6.90
N VAL B 4 6.60 -6.79 -5.68
CA VAL B 4 6.08 -5.46 -5.39
C VAL B 4 6.90 -4.38 -6.07
N THR B 5 6.26 -3.67 -6.99
CA THR B 5 6.95 -2.62 -7.73
C THR B 5 6.16 -1.34 -7.76
N GLU B 6 6.84 -0.30 -8.22
CA GLU B 6 6.25 1.02 -8.34
C GLU B 6 5.20 1.04 -9.44
N ASP B 7 5.61 0.60 -10.62
CA ASP B 7 4.73 0.57 -11.78
C ASP B 7 3.46 -0.24 -11.52
N ALA B 8 3.56 -1.21 -10.62
CA ALA B 8 2.43 -2.07 -10.30
C ALA B 8 1.39 -1.34 -9.45
N VAL B 9 1.86 -0.41 -8.62
CA VAL B 9 0.96 0.33 -7.76
C VAL B 9 0.23 1.41 -8.55
N ARG B 10 0.91 2.02 -9.50
CA ARG B 10 0.32 3.04 -10.34
C ARG B 10 -0.95 2.52 -11.01
N ARG B 11 -0.85 1.30 -11.56
CA ARG B 11 -1.98 0.67 -12.22
C ARG B 11 -3.11 0.39 -11.22
N TYR B 12 -2.74 0.25 -9.96
CA TYR B 12 -3.74 0.00 -8.91
C TYR B 12 -4.55 1.26 -8.64
N LEU B 13 -3.87 2.41 -8.72
CA LEU B 13 -4.52 3.70 -8.49
C LEU B 13 -5.37 4.10 -9.68
N THR B 14 -4.75 4.22 -10.85
CA THR B 14 -5.45 4.60 -12.07
C THR B 14 -6.74 3.80 -12.20
N ARG B 15 -6.75 2.61 -11.62
CA ARG B 15 -7.91 1.75 -11.67
C ARG B 15 -8.87 2.09 -10.53
N LYS B 16 -8.35 2.11 -9.30
CA LYS B 16 -9.17 2.41 -8.14
C LYS B 16 -8.28 2.67 -6.91
N PRO B 17 -8.57 3.72 -6.12
CA PRO B 17 -7.76 4.06 -4.95
C PRO B 17 -7.59 2.89 -4.00
N MET B 18 -6.81 3.11 -2.94
CA MET B 18 -6.51 2.07 -1.97
C MET B 18 -5.93 2.64 -0.69
N THR B 19 -5.79 1.77 0.31
CA THR B 19 -5.20 2.14 1.59
C THR B 19 -3.87 1.41 1.73
N THR B 20 -2.97 1.91 2.56
CA THR B 20 -1.68 1.25 2.73
C THR B 20 -1.85 -0.17 3.22
N LYS B 21 -2.80 -0.35 4.12
CA LYS B 21 -3.11 -1.67 4.66
C LYS B 21 -3.67 -2.56 3.56
N ASP B 22 -4.67 -2.04 2.86
CA ASP B 22 -5.30 -2.78 1.77
C ASP B 22 -4.32 -3.05 0.63
N LEU B 23 -3.25 -2.25 0.56
CA LEU B 23 -2.26 -2.41 -0.50
C LEU B 23 -1.32 -3.58 -0.26
N LEU B 24 -0.81 -3.70 0.95
CA LEU B 24 0.12 -4.78 1.28
C LEU B 24 -0.61 -6.12 1.38
N LYS B 25 -1.69 -6.14 2.15
CA LYS B 25 -2.46 -7.36 2.33
C LYS B 25 -2.87 -7.96 0.99
N LYS B 26 -2.93 -7.12 -0.04
CA LYS B 26 -3.29 -7.58 -1.37
C LYS B 26 -2.17 -8.43 -1.97
N PHE B 27 -0.93 -7.97 -1.82
CA PHE B 27 0.22 -8.68 -2.32
C PHE B 27 0.44 -9.94 -1.52
N GLN B 28 0.56 -9.74 -0.22
CA GLN B 28 0.77 -10.83 0.73
C GLN B 28 1.94 -11.72 0.28
N THR B 29 2.29 -12.68 1.15
CA THR B 29 3.38 -13.60 0.85
C THR B 29 2.92 -14.73 -0.07
N LYS B 30 1.67 -14.68 -0.51
CA LYS B 30 1.11 -15.69 -1.39
C LYS B 30 2.05 -15.99 -2.56
N LYS B 31 2.58 -14.94 -3.17
CA LYS B 31 3.48 -15.11 -4.31
C LYS B 31 4.74 -14.27 -4.16
N THR B 32 4.57 -13.01 -3.77
CA THR B 32 5.71 -12.11 -3.58
C THR B 32 6.73 -12.72 -2.63
N GLY B 33 6.32 -13.74 -1.87
CA GLY B 33 7.23 -14.36 -0.93
C GLY B 33 7.68 -13.38 0.12
N LEU B 34 6.90 -12.31 0.28
CA LEU B 34 7.21 -11.26 1.24
C LEU B 34 6.28 -11.35 2.45
N SER B 35 6.89 -11.49 3.62
CA SER B 35 6.15 -11.57 4.88
C SER B 35 5.08 -10.48 4.97
N SER B 36 4.11 -10.68 5.85
CA SER B 36 3.05 -9.69 6.05
C SER B 36 3.66 -8.37 6.51
N GLU B 37 4.83 -8.45 7.13
CA GLU B 37 5.55 -7.29 7.61
C GLU B 37 6.47 -6.75 6.53
N GLN B 38 7.22 -7.66 5.93
CA GLN B 38 8.16 -7.30 4.87
C GLN B 38 7.40 -6.69 3.69
N THR B 39 6.26 -7.29 3.36
CA THR B 39 5.43 -6.79 2.27
C THR B 39 5.18 -5.30 2.46
N VAL B 40 5.17 -4.87 3.72
CA VAL B 40 4.97 -3.47 4.05
C VAL B 40 6.27 -2.70 3.95
N ASN B 41 7.34 -3.33 4.44
CA ASN B 41 8.66 -2.73 4.41
C ASN B 41 9.07 -2.41 2.97
N VAL B 42 8.53 -3.18 2.03
CA VAL B 42 8.81 -2.99 0.62
C VAL B 42 7.66 -2.26 -0.08
N LEU B 43 6.56 -2.06 0.64
CA LEU B 43 5.40 -1.37 0.10
C LEU B 43 5.43 0.11 0.45
N ALA B 44 5.91 0.41 1.65
CA ALA B 44 6.00 1.79 2.13
C ALA B 44 6.86 2.64 1.19
N GLN B 45 7.94 2.05 0.70
CA GLN B 45 8.85 2.74 -0.18
C GLN B 45 8.20 3.07 -1.53
N ILE B 46 7.44 2.11 -2.06
CA ILE B 46 6.77 2.30 -3.35
C ILE B 46 5.48 3.11 -3.23
N LEU B 47 4.83 2.99 -2.08
CA LEU B 47 3.56 3.69 -1.85
C LEU B 47 3.65 5.18 -2.22
N LYS B 48 4.59 5.89 -1.60
CA LYS B 48 4.74 7.33 -1.83
C LYS B 48 5.09 7.67 -3.28
N ARG B 49 5.76 6.77 -3.98
CA ARG B 49 6.13 7.01 -5.37
C ARG B 49 4.91 7.37 -6.19
N LEU B 50 3.74 6.96 -5.71
CA LEU B 50 2.49 7.21 -6.40
C LEU B 50 2.18 8.69 -6.53
N ASN B 51 2.30 9.41 -5.42
CA ASN B 51 2.03 10.84 -5.40
C ASN B 51 0.62 11.10 -5.92
N PRO B 52 -0.39 10.49 -5.27
CA PRO B 52 -1.79 10.62 -5.63
C PRO B 52 -2.51 11.61 -4.73
N GLU B 53 -3.82 11.50 -4.70
CA GLU B 53 -4.64 12.36 -3.87
C GLU B 53 -5.44 11.51 -2.90
N ARG B 54 -5.56 11.99 -1.66
CA ARG B 54 -6.30 11.25 -0.65
C ARG B 54 -7.80 11.43 -0.79
N LYS B 55 -8.51 10.31 -0.68
CA LYS B 55 -9.97 10.30 -0.80
C LYS B 55 -10.54 9.11 -0.04
N MET B 56 -11.73 9.27 0.52
CA MET B 56 -12.34 8.18 1.28
C MET B 56 -13.20 7.29 0.40
N ILE B 57 -12.71 6.08 0.14
CA ILE B 57 -13.44 5.12 -0.67
C ILE B 57 -14.30 4.22 0.23
N ASN B 58 -15.61 4.39 0.13
CA ASN B 58 -16.54 3.59 0.94
C ASN B 58 -16.29 3.80 2.43
N ASP B 59 -16.01 5.06 2.81
CA ASP B 59 -15.76 5.41 4.20
C ASP B 59 -14.34 5.00 4.63
N LYS B 60 -13.51 4.60 3.66
CA LYS B 60 -12.14 4.21 3.95
C LYS B 60 -11.15 5.16 3.30
N MET B 61 -10.17 5.62 4.06
CA MET B 61 -9.18 6.54 3.53
C MET B 61 -8.31 5.85 2.47
N HIS B 62 -8.52 6.24 1.22
CA HIS B 62 -7.77 5.71 0.10
C HIS B 62 -7.08 6.83 -0.66
N PHE B 63 -5.83 6.62 -1.07
CA PHE B 63 -5.08 7.63 -1.80
C PHE B 63 -4.70 7.11 -3.18
N SER B 64 -5.11 7.84 -4.22
CA SER B 64 -4.81 7.43 -5.59
C SER B 64 -5.15 8.53 -6.60
N LEU B 65 -4.71 8.32 -7.84
CA LEU B 65 -4.97 9.25 -8.91
C LEU B 65 -5.93 8.61 -9.89
N LYS B 66 -6.46 9.38 -10.82
CA LYS B 66 -7.38 8.83 -11.80
C LYS B 66 -7.08 9.31 -13.20
N GLU B 67 -6.53 8.41 -14.01
CA GLU B 67 -6.17 8.73 -15.38
C GLU B 67 -7.38 9.22 -16.16
N GLU A 1 5.74 -9.14 20.06
CA GLU A 1 4.41 -8.70 20.53
C GLU A 1 3.29 -9.53 19.90
N ASP A 2 2.10 -9.44 20.47
CA ASP A 2 0.95 -10.18 19.97
C ASP A 2 0.63 -9.78 18.53
N ASP A 4 2.57 -8.23 15.89
CA ASP A 4 2.90 -6.85 15.63
C ASP A 4 3.05 -6.60 14.13
N GLU A 5 2.08 -7.07 13.35
CA GLU A 5 2.09 -6.89 11.91
C GLU A 5 1.44 -5.55 11.53
N ASP A 6 0.43 -5.17 12.30
CA ASP A 6 -0.31 -3.95 12.04
C ASP A 6 0.35 -2.72 12.65
N ASP A 7 1.19 -2.93 13.66
CA ASP A 7 1.87 -1.82 14.33
C ASP A 7 2.56 -0.90 13.34
N HIS A 8 3.36 -1.47 12.46
CA HIS A 8 4.09 -0.72 11.46
C HIS A 8 3.19 -0.38 10.27
N LEU A 9 2.13 -1.15 10.09
CA LEU A 9 1.19 -0.92 8.99
C LEU A 9 0.68 0.52 9.00
N ILE A 10 0.52 1.08 10.18
CA ILE A 10 0.03 2.43 10.30
C ILE A 10 1.19 3.44 10.20
N TYR A 11 2.38 3.02 10.62
CA TYR A 11 3.57 3.86 10.58
C TYR A 11 3.95 4.22 9.16
N LEU A 12 3.86 3.24 8.27
CA LEU A 12 4.19 3.47 6.87
C LEU A 12 3.05 4.19 6.16
N GLU A 13 1.87 4.15 6.76
CA GLU A 13 0.71 4.80 6.18
C GLU A 13 0.93 6.31 6.09
N GLU A 14 1.67 6.85 7.05
CA GLU A 14 1.94 8.29 7.09
C GLU A 14 3.04 8.70 6.12
N ILE A 15 4.14 7.97 6.14
CA ILE A 15 5.27 8.28 5.24
C ILE A 15 4.81 8.42 3.81
N LEU A 16 3.72 7.74 3.48
CA LEU A 16 3.17 7.79 2.14
C LEU A 16 2.57 9.14 1.82
N VAL A 17 1.34 9.32 2.26
CA VAL A 17 0.61 10.53 2.02
C VAL A 17 -0.22 10.90 3.24
N ARG A 18 0.28 10.52 4.41
CA ARG A 18 -0.41 10.79 5.65
C ARG A 18 0.57 11.23 6.74
N VAL A 19 1.55 12.04 6.37
CA VAL A 19 2.55 12.52 7.30
C VAL A 19 1.97 13.61 8.21
N ASP B 1 4.89 -15.85 -8.98
CA ASP B 1 5.01 -15.13 -7.69
C ASP B 1 4.93 -13.62 -7.89
N VAL B 2 3.87 -13.01 -7.32
CA VAL B 2 3.67 -11.57 -7.44
C VAL B 2 4.84 -10.81 -6.81
N GLN B 3 5.01 -9.56 -7.23
CA GLN B 3 6.08 -8.71 -6.72
C GLN B 3 5.58 -7.29 -6.47
N VAL B 4 6.03 -6.69 -5.37
CA VAL B 4 5.62 -5.34 -5.02
C VAL B 4 6.52 -4.31 -5.68
N THR B 5 6.01 -3.67 -6.72
CA THR B 5 6.78 -2.67 -7.44
C THR B 5 5.99 -1.40 -7.67
N GLU B 6 6.71 -0.35 -7.99
CA GLU B 6 6.12 0.93 -8.27
C GLU B 6 5.16 0.83 -9.44
N ASP B 7 5.67 0.30 -10.54
CA ASP B 7 4.87 0.13 -11.76
C ASP B 7 3.58 -0.62 -11.48
N ALA B 8 3.60 -1.47 -10.47
CA ALA B 8 2.43 -2.26 -10.11
C ALA B 8 1.41 -1.43 -9.33
N VAL B 9 1.88 -0.51 -8.51
CA VAL B 9 0.99 0.31 -7.72
C VAL B 9 0.34 1.41 -8.56
N ARG B 10 1.08 1.93 -9.53
CA ARG B 10 0.58 2.98 -10.40
C ARG B 10 -0.66 2.50 -11.15
N ARG B 11 -0.66 1.23 -11.55
CA ARG B 11 -1.78 0.64 -12.27
C ARG B 11 -2.97 0.50 -11.33
N TYR B 12 -2.71 0.29 -10.05
CA TYR B 12 -3.76 0.16 -9.07
C TYR B 12 -4.57 1.46 -8.98
N LEU B 13 -3.85 2.58 -8.95
CA LEU B 13 -4.46 3.90 -8.87
C LEU B 13 -5.25 4.20 -10.14
N THR B 14 -4.56 4.18 -11.28
CA THR B 14 -5.22 4.46 -12.55
C THR B 14 -6.48 3.62 -12.70
N ARG B 15 -6.49 2.48 -12.00
CA ARG B 15 -7.64 1.60 -12.04
C ARG B 15 -8.64 1.93 -10.94
N LYS B 16 -8.14 2.45 -9.81
CA LYS B 16 -8.98 2.82 -8.67
C LYS B 16 -8.11 3.07 -7.44
N PRO B 17 -8.69 3.66 -6.37
CA PRO B 17 -7.93 3.97 -5.15
C PRO B 17 -7.62 2.76 -4.28
N MET B 18 -6.63 2.93 -3.40
CA MET B 18 -6.18 1.87 -2.51
C MET B 18 -5.63 2.44 -1.21
N THR B 19 -5.59 1.61 -0.18
CA THR B 19 -5.05 2.01 1.12
C THR B 19 -3.71 1.32 1.34
N THR B 20 -2.92 1.80 2.29
CA THR B 20 -1.62 1.18 2.55
C THR B 20 -1.80 -0.22 3.07
N LYS B 21 -2.83 -0.42 3.88
CA LYS B 21 -3.14 -1.73 4.42
C LYS B 21 -3.70 -2.61 3.32
N ASP B 22 -4.70 -2.07 2.63
CA ASP B 22 -5.33 -2.78 1.52
C ASP B 22 -4.31 -3.07 0.42
N LEU B 23 -3.27 -2.25 0.34
CA LEU B 23 -2.22 -2.43 -0.66
C LEU B 23 -1.41 -3.68 -0.39
N LEU B 24 -1.00 -3.84 0.86
CA LEU B 24 -0.20 -4.99 1.27
C LEU B 24 -1.08 -6.20 1.57
N LYS B 25 -2.28 -5.95 2.07
CA LYS B 25 -3.20 -7.02 2.41
C LYS B 25 -3.30 -8.05 1.28
N LYS B 26 -3.10 -7.57 0.05
CA LYS B 26 -3.15 -8.44 -1.11
C LYS B 26 -1.76 -8.96 -1.47
N PHE B 27 -0.74 -8.12 -1.26
CA PHE B 27 0.63 -8.49 -1.56
C PHE B 27 1.20 -9.48 -0.53
N GLN B 28 0.35 -9.93 0.40
CA GLN B 28 0.78 -10.86 1.44
C GLN B 28 1.58 -12.03 0.84
N THR B 29 2.11 -12.88 1.73
CA THR B 29 2.90 -14.03 1.30
C THR B 29 2.05 -15.05 0.54
N LYS B 30 0.73 -14.84 0.50
CA LYS B 30 -0.17 -15.75 -0.20
C LYS B 30 0.39 -16.17 -1.55
N LYS B 31 1.16 -15.29 -2.18
CA LYS B 31 1.76 -15.60 -3.48
C LYS B 31 3.02 -14.77 -3.71
N THR B 32 2.95 -13.49 -3.35
CA THR B 32 4.10 -12.61 -3.51
C THR B 32 5.34 -13.17 -2.82
N GLY B 33 5.15 -14.14 -1.94
CA GLY B 33 6.26 -14.74 -1.23
C GLY B 33 6.95 -13.72 -0.35
N LEU B 34 6.25 -12.64 -0.05
CA LEU B 34 6.78 -11.57 0.77
C LEU B 34 6.03 -11.47 2.09
N SER B 35 6.75 -11.65 3.19
CA SER B 35 6.17 -11.59 4.53
C SER B 35 5.15 -10.45 4.66
N SER B 36 4.12 -10.69 5.45
CA SER B 36 3.08 -9.68 5.67
C SER B 36 3.69 -8.40 6.23
N GLU B 37 4.85 -8.52 6.85
CA GLU B 37 5.55 -7.38 7.43
C GLU B 37 6.52 -6.77 6.42
N GLN B 38 7.31 -7.62 5.80
CA GLN B 38 8.27 -7.18 4.81
C GLN B 38 7.55 -6.56 3.62
N THR B 39 6.41 -7.16 3.25
CA THR B 39 5.60 -6.65 2.14
C THR B 39 5.33 -5.17 2.36
N VAL B 40 5.27 -4.79 3.63
CA VAL B 40 5.03 -3.39 4.01
C VAL B 40 6.33 -2.61 3.96
N ASN B 41 7.40 -3.25 4.43
CA ASN B 41 8.72 -2.64 4.43
C ASN B 41 9.15 -2.30 3.00
N VAL B 42 8.65 -3.08 2.05
CA VAL B 42 8.95 -2.87 0.64
C VAL B 42 7.80 -2.17 -0.07
N LEU B 43 6.69 -1.99 0.64
CA LEU B 43 5.53 -1.34 0.08
C LEU B 43 5.55 0.16 0.41
N ALA B 44 5.95 0.46 1.64
CA ALA B 44 6.03 1.84 2.11
C ALA B 44 6.86 2.71 1.16
N GLN B 45 7.98 2.15 0.71
CA GLN B 45 8.88 2.85 -0.18
C GLN B 45 8.21 3.21 -1.51
N ILE B 46 7.41 2.28 -2.04
CA ILE B 46 6.74 2.48 -3.31
C ILE B 46 5.50 3.37 -3.18
N LEU B 47 4.72 3.15 -2.13
CA LEU B 47 3.48 3.91 -1.90
C LEU B 47 3.62 5.39 -2.31
N LYS B 48 4.56 6.09 -1.69
CA LYS B 48 4.76 7.51 -1.96
C LYS B 48 5.08 7.78 -3.42
N ARG B 49 5.58 6.77 -4.12
CA ARG B 49 5.90 6.92 -5.54
C ARG B 49 4.64 7.19 -6.34
N LEU B 50 3.49 6.87 -5.75
CA LEU B 50 2.21 7.05 -6.40
C LEU B 50 1.91 8.51 -6.70
N ASN B 51 2.12 9.37 -5.71
CA ASN B 51 1.85 10.79 -5.87
C ASN B 51 0.41 11.01 -6.33
N PRO B 52 -0.57 10.46 -5.58
CA PRO B 52 -1.98 10.57 -5.87
C PRO B 52 -2.66 11.61 -5.00
N GLU B 53 -3.97 11.52 -4.90
CA GLU B 53 -4.74 12.42 -4.08
C GLU B 53 -5.49 11.63 -3.02
N ARG B 54 -5.55 12.16 -1.82
CA ARG B 54 -6.22 11.47 -0.72
C ARG B 54 -7.73 11.64 -0.80
N LYS B 55 -8.42 10.52 -0.66
CA LYS B 55 -9.88 10.49 -0.70
C LYS B 55 -10.40 9.27 0.04
N MET B 56 -11.35 9.47 0.94
CA MET B 56 -11.90 8.37 1.72
C MET B 56 -12.88 7.54 0.88
N ILE B 57 -12.48 6.31 0.59
CA ILE B 57 -13.33 5.40 -0.17
C ILE B 57 -14.20 4.60 0.79
N ASN B 58 -15.52 4.70 0.61
CA ASN B 58 -16.49 4.00 1.45
C ASN B 58 -16.18 4.21 2.94
N ASP B 59 -15.74 5.43 3.28
CA ASP B 59 -15.41 5.79 4.66
C ASP B 59 -14.03 5.28 5.07
N LYS B 60 -13.24 4.85 4.08
CA LYS B 60 -11.90 4.35 4.33
C LYS B 60 -10.86 5.25 3.67
N MET B 61 -9.83 5.63 4.43
CA MET B 61 -8.79 6.49 3.88
C MET B 61 -8.08 5.81 2.72
N HIS B 62 -8.34 6.29 1.52
CA HIS B 62 -7.74 5.75 0.31
C HIS B 62 -6.99 6.84 -0.46
N PHE B 63 -5.73 6.58 -0.78
CA PHE B 63 -4.93 7.53 -1.55
C PHE B 63 -4.79 7.06 -2.98
N SER B 64 -5.19 7.90 -3.94
CA SER B 64 -5.11 7.51 -5.34
C SER B 64 -5.58 8.62 -6.27
N LEU B 65 -5.33 8.42 -7.56
CA LEU B 65 -5.73 9.36 -8.58
C LEU B 65 -6.61 8.65 -9.59
N LYS B 66 -7.24 9.43 -10.46
CA LYS B 66 -8.10 8.85 -11.47
C LYS B 66 -7.76 9.39 -12.86
N GLU B 67 -7.12 8.54 -13.65
CA GLU B 67 -6.73 8.92 -15.00
C GLU B 67 -7.95 9.25 -15.85
N GLU A 1 2.09 -15.25 18.60
CA GLU A 1 1.62 -14.22 19.56
C GLU A 1 1.97 -12.82 19.09
N ASP A 2 3.26 -12.54 18.99
CA ASP A 2 3.74 -11.23 18.57
C ASP A 2 3.26 -10.92 17.15
N ASP A 4 2.87 -8.09 15.26
CA ASP A 4 3.14 -6.69 14.99
C ASP A 4 3.07 -6.41 13.49
N GLU A 5 2.00 -6.87 12.85
CA GLU A 5 1.80 -6.67 11.43
C GLU A 5 1.13 -5.33 11.15
N ASP A 6 0.22 -4.95 12.03
CA ASP A 6 -0.53 -3.71 11.88
C ASP A 6 0.25 -2.53 12.45
N ASP A 7 1.17 -2.79 13.36
CA ASP A 7 1.97 -1.75 13.98
C ASP A 7 2.65 -0.88 12.94
N HIS A 8 3.41 -1.51 12.06
CA HIS A 8 4.13 -0.81 11.02
C HIS A 8 3.20 -0.42 9.88
N LEU A 9 2.06 -1.12 9.78
CA LEU A 9 1.08 -0.84 8.74
C LEU A 9 0.60 0.60 8.82
N ILE A 10 0.43 1.10 10.05
CA ILE A 10 -0.01 2.45 10.25
C ILE A 10 1.17 3.43 10.23
N TYR A 11 2.35 2.94 10.64
CA TYR A 11 3.55 3.77 10.67
C TYR A 11 3.99 4.14 9.27
N LEU A 12 3.90 3.18 8.36
CA LEU A 12 4.29 3.41 6.99
C LEU A 12 3.17 4.12 6.24
N GLU A 13 1.98 4.08 6.81
CA GLU A 13 0.83 4.72 6.20
C GLU A 13 1.05 6.24 6.15
N GLU A 14 1.75 6.76 7.13
CA GLU A 14 2.01 8.21 7.23
C GLU A 14 3.13 8.64 6.29
N ILE A 15 4.23 7.91 6.29
CA ILE A 15 5.37 8.25 5.43
C ILE A 15 4.92 8.44 3.99
N LEU A 16 3.82 7.78 3.64
CA LEU A 16 3.27 7.88 2.31
C LEU A 16 2.63 9.22 2.06
N VAL A 17 1.41 9.35 2.52
CA VAL A 17 0.63 10.54 2.33
C VAL A 17 -0.22 10.84 3.55
N ARG A 18 0.30 10.44 4.70
CA ARG A 18 -0.41 10.65 5.95
C ARG A 18 0.54 11.08 7.07
N VAL A 19 1.46 11.98 6.74
CA VAL A 19 2.42 12.48 7.71
C VAL A 19 1.73 13.13 8.90
N ASP B 1 6.89 -15.73 -9.14
CA ASP B 1 7.02 -14.97 -7.87
C ASP B 1 7.04 -13.47 -8.13
N VAL B 2 5.86 -12.86 -8.16
CA VAL B 2 5.75 -11.42 -8.40
C VAL B 2 6.48 -10.63 -7.31
N GLN B 3 6.89 -9.41 -7.64
CA GLN B 3 7.59 -8.56 -6.69
C GLN B 3 6.94 -7.18 -6.61
N VAL B 4 6.75 -6.69 -5.40
CA VAL B 4 6.14 -5.39 -5.18
C VAL B 4 6.97 -4.29 -5.84
N THR B 5 6.36 -3.60 -6.78
CA THR B 5 7.06 -2.54 -7.50
C THR B 5 6.25 -1.27 -7.58
N GLU B 6 6.90 -0.24 -8.08
CA GLU B 6 6.28 1.06 -8.25
C GLU B 6 5.23 1.00 -9.34
N ASP B 7 5.64 0.53 -10.50
CA ASP B 7 4.76 0.41 -11.66
C ASP B 7 3.53 -0.44 -11.36
N ALA B 8 3.68 -1.39 -10.44
CA ALA B 8 2.59 -2.28 -10.07
C ALA B 8 1.51 -1.54 -9.29
N VAL B 9 1.91 -0.58 -8.49
CA VAL B 9 0.96 0.18 -7.69
C VAL B 9 0.21 1.19 -8.54
N ARG B 10 0.92 1.80 -9.49
CA ARG B 10 0.31 2.78 -10.39
C ARG B 10 -0.93 2.18 -11.07
N ARG B 11 -0.77 0.94 -11.54
CA ARG B 11 -1.87 0.25 -12.20
C ARG B 11 -3.03 0.04 -11.24
N TYR B 12 -2.72 -0.08 -9.95
CA TYR B 12 -3.74 -0.26 -8.93
C TYR B 12 -4.57 1.01 -8.80
N LEU B 13 -3.88 2.14 -8.76
CA LEU B 13 -4.51 3.44 -8.63
C LEU B 13 -5.33 3.78 -9.87
N THR B 14 -4.67 3.84 -11.02
CA THR B 14 -5.32 4.15 -12.27
C THR B 14 -6.59 3.33 -12.43
N ARG B 15 -6.61 2.16 -11.81
CA ARG B 15 -7.76 1.27 -11.89
C ARG B 15 -8.76 1.59 -10.77
N LYS B 16 -8.24 1.87 -9.57
CA LYS B 16 -9.10 2.19 -8.43
C LYS B 16 -8.26 2.55 -7.21
N PRO B 17 -8.76 3.48 -6.36
CA PRO B 17 -8.05 3.94 -5.16
C PRO B 17 -7.85 2.83 -4.13
N MET B 18 -6.79 2.95 -3.34
CA MET B 18 -6.47 1.96 -2.31
C MET B 18 -5.80 2.58 -1.10
N THR B 19 -5.80 1.82 -0.01
CA THR B 19 -5.13 2.24 1.22
C THR B 19 -3.87 1.39 1.37
N THR B 20 -2.92 1.82 2.18
CA THR B 20 -1.69 1.04 2.36
C THR B 20 -2.01 -0.39 2.75
N LYS B 21 -2.91 -0.53 3.71
CA LYS B 21 -3.33 -1.84 4.18
C LYS B 21 -3.92 -2.64 3.03
N ASP B 22 -4.94 -2.08 2.40
CA ASP B 22 -5.61 -2.72 1.29
C ASP B 22 -4.65 -2.97 0.11
N LEU B 23 -3.61 -2.15 0.00
CA LEU B 23 -2.64 -2.30 -1.08
C LEU B 23 -1.68 -3.44 -0.82
N LEU B 24 -1.20 -3.51 0.42
CA LEU B 24 -0.25 -4.53 0.81
C LEU B 24 -0.93 -5.84 1.21
N LYS B 25 -2.12 -5.74 1.79
CA LYS B 25 -2.87 -6.92 2.22
C LYS B 25 -2.97 -7.96 1.10
N LYS B 26 -3.05 -7.48 -0.14
CA LYS B 26 -3.15 -8.37 -1.29
C LYS B 26 -1.81 -9.02 -1.61
N PHE B 27 -0.73 -8.25 -1.54
CA PHE B 27 0.60 -8.76 -1.82
C PHE B 27 1.00 -9.83 -0.81
N GLN B 28 0.50 -9.68 0.41
CA GLN B 28 0.79 -10.63 1.48
C GLN B 28 0.29 -12.02 1.14
N THR B 29 1.21 -12.96 0.95
CA THR B 29 0.86 -14.34 0.62
C THR B 29 0.40 -14.46 -0.84
N LYS B 30 0.46 -13.36 -1.58
CA LYS B 30 0.05 -13.37 -2.98
C LYS B 30 0.96 -14.28 -3.81
N LYS B 31 2.26 -14.11 -3.66
CA LYS B 31 3.23 -14.93 -4.39
C LYS B 31 4.65 -14.44 -4.15
N THR B 32 4.81 -13.13 -3.93
CA THR B 32 6.11 -12.55 -3.67
C THR B 32 6.85 -13.30 -2.55
N GLY B 33 6.08 -14.02 -1.72
CA GLY B 33 6.68 -14.75 -0.63
C GLY B 33 7.29 -13.84 0.41
N LEU B 34 6.92 -12.57 0.35
CA LEU B 34 7.42 -11.58 1.27
C LEU B 34 6.55 -11.50 2.53
N SER B 35 7.19 -11.59 3.69
CA SER B 35 6.49 -11.53 4.97
C SER B 35 5.46 -10.40 4.99
N SER B 36 4.39 -10.61 5.75
CA SER B 36 3.35 -9.59 5.87
C SER B 36 3.94 -8.29 6.40
N GLU B 37 5.07 -8.40 7.09
CA GLU B 37 5.76 -7.25 7.64
C GLU B 37 6.69 -6.63 6.61
N GLN B 38 7.58 -7.46 6.09
CA GLN B 38 8.53 -7.01 5.09
C GLN B 38 7.80 -6.48 3.86
N THR B 39 6.73 -7.17 3.47
CA THR B 39 5.93 -6.75 2.32
C THR B 39 5.57 -5.28 2.48
N VAL B 40 5.39 -4.86 3.72
CA VAL B 40 5.06 -3.47 4.03
C VAL B 40 6.30 -2.61 3.93
N ASN B 41 7.41 -3.14 4.46
CA ASN B 41 8.69 -2.46 4.43
C ASN B 41 9.09 -2.13 2.99
N VAL B 42 8.58 -2.93 2.05
CA VAL B 42 8.86 -2.73 0.64
C VAL B 42 7.72 -2.01 -0.07
N LEU B 43 6.56 -1.96 0.57
CA LEU B 43 5.41 -1.30 -0.02
C LEU B 43 5.37 0.17 0.40
N ALA B 44 5.84 0.44 1.60
CA ALA B 44 5.87 1.81 2.12
C ALA B 44 6.70 2.72 1.22
N GLN B 45 7.81 2.18 0.73
CA GLN B 45 8.70 2.93 -0.14
C GLN B 45 8.05 3.26 -1.48
N ILE B 46 7.31 2.29 -2.02
CA ILE B 46 6.65 2.47 -3.31
C ILE B 46 5.36 3.29 -3.21
N LEU B 47 4.66 3.17 -2.08
CA LEU B 47 3.40 3.88 -1.90
C LEU B 47 3.52 5.38 -2.23
N LYS B 48 4.52 6.04 -1.69
CA LYS B 48 4.71 7.48 -1.90
C LYS B 48 5.06 7.82 -3.35
N ARG B 49 5.72 6.89 -4.05
CA ARG B 49 6.09 7.13 -5.44
C ARG B 49 4.85 7.42 -6.28
N LEU B 50 3.70 7.00 -5.79
CA LEU B 50 2.43 7.19 -6.47
C LEU B 50 2.12 8.67 -6.68
N ASN B 51 2.27 9.44 -5.62
CA ASN B 51 1.99 10.86 -5.68
C ASN B 51 0.56 11.08 -6.15
N PRO B 52 -0.42 10.53 -5.42
CA PRO B 52 -1.83 10.63 -5.72
C PRO B 52 -2.50 11.68 -4.87
N GLU B 53 -3.82 11.56 -4.74
CA GLU B 53 -4.58 12.49 -3.94
C GLU B 53 -5.32 11.72 -2.85
N ARG B 54 -5.37 12.30 -1.66
CA ARG B 54 -6.03 11.64 -0.54
C ARG B 54 -7.54 11.80 -0.61
N LYS B 55 -8.24 10.70 -0.39
CA LYS B 55 -9.69 10.69 -0.43
C LYS B 55 -10.21 9.52 0.40
N MET B 56 -11.47 9.58 0.81
CA MET B 56 -12.05 8.51 1.61
C MET B 56 -12.99 7.65 0.79
N ILE B 57 -12.57 6.42 0.53
CA ILE B 57 -13.38 5.48 -0.24
C ILE B 57 -14.25 4.65 0.71
N ASN B 58 -15.56 4.89 0.66
CA ASN B 58 -16.49 4.17 1.52
C ASN B 58 -16.16 4.41 2.99
N ASP B 59 -15.87 5.66 3.34
CA ASP B 59 -15.53 6.02 4.71
C ASP B 59 -14.13 5.52 5.09
N LYS B 60 -13.36 5.08 4.10
CA LYS B 60 -12.01 4.58 4.36
C LYS B 60 -10.98 5.47 3.67
N MET B 61 -9.94 5.82 4.41
CA MET B 61 -8.88 6.66 3.85
C MET B 61 -8.15 5.94 2.72
N HIS B 62 -8.38 6.40 1.50
CA HIS B 62 -7.77 5.82 0.32
C HIS B 62 -6.98 6.86 -0.46
N PHE B 63 -5.70 6.59 -0.70
CA PHE B 63 -4.86 7.50 -1.46
C PHE B 63 -4.62 6.92 -2.85
N SER B 64 -4.96 7.70 -3.88
CA SER B 64 -4.79 7.21 -5.25
C SER B 64 -5.21 8.25 -6.28
N LEU B 65 -4.88 7.98 -7.55
CA LEU B 65 -5.21 8.85 -8.65
C LEU B 65 -6.12 8.12 -9.62
N LYS B 66 -6.69 8.85 -10.57
CA LYS B 66 -7.56 8.23 -11.55
C LYS B 66 -7.34 8.80 -12.94
N GLU B 67 -6.69 8.03 -13.80
CA GLU B 67 -6.40 8.44 -15.15
C GLU B 67 -7.21 7.64 -16.16
N GLU A 1 4.73 -13.58 20.59
CA GLU A 1 6.02 -12.85 20.66
C GLU A 1 5.90 -11.46 20.05
N ASP A 2 7.04 -10.81 19.81
CA ASP A 2 7.05 -9.48 19.23
C ASP A 2 6.45 -9.48 17.84
N ASP A 4 5.19 -7.25 15.60
CA ASP A 4 5.04 -5.88 15.15
C ASP A 4 4.72 -5.85 13.66
N GLU A 5 3.73 -6.65 13.24
CA GLU A 5 3.33 -6.72 11.85
C GLU A 5 2.27 -5.66 11.51
N ASP A 6 1.21 -5.62 12.31
CA ASP A 6 0.11 -4.70 12.08
C ASP A 6 0.34 -3.31 12.68
N ASP A 7 1.03 -3.26 13.81
CA ASP A 7 1.28 -1.99 14.48
C ASP A 7 2.00 -1.00 13.59
N HIS A 8 2.96 -1.47 12.81
CA HIS A 8 3.73 -0.62 11.94
C HIS A 8 2.97 -0.30 10.65
N LEU A 9 1.99 -1.14 10.31
CA LEU A 9 1.19 -0.93 9.10
C LEU A 9 0.70 0.51 9.02
N ILE A 10 0.51 1.13 10.17
CA ILE A 10 0.06 2.51 10.22
C ILE A 10 1.24 3.46 10.13
N TYR A 11 2.40 3.02 10.62
CA TYR A 11 3.61 3.84 10.60
C TYR A 11 4.02 4.19 9.18
N LEU A 12 3.94 3.22 8.29
CA LEU A 12 4.31 3.43 6.90
C LEU A 12 3.17 4.16 6.17
N GLU A 13 1.99 4.12 6.77
CA GLU A 13 0.83 4.77 6.19
C GLU A 13 1.04 6.29 6.11
N GLU A 14 1.76 6.82 7.10
CA GLU A 14 2.02 8.26 7.16
C GLU A 14 3.12 8.69 6.21
N ILE A 15 4.24 7.97 6.21
CA ILE A 15 5.36 8.30 5.33
C ILE A 15 4.89 8.51 3.90
N LEU A 16 3.80 7.86 3.55
CA LEU A 16 3.23 7.97 2.22
C LEU A 16 2.59 9.31 1.99
N VAL A 17 1.36 9.43 2.46
CA VAL A 17 0.58 10.62 2.29
C VAL A 17 -0.25 10.91 3.52
N ARG A 18 0.27 10.50 4.67
CA ARG A 18 -0.42 10.70 5.92
C ARG A 18 0.54 11.12 7.03
N VAL A 19 1.50 11.97 6.68
CA VAL A 19 2.49 12.45 7.64
C VAL A 19 2.14 13.85 8.13
N ASP B 1 -0.93 -10.26 -5.94
CA ASP B 1 0.09 -11.07 -5.22
C ASP B 1 1.28 -11.39 -6.11
N VAL B 2 2.15 -10.41 -6.30
CA VAL B 2 3.33 -10.58 -7.13
C VAL B 2 4.44 -9.61 -6.72
N GLN B 3 5.48 -9.50 -7.54
CA GLN B 3 6.58 -8.61 -7.25
C GLN B 3 6.08 -7.20 -6.97
N VAL B 4 6.39 -6.70 -5.78
CA VAL B 4 5.95 -5.37 -5.38
C VAL B 4 6.83 -4.30 -6.02
N THR B 5 6.25 -3.57 -6.96
CA THR B 5 6.98 -2.53 -7.65
C THR B 5 6.21 -1.24 -7.71
N GLU B 6 6.91 -0.20 -8.11
CA GLU B 6 6.34 1.12 -8.24
C GLU B 6 5.25 1.12 -9.30
N ASP B 7 5.62 0.63 -10.48
CA ASP B 7 4.70 0.56 -11.61
C ASP B 7 3.47 -0.32 -11.32
N ALA B 8 3.65 -1.29 -10.44
CA ALA B 8 2.57 -2.20 -10.09
C ALA B 8 1.47 -1.47 -9.31
N VAL B 9 1.87 -0.55 -8.44
CA VAL B 9 0.91 0.18 -7.66
C VAL B 9 0.17 1.19 -8.52
N ARG B 10 0.84 1.72 -9.52
CA ARG B 10 0.24 2.69 -10.43
C ARG B 10 -1.01 2.07 -11.08
N ARG B 11 -0.83 0.86 -11.59
CA ARG B 11 -1.93 0.14 -12.23
C ARG B 11 -3.08 -0.08 -11.24
N TYR B 12 -2.76 -0.08 -9.96
CA TYR B 12 -3.78 -0.24 -8.92
C TYR B 12 -4.61 1.03 -8.82
N LEU B 13 -3.91 2.16 -8.77
CA LEU B 13 -4.55 3.46 -8.66
C LEU B 13 -5.36 3.78 -9.91
N THR B 14 -4.70 3.78 -11.06
CA THR B 14 -5.37 4.07 -12.32
C THR B 14 -6.65 3.26 -12.44
N ARG B 15 -6.67 2.11 -11.78
CA ARG B 15 -7.82 1.24 -11.81
C ARG B 15 -8.80 1.60 -10.70
N LYS B 16 -8.26 2.08 -9.57
CA LYS B 16 -9.05 2.47 -8.41
C LYS B 16 -8.16 2.72 -7.19
N PRO B 17 -8.61 3.58 -6.27
CA PRO B 17 -7.84 3.91 -5.06
C PRO B 17 -7.63 2.73 -4.12
N MET B 18 -6.71 2.90 -3.19
CA MET B 18 -6.38 1.85 -2.21
C MET B 18 -5.69 2.42 -1.00
N THR B 19 -5.85 1.74 0.13
CA THR B 19 -5.19 2.14 1.37
C THR B 19 -3.91 1.33 1.51
N THR B 20 -2.93 1.83 2.25
CA THR B 20 -1.68 1.09 2.42
C THR B 20 -1.95 -0.34 2.85
N LYS B 21 -2.83 -0.49 3.82
CA LYS B 21 -3.19 -1.81 4.32
C LYS B 21 -3.78 -2.66 3.18
N ASP B 22 -4.78 -2.11 2.52
CA ASP B 22 -5.44 -2.79 1.41
C ASP B 22 -4.46 -3.07 0.27
N LEU B 23 -3.51 -2.17 0.06
CA LEU B 23 -2.52 -2.32 -1.01
C LEU B 23 -1.55 -3.45 -0.71
N LEU B 24 -1.11 -3.52 0.54
CA LEU B 24 -0.16 -4.56 0.96
C LEU B 24 -0.86 -5.86 1.32
N LYS B 25 -2.06 -5.77 1.89
CA LYS B 25 -2.81 -6.95 2.29
C LYS B 25 -2.89 -7.97 1.16
N LYS B 26 -2.89 -7.50 -0.07
CA LYS B 26 -2.95 -8.37 -1.23
C LYS B 26 -1.57 -8.94 -1.57
N PHE B 27 -0.52 -8.15 -1.34
CA PHE B 27 0.83 -8.58 -1.61
C PHE B 27 1.34 -9.57 -0.56
N GLN B 28 0.46 -10.00 0.34
CA GLN B 28 0.84 -10.94 1.40
C GLN B 28 1.65 -12.11 0.84
N THR B 29 2.19 -12.92 1.74
CA THR B 29 3.01 -14.07 1.35
C THR B 29 2.19 -15.13 0.62
N LYS B 30 0.87 -14.92 0.52
CA LYS B 30 -0.01 -15.87 -0.15
C LYS B 30 0.60 -16.36 -1.47
N LYS B 31 1.39 -15.51 -2.11
CA LYS B 31 2.03 -15.87 -3.38
C LYS B 31 3.40 -15.25 -3.51
N THR B 32 3.50 -13.96 -3.18
CA THR B 32 4.77 -13.26 -3.25
C THR B 32 5.83 -13.91 -2.37
N GLY B 33 5.39 -14.80 -1.48
CA GLY B 33 6.34 -15.43 -0.57
C GLY B 33 7.03 -14.40 0.28
N LEU B 34 6.39 -13.24 0.38
CA LEU B 34 6.92 -12.13 1.15
C LEU B 34 6.09 -11.87 2.39
N SER B 35 6.72 -11.98 3.55
CA SER B 35 6.06 -11.74 4.83
C SER B 35 5.11 -10.55 4.76
N SER B 36 3.99 -10.65 5.47
CA SER B 36 3.02 -9.56 5.51
C SER B 36 3.67 -8.31 6.08
N GLU B 37 4.75 -8.51 6.83
CA GLU B 37 5.48 -7.41 7.44
C GLU B 37 6.45 -6.79 6.44
N GLN B 38 7.27 -7.64 5.85
CA GLN B 38 8.26 -7.19 4.88
C GLN B 38 7.54 -6.61 3.66
N THR B 39 6.44 -7.23 3.27
CA THR B 39 5.65 -6.75 2.14
C THR B 39 5.34 -5.28 2.32
N VAL B 40 5.23 -4.86 3.59
CA VAL B 40 4.96 -3.48 3.93
C VAL B 40 6.23 -2.65 3.82
N ASN B 41 7.33 -3.22 4.32
CA ASN B 41 8.62 -2.57 4.28
C ASN B 41 9.02 -2.22 2.85
N VAL B 42 8.47 -2.99 1.90
CA VAL B 42 8.74 -2.77 0.49
C VAL B 42 7.61 -2.02 -0.19
N LEU B 43 6.46 -1.93 0.47
CA LEU B 43 5.32 -1.24 -0.08
C LEU B 43 5.35 0.24 0.30
N ALA B 44 5.80 0.51 1.52
CA ALA B 44 5.89 1.88 2.01
C ALA B 44 6.73 2.75 1.09
N GLN B 45 7.81 2.18 0.57
CA GLN B 45 8.72 2.91 -0.31
C GLN B 45 8.04 3.30 -1.63
N ILE B 46 7.24 2.40 -2.18
CA ILE B 46 6.56 2.64 -3.44
C ILE B 46 5.37 3.60 -3.29
N LEU B 47 4.55 3.36 -2.27
CA LEU B 47 3.35 4.15 -2.02
C LEU B 47 3.55 5.64 -2.35
N LYS B 48 4.51 6.27 -1.68
CA LYS B 48 4.77 7.70 -1.89
C LYS B 48 5.15 7.99 -3.34
N ARG B 49 5.77 7.02 -3.99
CA ARG B 49 6.19 7.18 -5.37
C ARG B 49 4.98 7.44 -6.27
N LEU B 50 3.82 7.00 -5.81
CA LEU B 50 2.58 7.17 -6.57
C LEU B 50 2.25 8.65 -6.78
N ASN B 51 2.35 9.42 -5.73
CA ASN B 51 2.05 10.84 -5.79
C ASN B 51 0.63 11.06 -6.26
N PRO B 52 -0.35 10.50 -5.52
CA PRO B 52 -1.76 10.61 -5.83
C PRO B 52 -2.44 11.65 -4.97
N GLU B 53 -3.76 11.55 -4.87
CA GLU B 53 -4.53 12.47 -4.06
C GLU B 53 -5.29 11.69 -3.00
N ARG B 54 -5.34 12.23 -1.79
CA ARG B 54 -6.02 11.55 -0.70
C ARG B 54 -7.52 11.72 -0.77
N LYS B 55 -8.22 10.61 -0.64
CA LYS B 55 -9.68 10.58 -0.67
C LYS B 55 -10.18 9.46 0.23
N MET B 56 -11.44 9.53 0.64
CA MET B 56 -12.01 8.49 1.49
C MET B 56 -12.95 7.59 0.71
N ILE B 57 -12.51 6.35 0.47
CA ILE B 57 -13.31 5.37 -0.24
C ILE B 57 -14.17 4.57 0.73
N ASN B 58 -15.48 4.80 0.69
CA ASN B 58 -16.40 4.10 1.58
C ASN B 58 -16.07 4.39 3.03
N ASP B 59 -15.76 5.65 3.32
CA ASP B 59 -15.42 6.07 4.68
C ASP B 59 -14.03 5.58 5.09
N LYS B 60 -13.26 5.13 4.10
CA LYS B 60 -11.91 4.65 4.35
C LYS B 60 -10.87 5.52 3.67
N MET B 61 -9.84 5.92 4.41
CA MET B 61 -8.78 6.76 3.85
C MET B 61 -8.05 6.03 2.73
N HIS B 62 -8.30 6.48 1.50
CA HIS B 62 -7.68 5.90 0.33
C HIS B 62 -6.90 6.94 -0.46
N PHE B 63 -5.64 6.66 -0.75
CA PHE B 63 -4.80 7.56 -1.52
C PHE B 63 -4.59 7.00 -2.93
N SER B 64 -4.94 7.78 -3.95
CA SER B 64 -4.81 7.31 -5.32
C SER B 64 -5.20 8.38 -6.35
N LEU B 65 -4.89 8.09 -7.61
CA LEU B 65 -5.23 8.97 -8.71
C LEU B 65 -6.18 8.25 -9.65
N LYS B 66 -6.76 8.98 -10.60
CA LYS B 66 -7.69 8.37 -11.53
C LYS B 66 -7.45 8.88 -12.95
N GLU B 67 -6.86 8.03 -13.78
CA GLU B 67 -6.58 8.38 -15.16
C GLU B 67 -7.84 8.21 -16.03
N GLU A 1 -0.02 -14.71 20.98
CA GLU A 1 0.88 -14.36 19.86
C GLU A 1 0.81 -12.86 19.54
N ASP A 2 1.85 -12.14 19.94
CA ASP A 2 1.91 -10.70 19.69
C ASP A 2 1.89 -10.40 18.19
N ASP A 4 2.04 -8.15 16.02
CA ASP A 4 2.40 -6.78 15.76
C ASP A 4 2.66 -6.55 14.28
N GLU A 5 1.73 -7.01 13.44
CA GLU A 5 1.83 -6.85 12.01
C GLU A 5 1.24 -5.52 11.57
N ASP A 6 0.23 -5.08 12.32
CA ASP A 6 -0.47 -3.84 12.02
C ASP A 6 0.24 -2.62 12.59
N ASP A 7 1.05 -2.83 13.61
CA ASP A 7 1.78 -1.73 14.27
C ASP A 7 2.50 -0.86 13.25
N HIS A 8 3.26 -1.48 12.38
CA HIS A 8 4.02 -0.76 11.36
C HIS A 8 3.13 -0.40 10.17
N LEU A 9 2.04 -1.14 9.99
CA LEU A 9 1.11 -0.89 8.90
C LEU A 9 0.62 0.55 8.92
N ILE A 10 0.42 1.09 10.11
CA ILE A 10 -0.04 2.46 10.26
C ILE A 10 1.13 3.44 10.21
N TYR A 11 2.30 2.98 10.66
CA TYR A 11 3.50 3.82 10.68
C TYR A 11 3.98 4.14 9.27
N LEU A 12 3.96 3.15 8.40
CA LEU A 12 4.39 3.36 7.03
C LEU A 12 3.32 4.11 6.26
N GLU A 13 2.10 4.03 6.75
CA GLU A 13 0.98 4.72 6.11
C GLU A 13 1.19 6.22 6.13
N GLU A 14 1.87 6.70 7.17
CA GLU A 14 2.13 8.13 7.34
C GLU A 14 3.24 8.63 6.43
N ILE A 15 4.26 7.81 6.23
CA ILE A 15 5.38 8.19 5.37
C ILE A 15 4.92 8.45 3.95
N LEU A 16 3.83 7.81 3.58
CA LEU A 16 3.27 7.94 2.25
C LEU A 16 2.60 9.28 2.04
N VAL A 17 1.38 9.36 2.52
CA VAL A 17 0.58 10.55 2.37
C VAL A 17 -0.24 10.80 3.62
N ARG A 18 0.30 10.38 4.75
CA ARG A 18 -0.37 10.56 6.02
C ARG A 18 0.59 11.02 7.11
N VAL A 19 1.52 11.90 6.74
CA VAL A 19 2.50 12.42 7.67
C VAL A 19 1.85 13.34 8.70
N ASP B 1 3.36 -15.86 -9.41
CA ASP B 1 4.35 -15.04 -8.68
C ASP B 1 4.20 -13.56 -8.99
N VAL B 2 4.76 -12.71 -8.13
CA VAL B 2 4.68 -11.27 -8.32
C VAL B 2 5.59 -10.54 -7.35
N GLN B 3 5.94 -9.29 -7.68
CA GLN B 3 6.81 -8.49 -6.84
C GLN B 3 6.26 -7.07 -6.66
N VAL B 4 6.37 -6.55 -5.45
CA VAL B 4 5.88 -5.20 -5.15
C VAL B 4 6.76 -4.15 -5.81
N THR B 5 6.19 -3.48 -6.81
CA THR B 5 6.94 -2.46 -7.51
C THR B 5 6.15 -1.17 -7.66
N GLU B 6 6.86 -0.14 -8.07
CA GLU B 6 6.28 1.16 -8.28
C GLU B 6 5.25 1.11 -9.39
N ASP B 7 5.69 0.59 -10.54
CA ASP B 7 4.83 0.48 -11.71
C ASP B 7 3.58 -0.36 -11.42
N ALA B 8 3.71 -1.29 -10.48
CA ALA B 8 2.60 -2.17 -10.12
C ALA B 8 1.53 -1.43 -9.34
N VAL B 9 1.94 -0.48 -8.52
CA VAL B 9 0.99 0.28 -7.72
C VAL B 9 0.24 1.31 -8.56
N ARG B 10 0.94 1.91 -9.52
CA ARG B 10 0.33 2.90 -10.40
C ARG B 10 -0.91 2.30 -11.06
N ARG B 11 -0.77 1.08 -11.56
CA ARG B 11 -1.87 0.39 -12.22
C ARG B 11 -3.04 0.17 -11.26
N TYR B 12 -2.73 0.04 -9.97
CA TYR B 12 -3.75 -0.15 -8.96
C TYR B 12 -4.60 1.11 -8.81
N LEU B 13 -3.91 2.25 -8.78
CA LEU B 13 -4.57 3.53 -8.64
C LEU B 13 -5.40 3.87 -9.87
N THR B 14 -4.75 3.93 -11.03
CA THR B 14 -5.43 4.24 -12.27
C THR B 14 -6.67 3.36 -12.44
N ARG B 15 -6.64 2.20 -11.80
CA ARG B 15 -7.75 1.27 -11.87
C ARG B 15 -8.75 1.52 -10.73
N LYS B 16 -8.22 1.69 -9.52
CA LYS B 16 -9.06 1.93 -8.35
C LYS B 16 -8.20 2.29 -7.14
N PRO B 17 -8.55 3.37 -6.41
CA PRO B 17 -7.79 3.80 -5.23
C PRO B 17 -7.60 2.68 -4.22
N MET B 18 -6.66 2.86 -3.30
CA MET B 18 -6.35 1.85 -2.30
C MET B 18 -5.68 2.44 -1.07
N THR B 19 -5.77 1.71 0.03
CA THR B 19 -5.12 2.12 1.28
C THR B 19 -3.86 1.28 1.44
N THR B 20 -2.88 1.77 2.18
CA THR B 20 -1.63 1.02 2.36
C THR B 20 -1.92 -0.40 2.81
N LYS B 21 -2.84 -0.53 3.76
CA LYS B 21 -3.22 -1.84 4.26
C LYS B 21 -3.79 -2.67 3.14
N ASP B 22 -4.86 -2.16 2.52
CA ASP B 22 -5.50 -2.86 1.41
C ASP B 22 -4.53 -3.11 0.27
N LEU B 23 -3.44 -2.36 0.22
CA LEU B 23 -2.45 -2.52 -0.84
C LEU B 23 -1.41 -3.58 -0.50
N LEU B 24 -0.98 -3.58 0.75
CA LEU B 24 0.01 -4.55 1.20
C LEU B 24 -0.63 -5.88 1.60
N LYS B 25 -1.68 -5.81 2.43
CA LYS B 25 -2.37 -7.01 2.87
C LYS B 25 -2.72 -7.91 1.69
N LYS B 26 -2.84 -7.34 0.51
CA LYS B 26 -3.16 -8.11 -0.68
C LYS B 26 -1.90 -8.78 -1.25
N PHE B 27 -0.80 -8.03 -1.30
CA PHE B 27 0.45 -8.55 -1.82
C PHE B 27 0.91 -9.76 -1.01
N GLN B 28 0.56 -9.75 0.27
CA GLN B 28 0.94 -10.82 1.18
C GLN B 28 0.05 -12.04 0.99
N THR B 29 0.67 -13.20 0.82
CA THR B 29 -0.06 -14.45 0.63
C THR B 29 0.90 -15.63 0.55
N LYS B 30 1.53 -15.80 -0.61
CA LYS B 30 2.46 -16.89 -0.83
C LYS B 30 3.10 -16.83 -2.22
N LYS B 31 3.11 -15.65 -2.83
CA LYS B 31 3.68 -15.50 -4.16
C LYS B 31 4.99 -14.71 -4.12
N THR B 32 4.89 -13.42 -3.86
CA THR B 32 6.07 -12.57 -3.79
C THR B 32 7.10 -13.13 -2.81
N GLY B 33 6.69 -14.11 -2.01
CA GLY B 33 7.59 -14.69 -1.03
C GLY B 33 8.02 -13.64 -0.03
N LEU B 34 7.22 -12.58 0.06
CA LEU B 34 7.50 -11.48 0.95
C LEU B 34 6.62 -11.54 2.20
N SER B 35 7.26 -11.55 3.36
CA SER B 35 6.56 -11.61 4.64
C SER B 35 5.42 -10.58 4.69
N SER B 36 4.43 -10.87 5.52
CA SER B 36 3.29 -9.96 5.68
C SER B 36 3.76 -8.60 6.19
N GLU B 37 4.88 -8.61 6.90
CA GLU B 37 5.45 -7.38 7.45
C GLU B 37 6.42 -6.75 6.45
N GLN B 38 7.24 -7.60 5.85
CA GLN B 38 8.21 -7.15 4.86
C GLN B 38 7.50 -6.59 3.64
N THR B 39 6.43 -7.26 3.22
CA THR B 39 5.65 -6.81 2.08
C THR B 39 5.30 -5.34 2.25
N VAL B 40 5.18 -4.92 3.50
CA VAL B 40 4.87 -3.54 3.84
C VAL B 40 6.14 -2.69 3.81
N ASN B 41 7.21 -3.27 4.33
CA ASN B 41 8.51 -2.61 4.38
C ASN B 41 8.96 -2.25 2.97
N VAL B 42 8.51 -3.03 1.99
CA VAL B 42 8.85 -2.80 0.59
C VAL B 42 7.71 -2.11 -0.16
N LEU B 43 6.56 -2.01 0.48
CA LEU B 43 5.40 -1.37 -0.15
C LEU B 43 5.33 0.11 0.20
N ALA B 44 5.62 0.42 1.46
CA ALA B 44 5.60 1.80 1.93
C ALA B 44 6.44 2.71 1.05
N GLN B 45 7.64 2.24 0.72
CA GLN B 45 8.57 2.98 -0.10
C GLN B 45 7.98 3.32 -1.47
N ILE B 46 7.19 2.40 -2.01
CA ILE B 46 6.59 2.59 -3.33
C ILE B 46 5.32 3.44 -3.28
N LEU B 47 4.57 3.36 -2.20
CA LEU B 47 3.31 4.10 -2.08
C LEU B 47 3.50 5.59 -2.40
N LYS B 48 4.51 6.21 -1.80
CA LYS B 48 4.77 7.63 -2.00
C LYS B 48 5.08 7.96 -3.46
N ARG B 49 5.72 7.02 -4.15
CA ARG B 49 6.07 7.22 -5.55
C ARG B 49 4.81 7.51 -6.38
N LEU B 50 3.67 7.07 -5.87
CA LEU B 50 2.40 7.27 -6.55
C LEU B 50 2.10 8.74 -6.77
N ASN B 51 2.27 9.53 -5.71
CA ASN B 51 1.99 10.95 -5.77
C ASN B 51 0.55 11.17 -6.23
N PRO B 52 -0.41 10.60 -5.49
CA PRO B 52 -1.82 10.70 -5.80
C PRO B 52 -2.50 11.74 -4.92
N GLU B 53 -3.82 11.64 -4.83
CA GLU B 53 -4.59 12.54 -4.01
C GLU B 53 -5.31 11.77 -2.92
N ARG B 54 -5.37 12.34 -1.73
CA ARG B 54 -6.01 11.66 -0.62
C ARG B 54 -7.52 11.78 -0.69
N LYS B 55 -8.19 10.66 -0.49
CA LYS B 55 -9.65 10.60 -0.53
C LYS B 55 -10.14 9.41 0.29
N MET B 56 -11.39 9.43 0.69
CA MET B 56 -11.95 8.35 1.48
C MET B 56 -12.88 7.47 0.64
N ILE B 57 -12.43 6.24 0.37
CA ILE B 57 -13.22 5.29 -0.40
C ILE B 57 -14.10 4.46 0.54
N ASN B 58 -15.41 4.68 0.48
CA ASN B 58 -16.34 3.94 1.34
C ASN B 58 -16.02 4.18 2.82
N ASP B 59 -15.76 5.43 3.16
CA ASP B 59 -15.44 5.81 4.53
C ASP B 59 -14.04 5.32 4.94
N LYS B 60 -13.26 4.89 3.95
CA LYS B 60 -11.90 4.41 4.21
C LYS B 60 -10.86 5.31 3.54
N MET B 61 -9.84 5.69 4.29
CA MET B 61 -8.80 6.55 3.76
C MET B 61 -8.06 5.84 2.62
N HIS B 62 -8.29 6.32 1.40
CA HIS B 62 -7.67 5.74 0.21
C HIS B 62 -6.88 6.80 -0.56
N PHE B 63 -5.60 6.54 -0.80
CA PHE B 63 -4.78 7.47 -1.56
C PHE B 63 -4.56 6.92 -2.97
N SER B 64 -4.91 7.70 -3.99
CA SER B 64 -4.76 7.26 -5.37
C SER B 64 -5.19 8.33 -6.37
N LEU B 65 -4.87 8.08 -7.64
CA LEU B 65 -5.22 8.98 -8.72
C LEU B 65 -6.17 8.28 -9.67
N LYS B 66 -6.77 9.02 -10.58
CA LYS B 66 -7.68 8.43 -11.54
C LYS B 66 -7.42 8.94 -12.95
N GLU B 67 -6.84 8.08 -13.78
CA GLU B 67 -6.53 8.42 -15.15
C GLU B 67 -7.79 8.85 -15.91
N GLU A 1 3.40 -16.12 17.72
CA GLU A 1 4.40 -15.13 18.22
C GLU A 1 3.84 -13.72 18.15
N ASP A 2 4.67 -12.74 18.49
CA ASP A 2 4.27 -11.34 18.47
C ASP A 2 3.85 -10.91 17.06
N ASP A 4 3.36 -8.60 15.14
CA ASP A 4 3.56 -7.18 14.94
C ASP A 4 3.57 -6.84 13.45
N GLU A 5 2.55 -7.34 12.73
CA GLU A 5 2.43 -7.09 11.31
C GLU A 5 1.70 -5.79 11.06
N ASP A 6 0.65 -5.55 11.85
CA ASP A 6 -0.17 -4.36 11.72
C ASP A 6 0.45 -3.18 12.48
N ASP A 7 1.28 -3.50 13.48
CA ASP A 7 1.92 -2.47 14.28
C ASP A 7 2.60 -1.42 13.42
N HIS A 8 3.48 -1.87 12.55
CA HIS A 8 4.20 -0.98 11.66
C HIS A 8 3.35 -0.57 10.47
N LEU A 9 2.32 -1.36 10.17
CA LEU A 9 1.43 -1.08 9.06
C LEU A 9 0.87 0.34 9.15
N ILE A 10 0.74 0.85 10.37
CA ILE A 10 0.23 2.18 10.57
C ILE A 10 1.36 3.23 10.46
N TYR A 11 2.57 2.81 10.81
CA TYR A 11 3.74 3.69 10.75
C TYR A 11 4.06 4.12 9.32
N LEU A 12 4.07 3.17 8.42
CA LEU A 12 4.37 3.48 7.02
C LEU A 12 3.25 4.30 6.40
N GLU A 13 2.08 4.27 7.03
CA GLU A 13 0.94 5.01 6.52
C GLU A 13 1.23 6.51 6.52
N GLU A 14 2.05 6.94 7.47
CA GLU A 14 2.40 8.35 7.61
C GLU A 14 3.48 8.77 6.62
N ILE A 15 4.53 7.97 6.52
CA ILE A 15 5.63 8.27 5.60
C ILE A 15 5.13 8.47 4.18
N LEU A 16 4.00 7.84 3.87
CA LEU A 16 3.40 7.94 2.56
C LEU A 16 2.86 9.31 2.29
N VAL A 17 1.66 9.54 2.78
CA VAL A 17 0.97 10.78 2.57
C VAL A 17 0.21 11.19 3.83
N ARG A 18 0.75 10.79 4.96
CA ARG A 18 0.13 11.09 6.25
C ARG A 18 1.18 11.46 7.29
N VAL A 19 2.19 12.19 6.86
CA VAL A 19 3.26 12.61 7.76
C VAL A 19 2.72 13.45 8.91
N ASP B 1 3.95 -15.59 -6.86
CA ASP B 1 3.62 -14.67 -7.98
C ASP B 1 3.43 -13.24 -7.48
N VAL B 2 3.16 -12.33 -8.41
CA VAL B 2 2.95 -10.93 -8.05
C VAL B 2 4.18 -10.33 -7.38
N GLN B 3 4.31 -9.02 -7.49
CA GLN B 3 5.43 -8.30 -6.88
C GLN B 3 5.07 -6.84 -6.66
N VAL B 4 5.27 -6.36 -5.44
CA VAL B 4 4.96 -4.98 -5.11
C VAL B 4 6.00 -4.05 -5.70
N THR B 5 5.62 -3.36 -6.76
CA THR B 5 6.54 -2.45 -7.42
C THR B 5 5.91 -1.10 -7.69
N GLU B 6 6.78 -0.11 -7.84
CA GLU B 6 6.38 1.25 -8.12
C GLU B 6 5.38 1.30 -9.27
N ASP B 7 5.76 0.69 -10.37
CA ASP B 7 4.93 0.66 -11.58
C ASP B 7 3.62 -0.09 -11.36
N ALA B 8 3.66 -1.11 -10.50
CA ALA B 8 2.47 -1.91 -10.22
C ALA B 8 1.43 -1.13 -9.44
N VAL B 9 1.84 -0.61 -8.28
CA VAL B 9 0.91 0.16 -7.44
C VAL B 9 0.17 1.21 -8.26
N ARG B 10 0.79 1.65 -9.35
CA ARG B 10 0.16 2.64 -10.22
C ARG B 10 -1.13 2.07 -10.80
N ARG B 11 -1.03 0.86 -11.35
CA ARG B 11 -2.18 0.19 -11.93
C ARG B 11 -3.28 0.03 -10.89
N TYR B 12 -2.88 -0.10 -9.64
CA TYR B 12 -3.84 -0.23 -8.54
C TYR B 12 -4.67 1.04 -8.42
N LEU B 13 -3.97 2.17 -8.53
CA LEU B 13 -4.60 3.48 -8.44
C LEU B 13 -5.45 3.77 -9.67
N THR B 14 -4.80 3.75 -10.83
CA THR B 14 -5.49 4.01 -12.09
C THR B 14 -6.80 3.24 -12.17
N ARG B 15 -6.85 2.11 -11.47
CA ARG B 15 -8.04 1.28 -11.44
C ARG B 15 -8.96 1.67 -10.29
N LYS B 16 -8.41 1.76 -9.08
CA LYS B 16 -9.19 2.11 -7.91
C LYS B 16 -8.28 2.43 -6.73
N PRO B 17 -8.54 3.55 -6.01
CA PRO B 17 -7.73 3.96 -4.86
C PRO B 17 -7.67 2.90 -3.76
N MET B 18 -6.54 2.84 -3.10
CA MET B 18 -6.31 1.89 -2.02
C MET B 18 -5.80 2.58 -0.77
N THR B 19 -5.62 1.78 0.28
CA THR B 19 -5.08 2.26 1.54
C THR B 19 -3.74 1.57 1.75
N THR B 20 -2.85 2.16 2.55
CA THR B 20 -1.55 1.54 2.78
C THR B 20 -1.72 0.11 3.27
N LYS B 21 -2.69 -0.08 4.13
CA LYS B 21 -2.97 -1.41 4.63
C LYS B 21 -3.53 -2.26 3.51
N ASP B 22 -4.66 -1.82 2.97
CA ASP B 22 -5.31 -2.53 1.88
C ASP B 22 -4.37 -2.80 0.71
N LEU B 23 -3.31 -1.99 0.55
CA LEU B 23 -2.38 -2.19 -0.55
C LEU B 23 -1.56 -3.47 -0.36
N LEU B 24 -1.15 -3.71 0.87
CA LEU B 24 -0.34 -4.89 1.18
C LEU B 24 -1.20 -6.14 1.44
N LYS B 25 -2.45 -5.93 1.86
CA LYS B 25 -3.33 -7.05 2.15
C LYS B 25 -3.53 -7.96 0.95
N LYS B 26 -3.74 -7.39 -0.23
CA LYS B 26 -3.93 -8.20 -1.43
C LYS B 26 -2.60 -8.80 -1.88
N PHE B 27 -1.54 -7.98 -1.88
CA PHE B 27 -0.23 -8.46 -2.27
C PHE B 27 0.16 -9.59 -1.34
N GLN B 28 0.21 -9.24 -0.07
CA GLN B 28 0.54 -10.19 1.01
C GLN B 28 1.72 -11.09 0.64
N THR B 29 2.14 -11.91 1.62
CA THR B 29 3.25 -12.84 1.43
C THR B 29 2.80 -14.06 0.63
N LYS B 30 1.52 -14.40 0.75
CA LYS B 30 0.96 -15.56 0.06
C LYS B 30 1.18 -15.48 -1.45
N LYS B 31 1.42 -14.28 -1.97
CA LYS B 31 1.63 -14.11 -3.41
C LYS B 31 3.06 -13.71 -3.73
N THR B 32 3.39 -12.45 -3.48
CA THR B 32 4.73 -11.95 -3.76
C THR B 32 5.79 -12.70 -2.94
N GLY B 33 5.34 -13.61 -2.07
CA GLY B 33 6.28 -14.35 -1.25
C GLY B 33 7.02 -13.42 -0.31
N LEU B 34 6.44 -12.24 -0.09
CA LEU B 34 7.05 -11.25 0.77
C LEU B 34 6.36 -11.21 2.13
N SER B 35 7.14 -11.42 3.19
CA SER B 35 6.62 -11.42 4.56
C SER B 35 5.57 -10.34 4.77
N SER B 36 4.68 -10.57 5.73
CA SER B 36 3.64 -9.61 6.04
C SER B 36 4.26 -8.29 6.50
N GLU B 37 5.47 -8.38 7.04
CA GLU B 37 6.20 -7.21 7.51
C GLU B 37 7.02 -6.61 6.40
N GLN B 38 7.73 -7.48 5.68
CA GLN B 38 8.55 -7.05 4.56
C GLN B 38 7.69 -6.43 3.47
N THR B 39 6.53 -7.06 3.22
CA THR B 39 5.60 -6.56 2.22
C THR B 39 5.35 -5.07 2.46
N VAL B 40 5.43 -4.68 3.73
CA VAL B 40 5.23 -3.28 4.13
C VAL B 40 6.53 -2.51 3.94
N ASN B 41 7.64 -3.15 4.30
CA ASN B 41 8.96 -2.56 4.16
C ASN B 41 9.23 -2.24 2.69
N VAL B 42 8.66 -3.05 1.81
CA VAL B 42 8.82 -2.88 0.38
C VAL B 42 7.61 -2.16 -0.22
N LEU B 43 6.59 -1.92 0.59
CA LEU B 43 5.40 -1.25 0.14
C LEU B 43 5.47 0.24 0.47
N ALA B 44 5.95 0.54 1.67
CA ALA B 44 6.08 1.92 2.13
C ALA B 44 6.88 2.76 1.14
N GLN B 45 7.87 2.13 0.50
CA GLN B 45 8.72 2.83 -0.44
C GLN B 45 7.98 3.25 -1.71
N ILE B 46 7.14 2.36 -2.22
CA ILE B 46 6.38 2.64 -3.44
C ILE B 46 5.20 3.59 -3.18
N LEU B 47 4.44 3.30 -2.13
CA LEU B 47 3.25 4.10 -1.79
C LEU B 47 3.42 5.58 -2.14
N LYS B 48 4.37 6.24 -1.48
CA LYS B 48 4.61 7.67 -1.71
C LYS B 48 5.03 7.94 -3.15
N ARG B 49 5.70 6.99 -3.74
CA ARG B 49 6.16 7.11 -5.12
C ARG B 49 4.98 7.36 -6.07
N LEU B 50 3.80 6.95 -5.63
CA LEU B 50 2.59 7.11 -6.43
C LEU B 50 2.28 8.58 -6.69
N ASN B 51 2.33 9.38 -5.64
CA ASN B 51 2.04 10.79 -5.74
C ASN B 51 0.64 11.00 -6.33
N PRO B 52 -0.38 10.43 -5.66
CA PRO B 52 -1.76 10.52 -6.08
C PRO B 52 -2.52 11.56 -5.28
N GLU B 53 -3.83 11.43 -5.26
CA GLU B 53 -4.68 12.34 -4.53
C GLU B 53 -5.44 11.59 -3.45
N ARG B 54 -5.60 12.22 -2.29
CA ARG B 54 -6.29 11.57 -1.19
C ARG B 54 -7.80 11.64 -1.36
N LYS B 55 -8.44 10.52 -1.10
CA LYS B 55 -9.90 10.41 -1.22
C LYS B 55 -10.40 9.28 -0.32
N MET B 56 -11.68 9.35 0.05
CA MET B 56 -12.26 8.32 0.92
C MET B 56 -13.16 7.37 0.13
N ILE B 57 -12.68 6.14 -0.04
CA ILE B 57 -13.44 5.12 -0.75
C ILE B 57 -14.31 4.33 0.22
N ASN B 58 -15.62 4.51 0.13
CA ASN B 58 -16.54 3.81 1.02
C ASN B 58 -16.25 4.13 2.48
N ASP B 59 -15.94 5.41 2.75
CA ASP B 59 -15.63 5.86 4.10
C ASP B 59 -14.22 5.44 4.52
N LYS B 60 -13.42 4.98 3.57
CA LYS B 60 -12.05 4.55 3.86
C LYS B 60 -11.04 5.43 3.13
N MET B 61 -10.05 5.92 3.86
CA MET B 61 -9.03 6.78 3.27
C MET B 61 -8.20 6.01 2.26
N HIS B 62 -8.40 6.34 0.98
CA HIS B 62 -7.67 5.70 -0.11
C HIS B 62 -6.92 6.76 -0.92
N PHE B 63 -5.66 6.47 -1.25
CA PHE B 63 -4.84 7.39 -2.02
C PHE B 63 -4.57 6.85 -3.42
N SER B 64 -4.94 7.62 -4.45
CA SER B 64 -4.73 7.19 -5.82
C SER B 64 -5.09 8.27 -6.83
N LEU B 65 -4.72 8.01 -8.08
CA LEU B 65 -5.00 8.90 -9.19
C LEU B 65 -5.97 8.21 -10.13
N LYS B 66 -6.52 8.96 -11.08
CA LYS B 66 -7.44 8.36 -12.03
C LYS B 66 -7.10 8.76 -13.45
N GLU B 67 -6.56 7.80 -14.20
CA GLU B 67 -6.19 8.02 -15.58
C GLU B 67 -7.39 8.47 -16.41
#